data_2DIP
#
_entry.id   2DIP
#
loop_
_entity.id
_entity.type
_entity.pdbx_description
1 polymer 'Zinc finger SWIM domain-containing protein 2'
2 non-polymer 'ZINC ION'
#
_entity_poly.entity_id   1
_entity_poly.type   'polypeptide(L)'
_entity_poly.pdbx_seq_one_letter_code
;GSSGSSGLEEFKNSSKLVAAAEKERLDKHLGIPCNNCKQFPIEGKCYKCTECIEYHLCQECFDSYCHLSHTFTFREKRNQ
KWRSLEKRADEVSGPSSG
;
_entity_poly.pdbx_strand_id   A
#
loop_
_chem_comp.id
_chem_comp.type
_chem_comp.name
_chem_comp.formula
ZN non-polymer 'ZINC ION' 'Zn 2'
#
# COMPACT_ATOMS: atom_id res chain seq x y z
N GLY A 1 15.76 17.21 -7.65
CA GLY A 1 14.73 17.02 -8.66
C GLY A 1 14.25 15.58 -8.72
N SER A 2 13.79 15.16 -9.89
CA SER A 2 13.29 13.79 -10.07
C SER A 2 13.57 13.30 -11.48
N SER A 3 13.49 11.99 -11.68
CA SER A 3 13.74 11.38 -12.98
C SER A 3 12.52 11.52 -13.88
N GLY A 4 12.69 12.21 -15.01
CA GLY A 4 11.59 12.41 -15.93
C GLY A 4 11.85 11.76 -17.28
N SER A 5 11.36 10.53 -17.45
CA SER A 5 11.55 9.80 -18.69
C SER A 5 10.85 10.50 -19.85
N SER A 6 11.58 10.75 -20.93
CA SER A 6 11.04 11.43 -22.10
C SER A 6 9.89 10.61 -22.70
N GLY A 7 9.28 11.16 -23.75
CA GLY A 7 8.17 10.49 -24.39
C GLY A 7 7.74 11.17 -25.67
N LEU A 8 6.80 12.12 -25.55
CA LEU A 8 6.29 12.85 -26.70
C LEU A 8 5.53 11.92 -27.64
N GLU A 9 4.75 11.02 -27.06
CA GLU A 9 3.96 10.09 -27.85
C GLU A 9 3.00 9.31 -26.96
N GLU A 10 1.73 9.29 -27.36
CA GLU A 10 0.69 8.58 -26.59
C GLU A 10 0.12 7.42 -27.40
N PHE A 11 0.47 6.20 -27.00
CA PHE A 11 -0.02 5.01 -27.69
C PHE A 11 -0.22 3.86 -26.71
N LYS A 12 -0.72 2.74 -27.21
CA LYS A 12 -0.96 1.57 -26.38
C LYS A 12 -1.56 1.96 -25.03
N ASN A 13 -2.47 2.92 -25.06
CA ASN A 13 -3.12 3.40 -23.83
C ASN A 13 -4.05 2.34 -23.27
N SER A 14 -3.94 2.08 -21.97
CA SER A 14 -4.79 1.08 -21.31
C SER A 14 -6.26 1.40 -21.52
N SER A 15 -7.12 0.52 -21.01
CA SER A 15 -8.57 0.71 -21.14
C SER A 15 -9.29 0.10 -19.95
N LYS A 16 -10.45 0.68 -19.61
CA LYS A 16 -11.25 0.19 -18.50
C LYS A 16 -11.58 -1.29 -18.67
N LEU A 17 -10.90 -2.13 -17.89
CA LEU A 17 -11.12 -3.57 -17.94
C LEU A 17 -10.90 -4.21 -16.59
N VAL A 18 -11.61 -5.30 -16.32
CA VAL A 18 -11.49 -6.01 -15.06
C VAL A 18 -10.20 -6.84 -15.00
N ALA A 19 -9.40 -6.60 -13.98
CA ALA A 19 -8.14 -7.32 -13.82
C ALA A 19 -8.16 -8.18 -12.56
N ALA A 20 -7.53 -9.36 -12.64
CA ALA A 20 -7.48 -10.27 -11.51
C ALA A 20 -6.41 -9.86 -10.51
N ALA A 21 -6.55 -10.33 -9.27
CA ALA A 21 -5.59 -9.99 -8.23
C ALA A 21 -4.55 -11.10 -8.05
N GLU A 22 -3.36 -10.87 -8.60
CA GLU A 22 -2.28 -11.85 -8.52
C GLU A 22 -1.02 -11.23 -7.93
N LYS A 23 -0.22 -12.05 -7.25
CA LYS A 23 1.02 -11.58 -6.64
C LYS A 23 2.18 -11.64 -7.63
N GLU A 24 2.26 -10.64 -8.49
CA GLU A 24 3.32 -10.58 -9.50
C GLU A 24 3.26 -9.27 -10.28
N ARG A 25 4.41 -8.65 -10.47
CA ARG A 25 4.49 -7.39 -11.20
C ARG A 25 3.69 -7.46 -12.49
N LEU A 26 2.59 -6.72 -12.53
CA LEU A 26 1.72 -6.69 -13.72
C LEU A 26 1.84 -5.36 -14.46
N ASP A 27 2.09 -4.29 -13.70
CA ASP A 27 2.23 -2.96 -14.29
C ASP A 27 3.48 -2.26 -13.75
N LYS A 28 3.88 -1.20 -14.43
CA LYS A 28 5.06 -0.44 -14.02
C LYS A 28 4.73 0.54 -12.90
N HIS A 29 3.88 0.09 -11.97
CA HIS A 29 3.48 0.93 -10.85
C HIS A 29 3.93 0.32 -9.52
N LEU A 30 5.03 -0.42 -9.57
CA LEU A 30 5.58 -1.06 -8.38
C LEU A 30 6.11 -0.03 -7.39
N GLY A 31 6.79 0.98 -7.92
CA GLY A 31 7.34 2.03 -7.07
C GLY A 31 7.94 1.48 -5.79
N ILE A 32 7.22 1.66 -4.68
CA ILE A 32 7.69 1.18 -3.39
C ILE A 32 6.55 0.59 -2.57
N PRO A 33 6.82 -0.53 -1.89
CA PRO A 33 5.83 -1.21 -1.06
C PRO A 33 5.47 -0.42 0.19
N CYS A 34 4.36 -0.77 0.82
CA CYS A 34 3.90 -0.08 2.02
C CYS A 34 4.79 -0.44 3.21
N ASN A 35 4.88 0.46 4.17
CA ASN A 35 5.69 0.24 5.36
C ASN A 35 4.85 -0.30 6.51
N ASN A 36 3.53 -0.17 6.39
CA ASN A 36 2.61 -0.63 7.41
C ASN A 36 2.09 -2.03 7.08
N CYS A 37 1.20 -2.10 6.10
CA CYS A 37 0.63 -3.37 5.68
C CYS A 37 1.61 -4.16 4.80
N LYS A 38 2.52 -3.44 4.16
CA LYS A 38 3.52 -4.06 3.30
C LYS A 38 2.88 -4.61 2.03
N GLN A 39 1.90 -3.87 1.51
CA GLN A 39 1.21 -4.29 0.29
C GLN A 39 2.09 -4.10 -0.93
N PHE A 40 2.36 -5.20 -1.63
CA PHE A 40 3.21 -5.14 -2.83
C PHE A 40 2.76 -6.18 -3.85
N PRO A 41 2.47 -5.71 -5.08
CA PRO A 41 2.59 -4.30 -5.43
C PRO A 41 1.52 -3.44 -4.75
N ILE A 42 1.69 -2.13 -4.83
CA ILE A 42 0.74 -1.19 -4.22
C ILE A 42 -0.28 -0.71 -5.25
N GLU A 43 -1.26 -1.55 -5.55
CA GLU A 43 -2.30 -1.21 -6.52
C GLU A 43 -2.75 0.23 -6.33
N GLY A 44 -3.00 0.61 -5.07
CA GLY A 44 -3.45 1.96 -4.78
C GLY A 44 -2.36 2.98 -5.00
N LYS A 45 -2.68 4.25 -4.75
CA LYS A 45 -1.72 5.33 -4.92
C LYS A 45 -0.43 5.04 -4.14
N CYS A 46 0.57 5.90 -4.33
CA CYS A 46 1.84 5.74 -3.65
C CYS A 46 2.16 6.96 -2.80
N TYR A 47 2.22 6.76 -1.48
CA TYR A 47 2.52 7.85 -0.55
C TYR A 47 3.84 7.61 0.17
N LYS A 48 4.47 8.69 0.62
CA LYS A 48 5.74 8.60 1.33
C LYS A 48 5.88 9.74 2.33
N CYS A 49 6.56 9.46 3.44
CA CYS A 49 6.77 10.46 4.49
C CYS A 49 8.03 11.29 4.21
N THR A 50 7.86 12.60 4.15
CA THR A 50 8.98 13.50 3.89
C THR A 50 9.66 13.91 5.19
N GLU A 51 9.38 13.19 6.26
CA GLU A 51 9.96 13.47 7.57
C GLU A 51 10.70 12.25 8.11
N CYS A 52 10.26 11.07 7.71
CA CYS A 52 10.88 9.82 8.15
C CYS A 52 11.91 9.34 7.14
N ILE A 53 12.47 8.16 7.39
CA ILE A 53 13.47 7.58 6.50
C ILE A 53 12.98 6.25 5.93
N GLU A 54 13.08 6.11 4.61
CA GLU A 54 12.65 4.89 3.93
C GLU A 54 11.25 4.48 4.39
N TYR A 55 10.32 5.43 4.33
CA TYR A 55 8.94 5.17 4.74
C TYR A 55 7.97 5.46 3.59
N HIS A 56 7.10 4.49 3.32
CA HIS A 56 6.12 4.64 2.25
C HIS A 56 4.80 3.96 2.63
N LEU A 57 3.68 4.59 2.26
CA LEU A 57 2.36 4.06 2.56
C LEU A 57 1.56 3.85 1.28
N CYS A 58 0.38 3.25 1.42
CA CYS A 58 -0.48 3.00 0.28
C CYS A 58 -1.84 3.68 0.45
N GLN A 59 -2.54 3.89 -0.66
CA GLN A 59 -3.84 4.53 -0.63
C GLN A 59 -4.70 3.96 0.49
N GLU A 60 -4.61 2.65 0.70
CA GLU A 60 -5.38 1.99 1.74
C GLU A 60 -5.02 2.52 3.12
N CYS A 61 -3.79 2.25 3.55
CA CYS A 61 -3.32 2.71 4.85
C CYS A 61 -3.52 4.21 5.00
N PHE A 62 -3.43 4.93 3.88
CA PHE A 62 -3.60 6.39 3.89
C PHE A 62 -5.02 6.77 4.28
N ASP A 63 -5.97 5.94 3.88
CA ASP A 63 -7.38 6.19 4.19
C ASP A 63 -7.60 6.31 5.69
N SER A 64 -6.68 5.72 6.46
CA SER A 64 -6.78 5.76 7.92
C SER A 64 -6.17 7.04 8.47
N TYR A 65 -5.38 7.72 7.65
CA TYR A 65 -4.74 8.97 8.04
C TYR A 65 -3.98 8.79 9.35
N CYS A 66 -3.31 7.65 9.50
CA CYS A 66 -2.54 7.36 10.70
C CYS A 66 -1.22 8.12 10.71
N HIS A 67 -0.40 7.88 9.70
CA HIS A 67 0.90 8.56 9.59
C HIS A 67 0.73 9.97 9.06
N LEU A 68 -0.46 10.27 8.55
CA LEU A 68 -0.75 11.60 8.02
C LEU A 68 -0.19 12.69 8.93
N SER A 69 0.01 12.35 10.19
CA SER A 69 0.55 13.30 11.16
C SER A 69 1.76 14.03 10.59
N HIS A 70 2.53 13.33 9.77
CA HIS A 70 3.72 13.90 9.15
C HIS A 70 3.42 14.41 7.74
N THR A 71 4.39 15.10 7.15
CA THR A 71 4.22 15.63 5.80
C THR A 71 4.41 14.55 4.75
N PHE A 72 3.31 14.08 4.20
CA PHE A 72 3.34 13.04 3.17
C PHE A 72 3.14 13.63 1.78
N THR A 73 3.43 12.84 0.76
CA THR A 73 3.27 13.28 -0.63
C THR A 73 2.89 12.12 -1.54
N PHE A 74 1.87 12.34 -2.36
CA PHE A 74 1.40 11.32 -3.29
C PHE A 74 1.84 11.63 -4.72
N ARG A 75 2.03 10.58 -5.51
CA ARG A 75 2.45 10.74 -6.90
C ARG A 75 1.27 10.58 -7.84
N GLU A 76 1.54 10.71 -9.14
CA GLU A 76 0.50 10.58 -10.15
C GLU A 76 0.94 9.65 -11.28
N LYS A 77 -0.02 9.26 -12.12
CA LYS A 77 0.28 8.36 -13.24
C LYS A 77 1.50 8.85 -14.02
N ARG A 78 2.09 7.94 -14.79
CA ARG A 78 3.26 8.27 -15.58
C ARG A 78 3.20 9.71 -16.09
N ASN A 79 4.36 10.30 -16.33
CA ASN A 79 4.43 11.67 -16.82
C ASN A 79 3.87 12.65 -15.79
N GLN A 80 4.24 12.44 -14.52
CA GLN A 80 3.77 13.30 -13.45
C GLN A 80 4.79 13.36 -12.32
N LYS A 81 4.60 14.31 -11.41
CA LYS A 81 5.51 14.48 -10.27
C LYS A 81 4.75 14.49 -8.96
N TRP A 82 5.45 14.19 -7.88
CA TRP A 82 4.83 14.17 -6.55
C TRP A 82 3.92 15.38 -6.35
N ARG A 83 3.08 15.31 -5.32
CA ARG A 83 2.16 16.40 -5.02
C ARG A 83 1.99 16.58 -3.52
N SER A 84 1.82 17.83 -3.09
CA SER A 84 1.66 18.14 -1.68
C SER A 84 0.22 17.91 -1.24
N LEU A 85 0.03 16.96 -0.34
CA LEU A 85 -1.31 16.64 0.17
C LEU A 85 -1.88 17.80 0.98
N GLU A 86 -3.20 17.85 1.08
CA GLU A 86 -3.87 18.91 1.82
C GLU A 86 -3.93 18.57 3.31
N LYS A 87 -4.11 19.61 4.14
CA LYS A 87 -4.18 19.42 5.58
C LYS A 87 -5.54 18.86 5.98
N ARG A 88 -5.94 17.77 5.33
CA ARG A 88 -7.21 17.13 5.63
C ARG A 88 -7.15 16.35 6.94
N ALA A 89 -7.40 17.03 8.04
CA ALA A 89 -7.36 16.40 9.36
C ALA A 89 -8.69 16.57 10.09
N ASP A 90 -9.57 15.59 9.94
CA ASP A 90 -10.88 15.63 10.57
C ASP A 90 -10.77 15.33 12.07
N GLU A 91 -10.20 14.16 12.39
CA GLU A 91 -10.04 13.75 13.78
C GLU A 91 -9.55 14.92 14.64
N VAL A 92 -10.49 15.63 15.24
CA VAL A 92 -10.16 16.77 16.09
C VAL A 92 -10.75 16.61 17.48
N SER A 93 -11.77 15.76 17.60
CA SER A 93 -12.42 15.50 18.87
C SER A 93 -11.41 15.07 19.92
N GLY A 94 -10.70 13.97 19.63
CA GLY A 94 -9.72 13.46 20.55
C GLY A 94 -10.32 13.04 21.88
N PRO A 95 -10.83 11.81 21.94
CA PRO A 95 -11.46 11.26 23.14
C PRO A 95 -10.45 10.98 24.25
N SER A 96 -9.19 11.36 24.00
CA SER A 96 -8.12 11.14 24.96
C SER A 96 -8.66 11.24 26.40
N SER A 97 -9.49 12.25 26.64
CA SER A 97 -10.07 12.46 27.96
C SER A 97 -11.59 12.59 27.88
N GLY A 98 -12.05 13.68 27.28
CA GLY A 98 -13.48 13.91 27.15
C GLY A 98 -14.00 14.90 28.16
ZN ZN B . -0.56 -0.10 3.40
ZN ZN C . 6.69 10.09 9.44
N GLY A 1 -42.21 -60.57 20.38
CA GLY A 1 -41.40 -60.68 19.18
C GLY A 1 -41.18 -59.34 18.51
N SER A 2 -39.94 -58.88 18.50
CA SER A 2 -39.59 -57.59 17.89
C SER A 2 -38.19 -57.63 17.31
N SER A 3 -37.93 -56.76 16.33
CA SER A 3 -36.63 -56.68 15.69
C SER A 3 -36.07 -55.27 15.75
N GLY A 4 -34.79 -55.12 15.43
CA GLY A 4 -34.16 -53.81 15.45
C GLY A 4 -33.23 -53.60 14.27
N SER A 5 -32.71 -52.38 14.14
CA SER A 5 -31.81 -52.05 13.05
C SER A 5 -31.21 -50.66 13.24
N SER A 6 -30.33 -50.27 12.33
CA SER A 6 -29.68 -48.97 12.39
C SER A 6 -28.96 -48.64 11.09
N GLY A 7 -28.46 -47.42 10.99
CA GLY A 7 -27.75 -47.01 9.79
C GLY A 7 -27.54 -45.51 9.72
N LEU A 8 -26.28 -45.10 9.75
CA LEU A 8 -25.93 -43.68 9.70
C LEU A 8 -25.05 -43.37 8.50
N GLU A 9 -24.83 -42.08 8.25
CA GLU A 9 -24.01 -41.66 7.12
C GLU A 9 -22.80 -40.87 7.61
N GLU A 10 -21.69 -40.97 6.86
CA GLU A 10 -20.46 -40.27 7.22
C GLU A 10 -20.16 -39.15 6.24
N PHE A 11 -19.24 -38.27 6.60
CA PHE A 11 -18.86 -37.15 5.75
C PHE A 11 -17.36 -37.17 5.46
N LYS A 12 -16.90 -36.19 4.68
CA LYS A 12 -15.49 -36.09 4.33
C LYS A 12 -15.18 -34.73 3.71
N ASN A 13 -13.95 -34.27 3.89
CA ASN A 13 -13.53 -32.98 3.34
C ASN A 13 -12.02 -32.96 3.14
N SER A 14 -11.54 -31.93 2.44
CA SER A 14 -10.11 -31.78 2.17
C SER A 14 -9.80 -30.39 1.62
N SER A 15 -8.53 -30.13 1.38
CA SER A 15 -8.10 -28.84 0.85
C SER A 15 -6.71 -28.94 0.24
N LYS A 16 -6.25 -27.84 -0.37
CA LYS A 16 -4.94 -27.80 -1.00
C LYS A 16 -4.01 -26.85 -0.26
N LEU A 17 -2.72 -27.17 -0.28
CA LEU A 17 -1.72 -26.35 0.41
C LEU A 17 -0.51 -26.13 -0.49
N VAL A 18 -0.38 -24.91 -1.01
CA VAL A 18 0.74 -24.56 -1.88
C VAL A 18 1.23 -23.14 -1.62
N ALA A 19 2.52 -23.00 -1.36
CA ALA A 19 3.11 -21.69 -1.09
C ALA A 19 2.55 -20.63 -2.03
N ALA A 20 2.41 -19.41 -1.54
CA ALA A 20 1.89 -18.31 -2.34
C ALA A 20 2.30 -16.96 -1.75
N ALA A 21 2.40 -15.95 -2.62
CA ALA A 21 2.78 -14.61 -2.18
C ALA A 21 4.18 -14.62 -1.56
N GLU A 22 5.09 -15.34 -2.19
CA GLU A 22 6.47 -15.42 -1.69
C GLU A 22 7.39 -14.50 -2.49
N LYS A 23 7.67 -13.33 -1.93
CA LYS A 23 8.53 -12.34 -2.58
C LYS A 23 8.24 -12.27 -4.08
N GLU A 24 6.97 -12.15 -4.43
CA GLU A 24 6.55 -12.08 -5.82
C GLU A 24 5.63 -10.88 -6.05
N ARG A 25 6.03 -9.99 -6.94
CA ARG A 25 5.24 -8.81 -7.25
C ARG A 25 4.88 -8.77 -8.74
N LEU A 26 4.25 -7.68 -9.16
CA LEU A 26 3.85 -7.50 -10.55
C LEU A 26 4.83 -6.62 -11.30
N ASP A 27 4.94 -6.84 -12.61
CA ASP A 27 5.85 -6.06 -13.43
C ASP A 27 5.12 -4.89 -14.08
N LYS A 28 4.30 -4.19 -13.30
CA LYS A 28 3.55 -3.04 -13.79
C LYS A 28 3.92 -1.78 -13.03
N HIS A 29 3.74 -1.82 -11.71
CA HIS A 29 4.06 -0.67 -10.87
C HIS A 29 4.83 -1.10 -9.62
N LEU A 30 6.12 -1.35 -9.78
CA LEU A 30 6.96 -1.78 -8.67
C LEU A 30 7.07 -0.67 -7.63
N GLY A 31 7.25 0.56 -8.09
CA GLY A 31 7.36 1.69 -7.18
C GLY A 31 7.99 1.29 -5.85
N ILE A 32 7.22 1.44 -4.78
CA ILE A 32 7.70 1.10 -3.44
C ILE A 32 6.58 0.53 -2.58
N PRO A 33 6.89 -0.56 -1.85
CA PRO A 33 5.92 -1.21 -0.98
C PRO A 33 5.58 -0.38 0.25
N CYS A 34 4.42 -0.65 0.85
CA CYS A 34 3.98 0.08 2.03
C CYS A 34 4.89 -0.21 3.22
N ASN A 35 4.97 0.76 4.13
CA ASN A 35 5.81 0.61 5.32
C ASN A 35 4.99 0.09 6.50
N ASN A 36 3.68 0.28 6.43
CA ASN A 36 2.80 -0.16 7.49
C ASN A 36 2.28 -1.58 7.23
N CYS A 37 1.35 -1.68 6.27
CA CYS A 37 0.78 -2.98 5.91
C CYS A 37 1.78 -3.82 5.12
N LYS A 38 2.70 -3.15 4.43
CA LYS A 38 3.71 -3.82 3.65
C LYS A 38 3.09 -4.52 2.43
N GLN A 39 2.16 -3.83 1.78
CA GLN A 39 1.48 -4.37 0.61
C GLN A 39 2.32 -4.18 -0.64
N PHE A 40 2.63 -5.28 -1.33
CA PHE A 40 3.43 -5.23 -2.55
C PHE A 40 2.99 -6.31 -3.53
N PRO A 41 2.69 -5.89 -4.77
CA PRO A 41 2.78 -4.49 -5.18
C PRO A 41 1.70 -3.63 -4.53
N ILE A 42 1.84 -2.32 -4.66
CA ILE A 42 0.87 -1.38 -4.08
C ILE A 42 -0.18 -0.98 -5.10
N GLU A 43 -1.19 -1.82 -5.28
CA GLU A 43 -2.25 -1.55 -6.23
C GLU A 43 -2.67 -0.08 -6.18
N GLY A 44 -2.99 0.39 -4.97
CA GLY A 44 -3.40 1.77 -4.80
C GLY A 44 -2.28 2.75 -5.06
N LYS A 45 -2.54 4.03 -4.81
CA LYS A 45 -1.54 5.07 -5.02
C LYS A 45 -0.31 4.82 -4.15
N CYS A 46 0.71 5.65 -4.33
CA CYS A 46 1.94 5.53 -3.56
C CYS A 46 2.21 6.80 -2.75
N TYR A 47 2.41 6.64 -1.45
CA TYR A 47 2.67 7.76 -0.56
C TYR A 47 4.06 7.65 0.06
N LYS A 48 4.63 8.79 0.43
CA LYS A 48 5.95 8.83 1.05
C LYS A 48 6.01 9.90 2.14
N CYS A 49 6.69 9.57 3.23
CA CYS A 49 6.82 10.51 4.35
C CYS A 49 8.05 11.39 4.17
N THR A 50 7.83 12.69 4.13
CA THR A 50 8.92 13.65 3.97
C THR A 50 9.58 13.97 5.31
N GLU A 51 9.23 13.21 6.33
CA GLU A 51 9.78 13.42 7.67
C GLU A 51 10.52 12.18 8.14
N CYS A 52 10.11 11.01 7.64
CA CYS A 52 10.73 9.75 8.02
C CYS A 52 11.78 9.33 6.99
N ILE A 53 12.33 8.13 7.18
CA ILE A 53 13.34 7.61 6.27
C ILE A 53 12.80 6.42 5.48
N GLU A 54 13.00 6.45 4.16
CA GLU A 54 12.53 5.36 3.31
C GLU A 54 11.15 4.87 3.75
N TYR A 55 10.27 5.81 4.05
CA TYR A 55 8.91 5.46 4.49
C TYR A 55 7.90 5.74 3.38
N HIS A 56 7.02 4.78 3.16
CA HIS A 56 5.99 4.92 2.13
C HIS A 56 4.71 4.20 2.54
N LEU A 57 3.57 4.78 2.16
CA LEU A 57 2.27 4.20 2.50
C LEU A 57 1.44 3.97 1.24
N CYS A 58 0.34 3.23 1.39
CA CYS A 58 -0.54 2.94 0.27
C CYS A 58 -1.90 3.61 0.45
N GLN A 59 -2.51 4.03 -0.66
CA GLN A 59 -3.81 4.68 -0.62
C GLN A 59 -4.68 4.10 0.49
N GLU A 60 -4.59 2.79 0.68
CA GLU A 60 -5.37 2.11 1.70
C GLU A 60 -5.02 2.63 3.09
N CYS A 61 -3.79 2.36 3.52
CA CYS A 61 -3.31 2.80 4.83
C CYS A 61 -3.59 4.30 5.04
N PHE A 62 -3.49 5.06 3.96
CA PHE A 62 -3.72 6.50 4.01
C PHE A 62 -5.16 6.80 4.40
N ASP A 63 -6.07 5.90 4.04
CA ASP A 63 -7.48 6.07 4.35
C ASP A 63 -7.70 6.18 5.85
N SER A 64 -6.77 5.62 6.62
CA SER A 64 -6.86 5.66 8.08
C SER A 64 -6.30 6.96 8.62
N TYR A 65 -5.49 7.64 7.81
CA TYR A 65 -4.88 8.91 8.21
C TYR A 65 -4.09 8.73 9.51
N CYS A 66 -3.40 7.62 9.63
CA CYS A 66 -2.60 7.33 10.82
C CYS A 66 -1.27 8.08 10.78
N HIS A 67 -0.48 7.80 9.75
CA HIS A 67 0.82 8.45 9.60
C HIS A 67 0.65 9.88 9.10
N LEU A 68 -0.55 10.22 8.67
CA LEU A 68 -0.85 11.56 8.18
C LEU A 68 -0.18 12.62 9.04
N SER A 69 0.01 12.30 10.31
CA SER A 69 0.65 13.22 11.25
C SER A 69 1.86 13.91 10.61
N HIS A 70 2.57 13.16 9.77
CA HIS A 70 3.75 13.70 9.09
C HIS A 70 3.39 14.15 7.68
N THR A 71 4.19 15.06 7.13
CA THR A 71 3.97 15.59 5.79
C THR A 71 4.20 14.51 4.74
N PHE A 72 3.12 13.94 4.22
CA PHE A 72 3.22 12.90 3.21
C PHE A 72 2.98 13.47 1.82
N THR A 73 3.46 12.76 0.80
CA THR A 73 3.30 13.20 -0.58
C THR A 73 2.96 12.03 -1.50
N PHE A 74 2.03 12.25 -2.43
CA PHE A 74 1.63 11.22 -3.36
C PHE A 74 2.19 11.50 -4.75
N ARG A 75 2.35 10.44 -5.54
CA ARG A 75 2.88 10.56 -6.90
C ARG A 75 1.75 10.49 -7.93
N GLU A 76 2.11 10.62 -9.20
CA GLU A 76 1.13 10.57 -10.28
C GLU A 76 1.56 9.59 -11.36
N LYS A 77 0.63 9.25 -12.25
CA LYS A 77 0.92 8.32 -13.34
C LYS A 77 2.21 8.71 -14.06
N ARG A 78 2.73 7.80 -14.87
CA ARG A 78 3.95 8.05 -15.62
C ARG A 78 4.01 9.49 -16.11
N ASN A 79 5.21 9.95 -16.43
CA ASN A 79 5.41 11.32 -16.91
C ASN A 79 4.75 12.33 -15.96
N GLN A 80 5.10 12.23 -14.68
CA GLN A 80 4.55 13.13 -13.67
C GLN A 80 5.52 13.29 -12.50
N LYS A 81 5.09 14.03 -11.49
CA LYS A 81 5.92 14.26 -10.31
C LYS A 81 5.05 14.32 -9.04
N TRP A 82 5.66 14.03 -7.90
CA TRP A 82 4.96 14.05 -6.63
C TRP A 82 4.37 15.43 -6.35
N ARG A 83 3.56 15.52 -5.31
CA ARG A 83 2.94 16.79 -4.94
C ARG A 83 2.17 16.66 -3.62
N SER A 84 1.90 17.79 -2.99
CA SER A 84 1.18 17.81 -1.72
C SER A 84 -0.18 17.15 -1.86
N LEU A 85 -0.75 16.70 -0.74
CA LEU A 85 -2.06 16.05 -0.74
C LEU A 85 -3.15 17.01 -0.30
N GLU A 86 -4.39 16.70 -0.67
CA GLU A 86 -5.52 17.54 -0.31
C GLU A 86 -5.73 17.55 1.21
N LYS A 87 -5.63 18.73 1.81
CA LYS A 87 -5.81 18.87 3.26
C LYS A 87 -7.16 18.30 3.69
N ARG A 88 -7.13 17.17 4.36
CA ARG A 88 -8.34 16.52 4.84
C ARG A 88 -8.21 16.10 6.30
N ALA A 89 -8.66 16.96 7.21
CA ALA A 89 -8.59 16.68 8.63
C ALA A 89 -9.97 16.70 9.27
N ASP A 90 -10.72 15.61 9.11
CA ASP A 90 -12.06 15.51 9.67
C ASP A 90 -12.55 14.06 9.63
N GLU A 91 -13.75 13.85 10.15
CA GLU A 91 -14.34 12.51 10.19
C GLU A 91 -14.94 12.14 8.84
N VAL A 92 -14.64 10.93 8.38
CA VAL A 92 -15.15 10.45 7.10
C VAL A 92 -15.82 9.09 7.25
N SER A 93 -16.96 8.92 6.59
CA SER A 93 -17.70 7.66 6.65
C SER A 93 -17.74 6.99 5.29
N GLY A 94 -17.64 5.66 5.28
CA GLY A 94 -17.67 4.92 4.03
C GLY A 94 -17.63 3.42 4.25
N PRO A 95 -18.81 2.79 4.33
CA PRO A 95 -18.94 1.35 4.53
C PRO A 95 -18.48 0.55 3.32
N SER A 96 -18.39 -0.77 3.49
CA SER A 96 -17.97 -1.65 2.40
C SER A 96 -18.53 -3.06 2.59
N SER A 97 -18.52 -3.84 1.51
CA SER A 97 -19.03 -5.19 1.56
C SER A 97 -18.42 -6.04 0.45
N GLY A 98 -18.46 -7.37 0.63
CA GLY A 98 -17.90 -8.26 -0.36
C GLY A 98 -16.85 -9.18 0.22
ZN ZN B . -0.47 0.03 3.49
ZN ZN C . 6.61 9.86 9.29
N GLY A 1 20.46 -73.01 15.99
CA GLY A 1 19.51 -72.40 15.06
C GLY A 1 20.20 -71.53 14.04
N SER A 2 19.62 -71.46 12.84
CA SER A 2 20.19 -70.64 11.77
C SER A 2 19.22 -69.53 11.36
N SER A 3 19.78 -68.36 11.10
CA SER A 3 18.97 -67.21 10.69
C SER A 3 18.07 -67.56 9.51
N GLY A 4 18.67 -68.14 8.48
CA GLY A 4 17.92 -68.51 7.30
C GLY A 4 18.26 -67.65 6.10
N SER A 5 17.30 -66.82 5.68
CA SER A 5 17.50 -65.94 4.54
C SER A 5 16.42 -64.86 4.49
N SER A 6 16.85 -63.62 4.29
CA SER A 6 15.92 -62.49 4.22
C SER A 6 16.66 -61.20 3.86
N GLY A 7 16.06 -60.41 2.99
CA GLY A 7 16.67 -59.16 2.56
C GLY A 7 15.86 -57.95 2.99
N LEU A 8 16.35 -56.77 2.65
CA LEU A 8 15.67 -55.53 3.01
C LEU A 8 15.55 -54.60 1.79
N GLU A 9 14.87 -53.47 1.98
CA GLU A 9 14.69 -52.51 0.90
C GLU A 9 15.78 -51.45 0.93
N GLU A 10 15.84 -50.64 -0.13
CA GLU A 10 16.84 -49.58 -0.22
C GLU A 10 16.32 -48.28 0.37
N PHE A 11 17.22 -47.49 0.94
CA PHE A 11 16.84 -46.22 1.54
C PHE A 11 16.73 -45.12 0.48
N LYS A 12 15.50 -44.70 0.20
CA LYS A 12 15.25 -43.67 -0.79
C LYS A 12 15.62 -42.30 -0.25
N ASN A 13 16.90 -41.95 -0.35
CA ASN A 13 17.39 -40.66 0.13
C ASN A 13 17.65 -39.71 -1.04
N SER A 14 16.68 -38.84 -1.31
CA SER A 14 16.79 -37.87 -2.40
C SER A 14 15.94 -36.65 -2.13
N SER A 15 16.55 -35.47 -2.23
CA SER A 15 15.85 -34.22 -1.99
C SER A 15 15.45 -33.56 -3.31
N LYS A 16 14.18 -33.74 -3.68
CA LYS A 16 13.66 -33.17 -4.91
C LYS A 16 13.80 -31.66 -4.91
N LEU A 17 14.49 -31.13 -5.92
CA LEU A 17 14.69 -29.68 -6.04
C LEU A 17 13.45 -29.01 -6.63
N VAL A 18 12.70 -28.32 -5.79
CA VAL A 18 11.49 -27.63 -6.24
C VAL A 18 11.82 -26.20 -6.68
N ALA A 19 10.99 -25.67 -7.58
CA ALA A 19 11.18 -24.30 -8.07
C ALA A 19 11.25 -23.31 -6.93
N ALA A 20 11.93 -22.19 -7.16
CA ALA A 20 12.06 -21.15 -6.15
C ALA A 20 11.32 -19.89 -6.56
N ALA A 21 10.25 -19.57 -5.85
CA ALA A 21 9.45 -18.38 -6.13
C ALA A 21 8.69 -17.92 -4.90
N GLU A 22 8.16 -16.70 -4.96
CA GLU A 22 7.40 -16.15 -3.85
C GLU A 22 5.98 -15.80 -4.27
N LYS A 23 5.86 -14.92 -5.26
CA LYS A 23 4.55 -14.51 -5.77
C LYS A 23 4.70 -13.68 -7.04
N GLU A 24 3.74 -13.83 -7.95
CA GLU A 24 3.75 -13.09 -9.20
C GLU A 24 3.68 -11.59 -8.95
N ARG A 25 4.81 -10.91 -9.10
CA ARG A 25 4.87 -9.47 -8.90
C ARG A 25 4.38 -8.71 -10.14
N LEU A 26 3.95 -7.48 -9.94
CA LEU A 26 3.46 -6.65 -11.04
C LEU A 26 4.50 -5.62 -11.45
N ASP A 27 5.41 -6.02 -12.34
CA ASP A 27 6.46 -5.13 -12.82
C ASP A 27 5.87 -3.79 -13.27
N LYS A 28 4.82 -3.85 -14.08
CA LYS A 28 4.17 -2.65 -14.57
C LYS A 28 4.28 -1.52 -13.57
N HIS A 29 3.85 -1.79 -12.34
CA HIS A 29 3.91 -0.79 -11.27
C HIS A 29 4.51 -1.38 -10.00
N LEU A 30 5.83 -1.20 -9.85
CA LEU A 30 6.53 -1.72 -8.69
C LEU A 30 6.70 -0.63 -7.63
N GLY A 31 7.01 0.58 -8.07
CA GLY A 31 7.20 1.69 -7.16
C GLY A 31 7.85 1.26 -5.85
N ILE A 32 7.12 1.41 -4.75
CA ILE A 32 7.63 1.03 -3.44
C ILE A 32 6.53 0.45 -2.57
N PRO A 33 6.88 -0.62 -1.82
CA PRO A 33 5.93 -1.29 -0.93
C PRO A 33 5.56 -0.45 0.28
N CYS A 34 4.42 -0.75 0.88
CA CYS A 34 3.95 -0.01 2.05
C CYS A 34 4.84 -0.28 3.26
N ASN A 35 4.92 0.69 4.16
CA ASN A 35 5.74 0.57 5.36
C ASN A 35 4.90 0.08 6.54
N ASN A 36 3.58 0.11 6.37
CA ASN A 36 2.67 -0.34 7.41
C ASN A 36 2.15 -1.74 7.13
N CYS A 37 1.27 -1.86 6.14
CA CYS A 37 0.70 -3.14 5.78
C CYS A 37 1.69 -3.97 4.97
N LYS A 38 2.66 -3.29 4.36
CA LYS A 38 3.68 -3.95 3.56
C LYS A 38 3.07 -4.58 2.31
N GLN A 39 2.14 -3.87 1.69
CA GLN A 39 1.48 -4.35 0.48
C GLN A 39 2.39 -4.20 -0.73
N PHE A 40 2.70 -5.32 -1.37
CA PHE A 40 3.57 -5.32 -2.54
C PHE A 40 3.17 -6.41 -3.53
N PRO A 41 2.89 -6.01 -4.78
CA PRO A 41 2.99 -4.62 -5.21
C PRO A 41 1.88 -3.76 -4.60
N ILE A 42 2.04 -2.44 -4.72
CA ILE A 42 1.05 -1.50 -4.19
C ILE A 42 0.04 -1.10 -5.26
N GLU A 43 -1.17 -1.64 -5.16
CA GLU A 43 -2.22 -1.32 -6.11
C GLU A 43 -2.64 0.14 -6.00
N GLY A 44 -2.92 0.58 -4.78
CA GLY A 44 -3.33 1.96 -4.56
C GLY A 44 -2.21 2.94 -4.83
N LYS A 45 -2.50 4.23 -4.63
CA LYS A 45 -1.51 5.27 -4.85
C LYS A 45 -0.24 5.00 -4.03
N CYS A 46 0.78 5.83 -4.25
CA CYS A 46 2.04 5.67 -3.54
C CYS A 46 2.37 6.93 -2.75
N TYR A 47 2.33 6.81 -1.42
CA TYR A 47 2.61 7.94 -0.55
C TYR A 47 3.97 7.77 0.13
N LYS A 48 4.58 8.89 0.50
CA LYS A 48 5.88 8.87 1.17
C LYS A 48 5.97 9.95 2.24
N CYS A 49 6.64 9.64 3.34
CA CYS A 49 6.80 10.58 4.43
C CYS A 49 8.02 11.48 4.22
N THR A 50 7.80 12.77 4.11
CA THR A 50 8.88 13.73 3.90
C THR A 50 9.55 14.09 5.22
N GLU A 51 9.21 13.36 6.27
CA GLU A 51 9.78 13.61 7.59
C GLU A 51 10.55 12.38 8.08
N CYS A 52 10.15 11.21 7.60
CA CYS A 52 10.80 9.97 8.00
C CYS A 52 11.82 9.53 6.96
N ILE A 53 12.39 8.34 7.16
CA ILE A 53 13.38 7.81 6.23
C ILE A 53 12.92 6.49 5.63
N GLU A 54 12.98 6.38 4.31
CA GLU A 54 12.56 5.18 3.61
C GLU A 54 11.17 4.72 4.08
N TYR A 55 10.21 5.64 4.04
CA TYR A 55 8.85 5.35 4.46
C TYR A 55 7.86 5.65 3.34
N HIS A 56 6.98 4.69 3.06
CA HIS A 56 5.97 4.85 2.03
C HIS A 56 4.69 4.13 2.40
N LEU A 57 3.56 4.80 2.20
CA LEU A 57 2.25 4.22 2.51
C LEU A 57 1.44 3.99 1.24
N CYS A 58 0.32 3.29 1.38
CA CYS A 58 -0.55 3.00 0.25
C CYS A 58 -1.92 3.65 0.43
N GLN A 59 -2.53 4.06 -0.67
CA GLN A 59 -3.84 4.70 -0.63
C GLN A 59 -4.71 4.09 0.47
N GLU A 60 -4.58 2.78 0.65
CA GLU A 60 -5.36 2.07 1.67
C GLU A 60 -5.01 2.58 3.06
N CYS A 61 -3.79 2.31 3.50
CA CYS A 61 -3.33 2.74 4.81
C CYS A 61 -3.58 4.23 5.02
N PHE A 62 -3.49 4.99 3.93
CA PHE A 62 -3.70 6.43 3.99
C PHE A 62 -5.14 6.76 4.40
N ASP A 63 -6.06 5.87 4.03
CA ASP A 63 -7.47 6.06 4.36
C ASP A 63 -7.67 6.16 5.87
N SER A 64 -6.76 5.54 6.62
CA SER A 64 -6.84 5.55 8.08
C SER A 64 -6.25 6.85 8.64
N TYR A 65 -5.39 7.49 7.86
CA TYR A 65 -4.76 8.73 8.28
C TYR A 65 -4.02 8.54 9.60
N CYS A 66 -3.29 7.44 9.70
CA CYS A 66 -2.52 7.14 10.90
C CYS A 66 -1.21 7.91 10.93
N HIS A 67 -0.39 7.72 9.90
CA HIS A 67 0.89 8.40 9.80
C HIS A 67 0.71 9.82 9.27
N LEU A 68 -0.48 10.11 8.77
CA LEU A 68 -0.79 11.43 8.23
C LEU A 68 -0.22 12.53 9.13
N SER A 69 -0.01 12.20 10.40
CA SER A 69 0.52 13.16 11.36
C SER A 69 1.70 13.92 10.77
N HIS A 70 2.46 13.25 9.90
CA HIS A 70 3.61 13.87 9.26
C HIS A 70 3.25 14.39 7.87
N THR A 71 4.21 15.03 7.21
CA THR A 71 3.99 15.59 5.88
C THR A 71 4.23 14.53 4.81
N PHE A 72 3.13 13.99 4.27
CA PHE A 72 3.22 12.96 3.24
C PHE A 72 3.00 13.57 1.86
N THR A 73 3.25 12.78 0.82
CA THR A 73 3.07 13.23 -0.55
C THR A 73 2.75 12.07 -1.49
N PHE A 74 1.80 12.29 -2.39
CA PHE A 74 1.40 11.26 -3.35
C PHE A 74 1.96 11.55 -4.74
N ARG A 75 2.37 10.50 -5.44
CA ARG A 75 2.93 10.64 -6.77
C ARG A 75 1.90 10.26 -7.83
N GLU A 76 2.30 10.34 -9.10
CA GLU A 76 1.41 10.01 -10.21
C GLU A 76 2.08 9.01 -11.16
N LYS A 77 1.28 8.44 -12.05
CA LYS A 77 1.79 7.46 -13.02
C LYS A 77 3.04 7.99 -13.69
N ARG A 78 3.77 7.09 -14.35
CA ARG A 78 5.01 7.45 -15.04
C ARG A 78 4.87 8.82 -15.70
N ASN A 79 6.00 9.47 -15.96
CA ASN A 79 6.01 10.78 -16.60
C ASN A 79 5.31 11.82 -15.71
N GLN A 80 5.54 11.71 -14.40
CA GLN A 80 4.93 12.64 -13.45
C GLN A 80 5.87 12.90 -12.28
N LYS A 81 5.38 13.65 -11.29
CA LYS A 81 6.17 13.98 -10.11
C LYS A 81 5.29 14.04 -8.87
N TRP A 82 5.91 13.86 -7.70
CA TRP A 82 5.17 13.91 -6.44
C TRP A 82 4.25 15.12 -6.39
N ARG A 83 3.27 15.08 -5.49
CA ARG A 83 2.33 16.18 -5.33
C ARG A 83 2.06 16.46 -3.85
N SER A 84 2.24 17.71 -3.46
CA SER A 84 2.01 18.12 -2.07
C SER A 84 0.53 18.04 -1.72
N LEU A 85 0.17 17.02 -0.93
CA LEU A 85 -1.21 16.83 -0.51
C LEU A 85 -1.76 18.09 0.16
N GLU A 86 -3.08 18.23 0.14
CA GLU A 86 -3.73 19.39 0.75
C GLU A 86 -3.70 19.29 2.27
N LYS A 87 -3.83 20.43 2.93
CA LYS A 87 -3.82 20.48 4.39
C LYS A 87 -4.97 19.66 4.97
N ARG A 88 -4.65 18.50 5.52
CA ARG A 88 -5.66 17.62 6.10
C ARG A 88 -6.37 18.31 7.27
N ALA A 89 -7.39 17.65 7.81
CA ALA A 89 -8.14 18.19 8.92
C ALA A 89 -7.42 17.95 10.25
N ASP A 90 -6.84 19.00 10.81
CA ASP A 90 -6.12 18.90 12.08
C ASP A 90 -6.35 20.14 12.93
N GLU A 91 -6.74 19.93 14.18
CA GLU A 91 -6.99 21.03 15.11
C GLU A 91 -5.76 21.34 15.93
N VAL A 92 -5.81 22.42 16.70
CA VAL A 92 -4.70 22.83 17.54
C VAL A 92 -4.63 21.99 18.81
N SER A 93 -3.43 21.81 19.34
CA SER A 93 -3.22 21.03 20.55
C SER A 93 -1.85 21.31 21.15
N GLY A 94 -1.78 21.24 22.48
CA GLY A 94 -0.53 21.50 23.17
C GLY A 94 0.41 20.31 23.09
N PRO A 95 0.26 19.38 24.05
CA PRO A 95 1.10 18.17 24.11
C PRO A 95 0.81 17.20 22.97
N SER A 96 1.72 17.16 22.00
CA SER A 96 1.57 16.27 20.84
C SER A 96 1.92 14.83 21.21
N SER A 97 1.27 13.88 20.55
CA SER A 97 1.52 12.47 20.80
C SER A 97 2.31 11.85 19.66
N GLY A 98 3.20 10.91 20.01
CA GLY A 98 4.02 10.25 19.00
C GLY A 98 5.49 10.37 19.30
ZN ZN B . -0.53 -0.05 3.39
ZN ZN C . 6.72 10.10 9.42
N GLY A 1 -34.82 -55.90 33.10
CA GLY A 1 -34.50 -54.61 33.68
C GLY A 1 -35.03 -53.45 32.87
N SER A 2 -34.36 -52.31 32.95
CA SER A 2 -34.78 -51.12 32.22
C SER A 2 -33.63 -50.57 31.38
N SER A 3 -33.88 -50.36 30.10
CA SER A 3 -32.88 -49.83 29.19
C SER A 3 -33.43 -48.66 28.38
N GLY A 4 -32.57 -48.06 27.56
CA GLY A 4 -32.98 -46.93 26.75
C GLY A 4 -32.09 -46.73 25.54
N SER A 5 -31.87 -45.47 25.18
CA SER A 5 -31.03 -45.14 24.04
C SER A 5 -30.38 -43.78 24.21
N SER A 6 -29.55 -43.39 23.24
CA SER A 6 -28.86 -42.10 23.29
C SER A 6 -28.52 -41.62 21.89
N GLY A 7 -28.24 -40.33 21.76
CA GLY A 7 -27.90 -39.76 20.47
C GLY A 7 -26.43 -39.98 20.11
N LEU A 8 -25.89 -39.08 19.30
CA LEU A 8 -24.50 -39.17 18.87
C LEU A 8 -23.74 -37.88 19.17
N GLU A 9 -22.46 -37.86 18.84
CA GLU A 9 -21.63 -36.68 19.06
C GLU A 9 -20.91 -36.26 17.78
N GLU A 10 -20.30 -35.08 17.81
CA GLU A 10 -19.58 -34.57 16.65
C GLU A 10 -18.08 -34.79 16.79
N PHE A 11 -17.42 -34.96 15.66
CA PHE A 11 -15.97 -35.20 15.65
C PHE A 11 -15.22 -33.95 16.11
N LYS A 12 -13.90 -34.06 16.18
CA LYS A 12 -13.06 -32.94 16.60
C LYS A 12 -12.33 -32.33 15.41
N ASN A 13 -11.79 -31.14 15.60
CA ASN A 13 -11.06 -30.45 14.54
C ASN A 13 -9.79 -31.21 14.16
N SER A 14 -9.10 -30.73 13.13
CA SER A 14 -7.87 -31.36 12.67
C SER A 14 -6.70 -30.40 12.77
N SER A 15 -5.51 -30.88 12.41
CA SER A 15 -4.31 -30.07 12.47
C SER A 15 -4.39 -28.89 11.50
N LYS A 16 -3.41 -28.00 11.56
CA LYS A 16 -3.38 -26.83 10.70
C LYS A 16 -2.33 -26.99 9.60
N LEU A 17 -2.29 -26.03 8.69
CA LEU A 17 -1.33 -26.06 7.58
C LEU A 17 -0.59 -24.73 7.46
N VAL A 18 0.55 -24.75 6.79
CA VAL A 18 1.35 -23.54 6.61
C VAL A 18 1.73 -23.36 5.14
N ALA A 19 1.77 -22.10 4.70
CA ALA A 19 2.13 -21.79 3.32
C ALA A 19 3.47 -21.08 3.24
N ALA A 20 4.03 -21.00 2.05
CA ALA A 20 5.31 -20.33 1.84
C ALA A 20 5.15 -19.08 0.98
N ALA A 21 6.00 -18.09 1.23
CA ALA A 21 5.95 -16.83 0.49
C ALA A 21 6.82 -16.91 -0.76
N GLU A 22 6.30 -16.38 -1.87
CA GLU A 22 7.03 -16.39 -3.14
C GLU A 22 6.90 -15.05 -3.85
N LYS A 23 7.79 -14.79 -4.79
CA LYS A 23 7.78 -13.55 -5.55
C LYS A 23 6.38 -13.21 -6.02
N GLU A 24 5.85 -12.08 -5.56
CA GLU A 24 4.51 -11.65 -5.94
C GLU A 24 4.56 -10.33 -6.69
N ARG A 25 4.48 -10.40 -8.02
CA ARG A 25 4.53 -9.21 -8.85
C ARG A 25 3.49 -9.29 -9.97
N LEU A 26 2.43 -8.48 -9.86
CA LEU A 26 1.38 -8.46 -10.86
C LEU A 26 1.35 -7.13 -11.60
N ASP A 27 1.00 -6.07 -10.89
CA ASP A 27 0.94 -4.73 -11.49
C ASP A 27 2.29 -4.32 -12.04
N LYS A 28 2.29 -3.55 -13.11
CA LYS A 28 3.51 -3.08 -13.74
C LYS A 28 4.06 -1.84 -13.04
N HIS A 29 3.85 -1.78 -11.72
CA HIS A 29 4.32 -0.65 -10.93
C HIS A 29 4.99 -1.13 -9.64
N LEU A 30 6.29 -1.36 -9.72
CA LEU A 30 7.06 -1.82 -8.56
C LEU A 30 7.12 -0.75 -7.49
N GLY A 31 7.34 0.49 -7.91
CA GLY A 31 7.42 1.60 -6.98
C GLY A 31 8.03 1.20 -5.65
N ILE A 32 7.24 1.31 -4.59
CA ILE A 32 7.72 0.95 -3.25
C ILE A 32 6.59 0.35 -2.42
N PRO A 33 6.92 -0.73 -1.68
CA PRO A 33 5.95 -1.41 -0.82
C PRO A 33 5.55 -0.58 0.40
N CYS A 34 4.39 -0.88 0.95
CA CYS A 34 3.88 -0.16 2.11
C CYS A 34 4.68 -0.52 3.36
N ASN A 35 4.69 0.38 4.34
CA ASN A 35 5.41 0.16 5.58
C ASN A 35 4.48 -0.40 6.66
N ASN A 36 3.19 -0.12 6.52
CA ASN A 36 2.20 -0.59 7.48
C ASN A 36 1.66 -1.96 7.08
N CYS A 37 0.80 -1.98 6.05
CA CYS A 37 0.22 -3.22 5.56
C CYS A 37 1.26 -4.06 4.83
N LYS A 38 2.26 -3.39 4.26
CA LYS A 38 3.32 -4.07 3.52
C LYS A 38 2.78 -4.69 2.25
N GLN A 39 1.95 -3.93 1.53
CA GLN A 39 1.37 -4.40 0.28
C GLN A 39 2.34 -4.23 -0.89
N PHE A 40 2.66 -5.33 -1.56
CA PHE A 40 3.58 -5.30 -2.69
C PHE A 40 3.20 -6.35 -3.73
N PRO A 41 2.97 -5.89 -4.98
CA PRO A 41 3.09 -4.46 -5.32
C PRO A 41 1.98 -3.63 -4.71
N ILE A 42 2.13 -2.31 -4.78
CA ILE A 42 1.14 -1.39 -4.22
C ILE A 42 0.15 -0.94 -5.30
N GLU A 43 -1.11 -1.33 -5.14
CA GLU A 43 -2.14 -0.96 -6.09
C GLU A 43 -2.50 0.52 -5.97
N GLY A 44 -2.88 0.94 -4.77
CA GLY A 44 -3.24 2.33 -4.55
C GLY A 44 -2.10 3.27 -4.87
N LYS A 45 -2.36 4.57 -4.73
CA LYS A 45 -1.36 5.58 -5.02
C LYS A 45 -0.05 5.27 -4.30
N CYS A 46 0.94 6.14 -4.45
CA CYS A 46 2.23 5.96 -3.82
C CYS A 46 2.54 7.08 -2.84
N TYR A 47 2.33 6.82 -1.56
CA TYR A 47 2.58 7.82 -0.52
C TYR A 47 3.96 7.66 0.07
N LYS A 48 4.51 8.75 0.60
CA LYS A 48 5.83 8.73 1.21
C LYS A 48 6.00 9.87 2.21
N CYS A 49 6.50 9.55 3.39
CA CYS A 49 6.71 10.55 4.43
C CYS A 49 7.95 11.39 4.14
N THR A 50 7.75 12.68 3.90
CA THR A 50 8.85 13.58 3.62
C THR A 50 9.55 14.03 4.90
N GLU A 51 9.07 13.52 6.04
CA GLU A 51 9.66 13.86 7.33
C GLU A 51 10.40 12.68 7.93
N CYS A 52 9.99 11.47 7.53
CA CYS A 52 10.61 10.25 8.02
C CYS A 52 11.63 9.71 7.02
N ILE A 53 12.17 8.54 7.31
CA ILE A 53 13.16 7.91 6.43
C ILE A 53 12.63 6.60 5.87
N GLU A 54 12.92 6.34 4.60
CA GLU A 54 12.49 5.12 3.94
C GLU A 54 11.07 4.75 4.37
N TYR A 55 10.18 5.74 4.41
CA TYR A 55 8.80 5.52 4.81
C TYR A 55 7.86 5.72 3.64
N HIS A 56 7.00 4.74 3.39
CA HIS A 56 6.03 4.82 2.30
C HIS A 56 4.76 4.05 2.65
N LEU A 57 3.61 4.65 2.35
CA LEU A 57 2.32 4.03 2.63
C LEU A 57 1.47 3.96 1.37
N CYS A 58 0.35 3.25 1.45
CA CYS A 58 -0.55 3.10 0.32
C CYS A 58 -1.87 3.83 0.57
N GLN A 59 -2.41 4.44 -0.48
CA GLN A 59 -3.66 5.17 -0.38
C GLN A 59 -4.59 4.53 0.63
N GLU A 60 -4.61 3.19 0.63
CA GLU A 60 -5.47 2.44 1.55
C GLU A 60 -5.15 2.78 2.99
N CYS A 61 -3.94 2.45 3.43
CA CYS A 61 -3.51 2.73 4.79
C CYS A 61 -3.69 4.20 5.13
N PHE A 62 -3.31 5.07 4.21
CA PHE A 62 -3.43 6.51 4.42
C PHE A 62 -4.82 6.87 4.93
N ASP A 63 -5.84 6.25 4.33
CA ASP A 63 -7.22 6.51 4.73
C ASP A 63 -7.42 6.27 6.22
N SER A 64 -6.60 5.38 6.78
CA SER A 64 -6.68 5.05 8.20
C SER A 64 -6.33 6.27 9.06
N TYR A 65 -5.67 7.24 8.44
CA TYR A 65 -5.27 8.45 9.15
C TYR A 65 -4.36 8.12 10.34
N CYS A 66 -3.29 7.39 10.06
CA CYS A 66 -2.34 7.00 11.10
C CYS A 66 -1.07 7.85 11.02
N HIS A 67 -0.31 7.66 9.94
CA HIS A 67 0.92 8.40 9.74
C HIS A 67 0.67 9.68 8.94
N LEU A 68 -0.51 9.76 8.34
CA LEU A 68 -0.87 10.93 7.54
C LEU A 68 -0.55 12.23 8.27
N SER A 69 -0.37 12.12 9.59
CA SER A 69 -0.06 13.27 10.42
C SER A 69 1.14 14.04 9.85
N HIS A 70 2.17 13.30 9.45
CA HIS A 70 3.38 13.91 8.90
C HIS A 70 3.14 14.38 7.47
N THR A 71 4.12 15.07 6.90
CA THR A 71 4.01 15.58 5.54
C THR A 71 4.23 14.47 4.52
N PHE A 72 3.13 13.98 3.95
CA PHE A 72 3.20 12.91 2.96
C PHE A 72 2.96 13.45 1.56
N THR A 73 3.32 12.66 0.56
CA THR A 73 3.15 13.06 -0.84
C THR A 73 2.81 11.86 -1.71
N PHE A 74 1.93 12.08 -2.69
CA PHE A 74 1.52 11.02 -3.60
C PHE A 74 2.12 11.24 -4.99
N ARG A 75 2.26 10.14 -5.74
CA ARG A 75 2.81 10.21 -7.08
C ARG A 75 1.73 9.95 -8.13
N GLU A 76 2.09 10.15 -9.40
CA GLU A 76 1.16 9.95 -10.49
C GLU A 76 1.81 9.16 -11.63
N LYS A 77 0.99 8.69 -12.56
CA LYS A 77 1.49 7.93 -13.70
C LYS A 77 2.68 8.64 -14.36
N ARG A 78 3.42 7.91 -15.18
CA ARG A 78 4.57 8.48 -15.87
C ARG A 78 4.29 9.91 -16.32
N ASN A 79 5.36 10.66 -16.58
CA ASN A 79 5.22 12.04 -17.02
C ASN A 79 4.55 12.88 -15.94
N GLN A 80 4.89 12.61 -14.69
CA GLN A 80 4.31 13.36 -13.57
C GLN A 80 5.33 13.54 -12.46
N LYS A 81 4.91 14.14 -11.35
CA LYS A 81 5.78 14.37 -10.22
C LYS A 81 5.00 14.36 -8.91
N TRP A 82 5.70 14.15 -7.80
CA TRP A 82 5.07 14.11 -6.49
C TRP A 82 4.09 15.27 -6.33
N ARG A 83 3.32 15.23 -5.24
CA ARG A 83 2.33 16.28 -4.98
C ARG A 83 2.10 16.43 -3.48
N SER A 84 2.12 17.67 -3.01
CA SER A 84 1.92 17.96 -1.59
C SER A 84 0.45 17.77 -1.20
N LEU A 85 0.20 16.90 -0.24
CA LEU A 85 -1.16 16.63 0.22
C LEU A 85 -1.68 17.79 1.06
N GLU A 86 -2.99 18.03 0.97
CA GLU A 86 -3.61 19.12 1.73
C GLU A 86 -3.58 18.82 3.22
N LYS A 87 -3.20 19.82 4.02
CA LYS A 87 -3.13 19.67 5.46
C LYS A 87 -4.43 19.09 6.02
N ARG A 88 -4.35 17.86 6.53
CA ARG A 88 -5.52 17.20 7.09
C ARG A 88 -5.13 16.31 8.26
N ALA A 89 -5.53 16.71 9.47
CA ALA A 89 -5.22 15.94 10.66
C ALA A 89 -6.29 14.89 10.93
N ASP A 90 -7.52 15.34 11.15
CA ASP A 90 -8.62 14.43 11.41
C ASP A 90 -8.23 13.36 12.43
N GLU A 91 -7.53 13.78 13.48
CA GLU A 91 -7.09 12.86 14.52
C GLU A 91 -7.59 13.30 15.89
N VAL A 92 -8.08 12.35 16.67
CA VAL A 92 -8.60 12.64 18.01
C VAL A 92 -7.52 12.44 19.06
N SER A 93 -7.59 13.24 20.13
CA SER A 93 -6.62 13.16 21.21
C SER A 93 -6.55 11.74 21.78
N GLY A 94 -5.37 11.35 22.24
CA GLY A 94 -5.19 10.02 22.80
C GLY A 94 -3.74 9.61 22.87
N PRO A 95 -3.48 8.31 22.67
CA PRO A 95 -2.11 7.76 22.71
C PRO A 95 -1.27 8.22 21.52
N SER A 96 0.04 8.03 21.63
CA SER A 96 0.96 8.42 20.57
C SER A 96 1.28 7.25 19.66
N SER A 97 0.67 7.25 18.47
CA SER A 97 0.88 6.18 17.51
C SER A 97 2.37 6.02 17.19
N GLY A 98 2.95 7.08 16.65
CA GLY A 98 4.37 7.05 16.30
C GLY A 98 4.65 6.10 15.15
ZN ZN B . -0.65 -0.03 3.27
ZN ZN C . 6.68 10.34 9.44
N GLY A 1 -43.89 -6.11 1.54
CA GLY A 1 -45.09 -6.44 2.27
C GLY A 1 -45.52 -7.87 2.05
N SER A 2 -44.59 -8.80 2.19
CA SER A 2 -44.88 -10.22 2.00
C SER A 2 -45.01 -10.94 3.34
N SER A 3 -45.72 -12.05 3.34
CA SER A 3 -45.93 -12.84 4.56
C SER A 3 -45.99 -14.33 4.24
N GLY A 4 -45.52 -15.14 5.18
CA GLY A 4 -45.52 -16.58 4.99
C GLY A 4 -44.62 -17.30 5.97
N SER A 5 -45.14 -18.37 6.57
CA SER A 5 -44.36 -19.14 7.53
C SER A 5 -43.25 -19.92 6.84
N SER A 6 -42.06 -19.35 6.85
CA SER A 6 -40.90 -19.97 6.22
C SER A 6 -40.36 -21.11 7.09
N GLY A 7 -40.43 -20.92 8.40
CA GLY A 7 -39.94 -21.93 9.32
C GLY A 7 -38.43 -22.01 9.34
N LEU A 8 -37.78 -20.87 9.50
CA LEU A 8 -36.32 -20.81 9.54
C LEU A 8 -35.83 -19.69 10.46
N GLU A 9 -34.96 -20.03 11.39
CA GLU A 9 -34.42 -19.05 12.34
C GLU A 9 -33.24 -19.64 13.11
N GLU A 10 -32.10 -18.96 13.04
CA GLU A 10 -30.91 -19.41 13.75
C GLU A 10 -29.81 -18.35 13.68
N PHE A 11 -28.91 -18.38 14.65
CA PHE A 11 -27.81 -17.42 14.70
C PHE A 11 -26.46 -18.13 14.66
N LYS A 12 -26.00 -18.42 13.44
CA LYS A 12 -24.72 -19.10 13.26
C LYS A 12 -24.26 -19.01 11.81
N ASN A 13 -23.09 -18.42 11.60
CA ASN A 13 -22.53 -18.26 10.26
C ASN A 13 -21.08 -17.80 10.32
N SER A 14 -20.18 -18.60 9.77
CA SER A 14 -18.76 -18.27 9.76
C SER A 14 -18.01 -19.09 8.72
N SER A 15 -17.65 -18.46 7.62
CA SER A 15 -16.94 -19.13 6.54
C SER A 15 -16.40 -18.13 5.53
N LYS A 16 -15.17 -18.34 5.08
CA LYS A 16 -14.54 -17.46 4.10
C LYS A 16 -14.14 -18.23 2.85
N LEU A 17 -13.93 -17.50 1.76
CA LEU A 17 -13.55 -18.11 0.49
C LEU A 17 -12.04 -18.36 0.44
N VAL A 18 -11.64 -19.39 -0.28
CA VAL A 18 -10.23 -19.73 -0.42
C VAL A 18 -9.53 -18.84 -1.43
N ALA A 19 -9.12 -17.65 -0.97
CA ALA A 19 -8.44 -16.70 -1.83
C ALA A 19 -7.10 -17.26 -2.33
N ALA A 20 -6.73 -16.88 -3.55
CA ALA A 20 -5.48 -17.34 -4.14
C ALA A 20 -4.42 -16.24 -4.11
N ALA A 21 -3.15 -16.64 -4.24
CA ALA A 21 -2.05 -15.69 -4.22
C ALA A 21 -1.25 -15.76 -5.52
N GLU A 22 -0.51 -14.69 -5.80
CA GLU A 22 0.31 -14.64 -7.02
C GLU A 22 1.54 -13.76 -6.80
N LYS A 23 2.56 -13.99 -7.63
CA LYS A 23 3.80 -13.21 -7.53
C LYS A 23 4.17 -12.61 -8.89
N GLU A 24 3.66 -11.41 -9.15
CA GLU A 24 3.95 -10.72 -10.41
C GLU A 24 3.41 -9.30 -10.38
N ARG A 25 4.21 -8.36 -10.88
CA ARG A 25 3.82 -6.96 -10.91
C ARG A 25 3.19 -6.60 -12.26
N LEU A 26 2.70 -5.37 -12.37
CA LEU A 26 2.07 -4.90 -13.61
C LEU A 26 2.05 -3.38 -13.66
N ASP A 27 1.95 -2.84 -14.87
CA ASP A 27 1.91 -1.40 -15.06
C ASP A 27 3.22 -0.76 -14.61
N LYS A 28 4.31 -1.49 -14.78
CA LYS A 28 5.63 -1.00 -14.40
C LYS A 28 5.53 -0.08 -13.18
N HIS A 29 4.62 -0.39 -12.27
CA HIS A 29 4.43 0.40 -11.07
C HIS A 29 5.10 -0.26 -9.87
N LEU A 30 6.43 -0.28 -9.88
CA LEU A 30 7.19 -0.88 -8.80
C LEU A 30 7.36 0.10 -7.65
N GLY A 31 7.65 1.36 -7.99
CA GLY A 31 7.85 2.38 -6.97
C GLY A 31 8.39 1.81 -5.67
N ILE A 32 7.60 1.90 -4.61
CA ILE A 32 8.01 1.39 -3.31
C ILE A 32 6.84 0.76 -2.56
N PRO A 33 7.09 -0.38 -1.90
CA PRO A 33 6.06 -1.09 -1.14
C PRO A 33 5.65 -0.35 0.13
N CYS A 34 4.45 -0.64 0.62
CA CYS A 34 3.93 0.00 1.81
C CYS A 34 4.76 -0.39 3.04
N ASN A 35 4.89 0.55 3.97
CA ASN A 35 5.66 0.30 5.20
C ASN A 35 4.74 -0.16 6.33
N ASN A 36 3.44 -0.14 6.07
CA ASN A 36 2.46 -0.55 7.07
C ASN A 36 1.91 -1.94 6.75
N CYS A 37 1.09 -2.01 5.69
CA CYS A 37 0.50 -3.28 5.28
C CYS A 37 1.50 -4.10 4.47
N LYS A 38 2.54 -3.45 3.98
CA LYS A 38 3.57 -4.13 3.20
C LYS A 38 2.98 -4.72 1.92
N GLN A 39 2.15 -3.93 1.23
CA GLN A 39 1.51 -4.38 0.00
C GLN A 39 2.43 -4.12 -1.20
N PHE A 40 2.79 -5.19 -1.90
CA PHE A 40 3.66 -5.09 -3.07
C PHE A 40 3.30 -6.15 -4.10
N PRO A 41 2.99 -5.69 -5.33
CA PRO A 41 2.99 -4.26 -5.67
C PRO A 41 1.84 -3.51 -4.98
N ILE A 42 1.96 -2.19 -4.94
CA ILE A 42 0.93 -1.36 -4.33
C ILE A 42 -0.16 -0.98 -5.34
N GLU A 43 -1.34 -1.56 -5.16
CA GLU A 43 -2.46 -1.29 -6.06
C GLU A 43 -2.78 0.21 -6.08
N GLY A 44 -3.06 0.77 -4.91
CA GLY A 44 -3.38 2.18 -4.81
C GLY A 44 -2.21 3.06 -5.16
N LYS A 45 -2.34 4.36 -4.91
CA LYS A 45 -1.29 5.32 -5.19
C LYS A 45 -0.07 5.05 -4.33
N CYS A 46 1.00 5.80 -4.57
CA CYS A 46 2.24 5.64 -3.81
C CYS A 46 2.50 6.86 -2.93
N TYR A 47 2.40 6.67 -1.61
CA TYR A 47 2.62 7.76 -0.66
C TYR A 47 4.00 7.63 0.00
N LYS A 48 4.52 8.75 0.45
CA LYS A 48 5.83 8.78 1.11
C LYS A 48 5.87 9.87 2.19
N CYS A 49 6.45 9.52 3.33
CA CYS A 49 6.56 10.47 4.44
C CYS A 49 7.77 11.39 4.26
N THR A 50 7.54 12.68 4.35
CA THR A 50 8.61 13.67 4.19
C THR A 50 9.27 13.98 5.52
N GLU A 51 8.77 13.35 6.59
CA GLU A 51 9.33 13.56 7.92
C GLU A 51 10.05 12.32 8.41
N CYS A 52 9.70 11.16 7.85
CA CYS A 52 10.31 9.90 8.23
C CYS A 52 11.35 9.47 7.20
N ILE A 53 11.90 8.27 7.39
CA ILE A 53 12.91 7.75 6.47
C ILE A 53 12.44 6.47 5.81
N GLU A 54 12.78 6.30 4.53
CA GLU A 54 12.38 5.11 3.78
C GLU A 54 10.98 4.67 4.17
N TYR A 55 10.09 5.64 4.35
CA TYR A 55 8.71 5.35 4.72
C TYR A 55 7.76 5.65 3.55
N HIS A 56 6.92 4.69 3.22
CA HIS A 56 5.96 4.84 2.13
C HIS A 56 4.67 4.08 2.43
N LEU A 57 3.54 4.75 2.26
CA LEU A 57 2.23 4.14 2.50
C LEU A 57 1.42 4.06 1.22
N CYS A 58 0.31 3.33 1.27
CA CYS A 58 -0.56 3.17 0.12
C CYS A 58 -1.88 3.90 0.33
N GLN A 59 -2.41 4.47 -0.75
CA GLN A 59 -3.68 5.20 -0.67
C GLN A 59 -4.61 4.58 0.36
N GLU A 60 -4.59 3.24 0.43
CA GLU A 60 -5.45 2.52 1.37
C GLU A 60 -5.08 2.87 2.81
N CYS A 61 -3.86 2.49 3.21
CA CYS A 61 -3.38 2.75 4.56
C CYS A 61 -3.56 4.22 4.92
N PHE A 62 -3.27 5.10 3.97
CA PHE A 62 -3.41 6.53 4.19
C PHE A 62 -4.77 6.87 4.78
N ASP A 63 -5.80 6.18 4.29
CA ASP A 63 -7.17 6.42 4.77
C ASP A 63 -7.27 6.14 6.26
N SER A 64 -6.41 5.25 6.76
CA SER A 64 -6.41 4.88 8.17
C SER A 64 -6.28 6.13 9.05
N TYR A 65 -5.65 7.16 8.50
CA TYR A 65 -5.45 8.41 9.23
C TYR A 65 -4.65 8.17 10.50
N CYS A 66 -3.48 7.56 10.35
CA CYS A 66 -2.61 7.28 11.49
C CYS A 66 -1.27 7.99 11.34
N HIS A 67 -0.67 7.87 10.16
CA HIS A 67 0.61 8.50 9.89
C HIS A 67 0.42 9.93 9.36
N LEU A 68 -0.81 10.26 9.00
CA LEU A 68 -1.13 11.58 8.48
C LEU A 68 -0.43 12.66 9.30
N SER A 69 -0.20 12.38 10.58
CA SER A 69 0.45 13.32 11.46
C SER A 69 1.65 13.98 10.77
N HIS A 70 2.29 13.23 9.89
CA HIS A 70 3.45 13.73 9.16
C HIS A 70 3.07 14.14 7.74
N THR A 71 3.82 15.09 7.17
CA THR A 71 3.55 15.56 5.82
C THR A 71 3.93 14.51 4.79
N PHE A 72 2.93 13.85 4.22
CA PHE A 72 3.17 12.81 3.21
C PHE A 72 3.05 13.40 1.80
N THR A 73 3.43 12.60 0.81
CA THR A 73 3.39 13.04 -0.58
C THR A 73 3.03 11.88 -1.50
N PHE A 74 2.07 12.10 -2.39
CA PHE A 74 1.63 11.08 -3.33
C PHE A 74 2.15 11.39 -4.74
N ARG A 75 2.57 10.34 -5.45
CA ARG A 75 3.08 10.49 -6.80
C ARG A 75 2.08 9.96 -7.83
N GLU A 76 2.45 10.06 -9.10
CA GLU A 76 1.57 9.60 -10.17
C GLU A 76 2.32 8.62 -11.10
N LYS A 77 1.56 7.94 -11.95
CA LYS A 77 2.14 6.99 -12.88
C LYS A 77 3.34 7.60 -13.62
N ARG A 78 4.14 6.75 -14.25
CA ARG A 78 5.31 7.22 -14.98
C ARG A 78 5.02 8.53 -15.71
N ASN A 79 6.07 9.29 -15.99
CA ASN A 79 5.92 10.56 -16.68
C ASN A 79 5.15 11.57 -15.82
N GLN A 80 5.42 11.55 -14.52
CA GLN A 80 4.75 12.45 -13.59
C GLN A 80 5.69 12.87 -12.46
N LYS A 81 5.16 13.61 -11.50
CA LYS A 81 5.95 14.06 -10.36
C LYS A 81 5.11 14.08 -9.09
N TRP A 82 5.77 13.93 -7.94
CA TRP A 82 5.08 13.92 -6.66
C TRP A 82 4.08 15.08 -6.56
N ARG A 83 3.15 14.98 -5.63
CA ARG A 83 2.14 16.00 -5.44
C ARG A 83 1.89 16.26 -3.96
N SER A 84 2.05 17.52 -3.55
CA SER A 84 1.85 17.89 -2.15
C SER A 84 0.43 17.57 -1.70
N LEU A 85 0.33 16.82 -0.59
CA LEU A 85 -0.97 16.44 -0.05
C LEU A 85 -1.51 17.51 0.89
N GLU A 86 -2.81 17.47 1.15
CA GLU A 86 -3.45 18.44 2.03
C GLU A 86 -3.88 17.78 3.33
N LYS A 87 -3.23 18.16 4.43
CA LYS A 87 -3.54 17.60 5.73
C LYS A 87 -5.04 17.70 6.01
N ARG A 88 -5.60 16.63 6.58
CA ARG A 88 -7.02 16.58 6.90
C ARG A 88 -7.83 17.39 5.89
N ALA A 89 -7.47 17.25 4.62
CA ALA A 89 -8.16 17.97 3.55
C ALA A 89 -8.52 19.39 3.97
N ASP A 90 -7.51 20.13 4.43
CA ASP A 90 -7.72 21.50 4.87
C ASP A 90 -6.49 22.36 4.57
N GLU A 91 -6.71 23.50 3.93
CA GLU A 91 -5.62 24.41 3.58
C GLU A 91 -5.82 25.77 4.24
N VAL A 92 -4.71 26.38 4.66
CA VAL A 92 -4.77 27.69 5.31
C VAL A 92 -5.31 28.75 4.34
N SER A 93 -6.07 29.70 4.89
CA SER A 93 -6.64 30.77 4.08
C SER A 93 -7.09 31.93 4.96
N GLY A 94 -6.67 33.13 4.61
CA GLY A 94 -7.04 34.31 5.37
C GLY A 94 -7.06 34.04 6.86
N PRO A 95 -7.79 34.88 7.61
CA PRO A 95 -7.92 34.76 9.06
C PRO A 95 -8.72 33.53 9.47
N SER A 96 -8.99 33.42 10.77
CA SER A 96 -9.75 32.28 11.29
C SER A 96 -11.22 32.39 10.90
N SER A 97 -11.87 33.45 11.37
CA SER A 97 -13.29 33.67 11.08
C SER A 97 -13.60 33.33 9.64
N GLY A 98 -12.96 34.04 8.71
CA GLY A 98 -13.19 33.80 7.30
C GLY A 98 -12.08 34.35 6.42
ZN ZN B . -0.57 -0.08 3.06
ZN ZN C . 6.37 9.88 9.41
N GLY A 1 -56.03 -28.48 11.58
CA GLY A 1 -54.81 -28.35 12.35
C GLY A 1 -53.59 -28.82 11.59
N SER A 2 -52.42 -28.64 12.20
CA SER A 2 -51.17 -29.06 11.57
C SER A 2 -50.18 -29.56 12.61
N SER A 3 -49.02 -30.00 12.15
CA SER A 3 -47.98 -30.52 13.04
C SER A 3 -46.60 -30.39 12.41
N GLY A 4 -45.56 -30.65 13.19
CA GLY A 4 -44.20 -30.56 12.69
C GLY A 4 -43.29 -31.61 13.29
N SER A 5 -42.00 -31.50 13.02
CA SER A 5 -41.02 -32.45 13.53
C SER A 5 -39.60 -31.90 13.39
N SER A 6 -38.64 -32.63 13.94
CA SER A 6 -37.23 -32.22 13.88
C SER A 6 -36.31 -33.43 13.93
N GLY A 7 -35.10 -33.26 13.40
CA GLY A 7 -34.14 -34.35 13.39
C GLY A 7 -32.86 -33.99 14.13
N LEU A 8 -31.75 -34.58 13.69
CA LEU A 8 -30.46 -34.33 14.32
C LEU A 8 -29.32 -34.58 13.34
N GLU A 9 -28.21 -33.88 13.51
CA GLU A 9 -27.05 -34.04 12.65
C GLU A 9 -25.86 -34.58 13.44
N GLU A 10 -24.77 -34.86 12.73
CA GLU A 10 -23.57 -35.38 13.36
C GLU A 10 -22.37 -34.49 13.05
N PHE A 11 -21.24 -34.79 13.69
CA PHE A 11 -20.02 -34.01 13.49
C PHE A 11 -19.12 -34.67 12.46
N LYS A 12 -18.05 -33.97 12.07
CA LYS A 12 -17.11 -34.49 11.09
C LYS A 12 -15.67 -34.32 11.56
N ASN A 13 -14.73 -34.78 10.75
CA ASN A 13 -13.32 -34.67 11.09
C ASN A 13 -12.83 -33.23 10.99
N SER A 14 -11.57 -33.00 11.32
CA SER A 14 -10.99 -31.67 11.27
C SER A 14 -10.33 -31.42 9.92
N SER A 15 -9.90 -30.17 9.70
CA SER A 15 -9.25 -29.79 8.45
C SER A 15 -7.74 -30.00 8.54
N LYS A 16 -7.07 -29.93 7.39
CA LYS A 16 -5.63 -30.10 7.34
C LYS A 16 -4.95 -28.84 6.83
N LEU A 17 -3.64 -28.73 7.08
CA LEU A 17 -2.88 -27.57 6.64
C LEU A 17 -2.99 -27.37 5.13
N VAL A 18 -2.74 -26.15 4.68
CA VAL A 18 -2.81 -25.83 3.25
C VAL A 18 -1.60 -25.02 2.81
N ALA A 19 -0.80 -25.60 1.92
CA ALA A 19 0.40 -24.94 1.42
C ALA A 19 0.08 -23.52 0.96
N ALA A 20 1.12 -22.75 0.66
CA ALA A 20 0.95 -21.37 0.20
C ALA A 20 1.61 -21.16 -1.15
N ALA A 21 1.25 -20.07 -1.82
CA ALA A 21 1.80 -19.75 -3.12
C ALA A 21 2.78 -18.58 -3.03
N GLU A 22 3.40 -18.24 -4.15
CA GLU A 22 4.37 -17.15 -4.19
C GLU A 22 3.80 -15.95 -4.95
N LYS A 23 4.40 -14.78 -4.74
CA LYS A 23 3.95 -13.57 -5.40
C LYS A 23 5.00 -13.06 -6.39
N GLU A 24 4.56 -12.71 -7.59
CA GLU A 24 5.47 -12.22 -8.63
C GLU A 24 5.46 -10.69 -8.66
N ARG A 25 6.33 -10.13 -9.51
CA ARG A 25 6.43 -8.69 -9.64
C ARG A 25 5.52 -8.17 -10.75
N LEU A 26 5.16 -6.90 -10.68
CA LEU A 26 4.29 -6.30 -11.68
C LEU A 26 4.97 -5.08 -12.32
N ASP A 27 5.11 -5.12 -13.64
CA ASP A 27 5.73 -4.02 -14.36
C ASP A 27 4.82 -2.80 -14.40
N LYS A 28 3.52 -3.02 -14.25
CA LYS A 28 2.54 -1.94 -14.25
C LYS A 28 3.02 -0.77 -13.41
N HIS A 29 3.54 -1.07 -12.22
CA HIS A 29 4.04 -0.04 -11.32
C HIS A 29 4.76 -0.65 -10.13
N LEU A 30 6.06 -0.42 -10.03
CA LEU A 30 6.86 -0.95 -8.94
C LEU A 30 6.99 0.06 -7.82
N GLY A 31 7.21 1.32 -8.19
CA GLY A 31 7.34 2.37 -7.19
C GLY A 31 7.92 1.87 -5.88
N ILE A 32 7.14 1.96 -4.82
CA ILE A 32 7.59 1.50 -3.50
C ILE A 32 6.44 0.88 -2.71
N PRO A 33 6.69 -0.29 -2.12
CA PRO A 33 5.69 -1.01 -1.34
C PRO A 33 5.38 -0.31 -0.01
N CYS A 34 4.22 -0.63 0.56
CA CYS A 34 3.81 -0.03 1.82
C CYS A 34 4.73 -0.45 2.96
N ASN A 35 4.83 0.40 3.98
CA ASN A 35 5.68 0.12 5.12
C ASN A 35 4.87 -0.50 6.27
N ASN A 36 3.57 -0.26 6.26
CA ASN A 36 2.68 -0.81 7.28
C ASN A 36 2.15 -2.17 6.88
N CYS A 37 1.21 -2.17 5.94
CA CYS A 37 0.61 -3.42 5.46
C CYS A 37 1.57 -4.16 4.55
N LYS A 38 2.47 -3.42 3.91
CA LYS A 38 3.45 -4.01 3.00
C LYS A 38 2.77 -4.56 1.76
N GLN A 39 1.81 -3.81 1.23
CA GLN A 39 1.08 -4.23 0.04
C GLN A 39 1.92 -3.98 -1.22
N PHE A 40 2.23 -5.05 -1.93
CA PHE A 40 3.02 -4.95 -3.16
C PHE A 40 2.60 -6.01 -4.17
N PRO A 41 2.32 -5.57 -5.40
CA PRO A 41 2.41 -4.16 -5.78
C PRO A 41 1.32 -3.32 -5.13
N ILE A 42 1.54 -2.01 -5.08
CA ILE A 42 0.58 -1.09 -4.48
C ILE A 42 -0.46 -0.64 -5.51
N GLU A 43 -1.50 -1.45 -5.68
CA GLU A 43 -2.57 -1.13 -6.63
C GLU A 43 -2.98 0.32 -6.51
N GLY A 44 -3.20 0.78 -5.29
CA GLY A 44 -3.59 2.17 -5.07
C GLY A 44 -2.45 3.13 -5.29
N LYS A 45 -2.68 4.40 -4.96
CA LYS A 45 -1.67 5.43 -5.13
C LYS A 45 -0.44 5.14 -4.26
N CYS A 46 0.57 5.99 -4.36
CA CYS A 46 1.80 5.82 -3.59
C CYS A 46 2.04 7.04 -2.70
N TYR A 47 2.37 6.77 -1.44
CA TYR A 47 2.63 7.84 -0.48
C TYR A 47 3.90 7.56 0.31
N LYS A 48 4.53 8.62 0.81
CA LYS A 48 5.76 8.49 1.59
C LYS A 48 5.92 9.67 2.54
N CYS A 49 6.62 9.45 3.65
CA CYS A 49 6.86 10.49 4.64
C CYS A 49 8.12 11.27 4.32
N THR A 50 8.01 12.59 4.27
CA THR A 50 9.15 13.44 3.97
C THR A 50 9.89 13.83 5.24
N GLU A 51 9.55 13.17 6.35
CA GLU A 51 10.19 13.45 7.63
C GLU A 51 10.88 12.20 8.16
N CYS A 52 10.37 11.03 7.79
CA CYS A 52 10.94 9.77 8.23
C CYS A 52 11.95 9.24 7.22
N ILE A 53 12.46 8.04 7.47
CA ILE A 53 13.43 7.42 6.58
C ILE A 53 12.91 6.09 6.03
N GLU A 54 13.04 5.91 4.71
CA GLU A 54 12.59 4.68 4.07
C GLU A 54 11.18 4.33 4.52
N TYR A 55 10.25 5.27 4.37
CA TYR A 55 8.87 5.06 4.76
C TYR A 55 7.92 5.36 3.61
N HIS A 56 7.05 4.41 3.30
CA HIS A 56 6.09 4.58 2.22
C HIS A 56 4.79 3.83 2.52
N LEU A 57 3.66 4.50 2.32
CA LEU A 57 2.36 3.89 2.57
C LEU A 57 1.59 3.70 1.27
N CYS A 58 0.37 3.19 1.37
CA CYS A 58 -0.47 2.95 0.21
C CYS A 58 -1.82 3.64 0.36
N GLN A 59 -2.40 4.08 -0.75
CA GLN A 59 -3.68 4.76 -0.74
C GLN A 59 -4.59 4.17 0.34
N GLU A 60 -4.52 2.85 0.51
CA GLU A 60 -5.34 2.17 1.51
C GLU A 60 -4.99 2.66 2.92
N CYS A 61 -3.80 2.32 3.37
CA CYS A 61 -3.35 2.71 4.70
C CYS A 61 -3.52 4.22 4.91
N PHE A 62 -3.44 4.97 3.81
CA PHE A 62 -3.58 6.43 3.87
C PHE A 62 -5.02 6.81 4.25
N ASP A 63 -5.98 6.01 3.80
CA ASP A 63 -7.38 6.26 4.08
C ASP A 63 -7.61 6.42 5.59
N SER A 64 -6.78 5.74 6.38
CA SER A 64 -6.90 5.80 7.84
C SER A 64 -6.29 7.10 8.38
N TYR A 65 -5.42 7.72 7.59
CA TYR A 65 -4.78 8.95 7.98
C TYR A 65 -4.11 8.81 9.34
N CYS A 66 -3.30 7.77 9.50
CA CYS A 66 -2.61 7.51 10.75
C CYS A 66 -1.28 8.27 10.81
N HIS A 67 -0.36 7.90 9.93
CA HIS A 67 0.95 8.55 9.88
C HIS A 67 0.83 9.96 9.34
N LEU A 68 -0.33 10.30 8.78
CA LEU A 68 -0.57 11.62 8.24
C LEU A 68 0.02 12.70 9.14
N SER A 69 0.17 12.38 10.41
CA SER A 69 0.71 13.32 11.38
C SER A 69 1.94 14.03 10.82
N HIS A 70 2.65 13.35 9.92
CA HIS A 70 3.84 13.92 9.31
C HIS A 70 3.54 14.42 7.90
N THR A 71 4.54 15.01 7.25
CA THR A 71 4.38 15.55 5.91
C THR A 71 4.51 14.44 4.86
N PHE A 72 3.40 14.09 4.23
CA PHE A 72 3.39 13.04 3.21
C PHE A 72 3.17 13.64 1.82
N THR A 73 3.44 12.85 0.79
CA THR A 73 3.28 13.29 -0.58
C THR A 73 2.94 12.13 -1.50
N PHE A 74 1.94 12.33 -2.36
CA PHE A 74 1.51 11.29 -3.29
C PHE A 74 2.01 11.60 -4.70
N ARG A 75 2.27 10.55 -5.48
CA ARG A 75 2.75 10.70 -6.85
C ARG A 75 1.71 10.20 -7.84
N GLU A 76 2.01 10.34 -9.13
CA GLU A 76 1.10 9.90 -10.18
C GLU A 76 1.81 8.94 -11.14
N LYS A 77 1.03 8.28 -11.98
CA LYS A 77 1.57 7.32 -12.95
C LYS A 77 2.75 7.93 -13.69
N ARG A 78 3.52 7.07 -14.37
CA ARG A 78 4.67 7.52 -15.13
C ARG A 78 4.40 8.87 -15.78
N ASN A 79 5.47 9.61 -16.09
CA ASN A 79 5.35 10.92 -16.72
C ASN A 79 4.62 11.89 -15.80
N GLN A 80 4.88 11.79 -14.50
CA GLN A 80 4.25 12.68 -13.53
C GLN A 80 5.18 12.94 -12.35
N LYS A 81 4.80 13.88 -11.50
CA LYS A 81 5.60 14.23 -10.33
C LYS A 81 4.76 14.21 -9.06
N TRP A 82 5.42 14.13 -7.91
CA TRP A 82 4.72 14.11 -6.63
C TRP A 82 3.71 15.24 -6.54
N ARG A 83 2.91 15.22 -5.48
CA ARG A 83 1.89 16.25 -5.27
C ARG A 83 1.59 16.42 -3.79
N SER A 84 1.51 17.67 -3.35
CA SER A 84 1.23 17.99 -1.96
C SER A 84 -0.22 17.68 -1.61
N LEU A 85 -0.44 16.67 -0.78
CA LEU A 85 -1.78 16.29 -0.37
C LEU A 85 -2.52 17.47 0.27
N GLU A 86 -3.83 17.53 0.04
CA GLU A 86 -4.65 18.61 0.58
C GLU A 86 -5.74 18.05 1.51
N LYS A 87 -6.25 18.90 2.38
CA LYS A 87 -7.30 18.50 3.32
C LYS A 87 -6.88 17.25 4.09
N ARG A 88 -5.69 17.31 4.68
CA ARG A 88 -5.18 16.17 5.46
C ARG A 88 -5.24 16.47 6.96
N ALA A 89 -5.21 15.41 7.76
CA ALA A 89 -5.26 15.56 9.22
C ALA A 89 -3.86 15.66 9.81
N ASP A 90 -3.48 16.86 10.20
CA ASP A 90 -2.16 17.09 10.79
C ASP A 90 -2.25 17.19 12.31
N GLU A 91 -2.24 16.04 12.97
CA GLU A 91 -2.31 15.99 14.42
C GLU A 91 -1.51 14.82 14.98
N VAL A 92 -0.41 15.13 15.66
CA VAL A 92 0.44 14.11 16.24
C VAL A 92 -0.39 13.04 16.95
N SER A 93 -0.10 11.77 16.63
CA SER A 93 -0.83 10.66 17.23
C SER A 93 0.06 9.41 17.28
N GLY A 94 0.34 8.95 18.50
CA GLY A 94 1.17 7.77 18.68
C GLY A 94 0.93 6.72 17.59
N PRO A 95 2.01 6.04 17.19
CA PRO A 95 1.93 5.01 16.14
C PRO A 95 1.20 3.76 16.63
N SER A 96 0.04 3.50 16.02
CA SER A 96 -0.76 2.34 16.38
C SER A 96 -0.41 1.14 15.52
N SER A 97 -0.70 -0.06 16.02
CA SER A 97 -0.41 -1.29 15.30
C SER A 97 -1.38 -1.47 14.13
N GLY A 98 -2.67 -1.34 14.42
CA GLY A 98 -3.68 -1.49 13.39
C GLY A 98 -3.48 -2.75 12.57
ZN ZN B . -0.62 -0.15 3.29
ZN ZN C . 6.83 10.16 9.54
N GLY A 1 40.28 -74.74 23.88
CA GLY A 1 39.08 -74.34 23.17
C GLY A 1 39.36 -73.89 21.75
N SER A 2 38.43 -73.15 21.16
CA SER A 2 38.58 -72.67 19.80
C SER A 2 37.80 -71.38 19.59
N SER A 3 38.28 -70.53 18.69
CA SER A 3 37.64 -69.26 18.40
C SER A 3 37.45 -69.07 16.90
N GLY A 4 36.74 -68.01 16.52
CA GLY A 4 36.50 -67.74 15.11
C GLY A 4 36.52 -66.26 14.81
N SER A 5 35.69 -65.84 13.85
CA SER A 5 35.62 -64.45 13.44
C SER A 5 34.30 -64.14 12.76
N SER A 6 34.07 -62.86 12.48
CA SER A 6 32.83 -62.44 11.83
C SER A 6 33.05 -61.14 11.06
N GLY A 7 32.05 -60.77 10.25
CA GLY A 7 32.16 -59.55 9.46
C GLY A 7 31.32 -58.43 10.03
N LEU A 8 31.13 -57.37 9.25
CA LEU A 8 30.35 -56.23 9.68
C LEU A 8 30.17 -55.22 8.54
N GLU A 9 29.13 -54.40 8.64
CA GLU A 9 28.86 -53.39 7.61
C GLU A 9 28.99 -51.98 8.20
N GLU A 10 28.93 -50.98 7.32
CA GLU A 10 29.04 -49.59 7.75
C GLU A 10 27.95 -48.75 7.10
N PHE A 11 27.80 -47.51 7.59
CA PHE A 11 26.79 -46.59 7.06
C PHE A 11 27.44 -45.31 6.57
N LYS A 12 26.63 -44.43 5.98
CA LYS A 12 27.11 -43.15 5.47
C LYS A 12 26.05 -42.07 5.60
N ASN A 13 26.43 -40.84 5.32
CA ASN A 13 25.50 -39.71 5.40
C ASN A 13 25.45 -38.96 4.08
N SER A 14 24.47 -38.07 3.94
CA SER A 14 24.31 -37.29 2.72
C SER A 14 24.29 -35.79 3.04
N SER A 15 24.19 -34.97 1.99
CA SER A 15 24.16 -33.53 2.16
C SER A 15 23.02 -32.90 1.35
N LYS A 16 22.81 -31.61 1.53
CA LYS A 16 21.75 -30.89 0.82
C LYS A 16 22.28 -30.31 -0.48
N LEU A 17 21.37 -30.05 -1.41
CA LEU A 17 21.74 -29.48 -2.71
C LEU A 17 21.09 -28.12 -2.92
N VAL A 18 21.76 -27.25 -3.68
CA VAL A 18 21.25 -25.92 -3.96
C VAL A 18 19.89 -25.99 -4.66
N ALA A 19 19.22 -24.84 -4.76
CA ALA A 19 17.93 -24.77 -5.40
C ALA A 19 17.47 -23.33 -5.58
N ALA A 20 16.85 -23.03 -6.71
CA ALA A 20 16.36 -21.69 -7.00
C ALA A 20 15.05 -21.72 -7.77
N ALA A 21 14.47 -20.55 -7.99
CA ALA A 21 13.21 -20.45 -8.72
C ALA A 21 13.13 -19.14 -9.50
N GLU A 22 12.37 -19.16 -10.60
CA GLU A 22 12.22 -17.96 -11.43
C GLU A 22 11.36 -16.92 -10.72
N LYS A 23 12.00 -15.86 -10.24
CA LYS A 23 11.31 -14.79 -9.55
C LYS A 23 10.82 -13.73 -10.53
N GLU A 24 9.62 -13.21 -10.29
CA GLU A 24 9.04 -12.20 -11.16
C GLU A 24 8.14 -11.25 -10.36
N ARG A 25 8.27 -9.96 -10.63
CA ARG A 25 7.47 -8.95 -9.93
C ARG A 25 6.88 -7.95 -10.92
N LEU A 26 5.68 -7.47 -10.63
CA LEU A 26 5.00 -6.52 -11.50
C LEU A 26 5.87 -5.28 -11.72
N ASP A 27 6.81 -5.38 -12.65
CA ASP A 27 7.69 -4.27 -12.97
C ASP A 27 6.91 -2.98 -13.16
N LYS A 28 5.67 -3.10 -13.64
CA LYS A 28 4.81 -1.94 -13.86
C LYS A 28 4.35 -1.34 -12.55
N HIS A 29 4.83 -0.14 -12.25
CA HIS A 29 4.46 0.56 -11.02
C HIS A 29 5.18 -0.06 -9.82
N LEU A 30 6.49 -0.24 -9.94
CA LEU A 30 7.29 -0.82 -8.87
C LEU A 30 7.41 0.16 -7.70
N GLY A 31 7.64 1.42 -8.02
CA GLY A 31 7.78 2.43 -6.98
C GLY A 31 8.35 1.87 -5.69
N ILE A 32 7.56 1.92 -4.63
CA ILE A 32 7.99 1.40 -3.34
C ILE A 32 6.84 0.76 -2.58
N PRO A 33 7.12 -0.38 -1.93
CA PRO A 33 6.12 -1.12 -1.16
C PRO A 33 5.70 -0.38 0.11
N CYS A 34 4.52 -0.71 0.62
CA CYS A 34 4.00 -0.08 1.82
C CYS A 34 4.85 -0.44 3.03
N ASN A 35 4.91 0.46 4.00
CA ASN A 35 5.69 0.25 5.22
C ASN A 35 4.81 -0.29 6.34
N ASN A 36 3.50 -0.27 6.12
CA ASN A 36 2.55 -0.75 7.12
C ASN A 36 2.06 -2.16 6.76
N CYS A 37 1.23 -2.24 5.72
CA CYS A 37 0.69 -3.51 5.27
C CYS A 37 1.69 -4.25 4.40
N LYS A 38 2.69 -3.53 3.91
CA LYS A 38 3.72 -4.12 3.06
C LYS A 38 3.12 -4.66 1.77
N GLN A 39 2.16 -3.92 1.22
CA GLN A 39 1.50 -4.33 -0.01
C GLN A 39 2.39 -4.02 -1.23
N PHE A 40 2.75 -5.07 -1.96
CA PHE A 40 3.60 -4.92 -3.14
C PHE A 40 3.23 -5.95 -4.20
N PRO A 41 2.93 -5.47 -5.41
CA PRO A 41 2.94 -4.03 -5.71
C PRO A 41 1.80 -3.29 -5.02
N ILE A 42 1.86 -1.96 -5.05
CA ILE A 42 0.84 -1.13 -4.42
C ILE A 42 -0.22 -0.70 -5.43
N GLU A 43 -1.27 -1.52 -5.56
CA GLU A 43 -2.35 -1.22 -6.49
C GLU A 43 -2.74 0.26 -6.43
N GLY A 44 -3.12 0.71 -5.24
CA GLY A 44 -3.50 2.10 -5.06
C GLY A 44 -2.36 3.06 -5.29
N LYS A 45 -2.59 4.34 -5.03
CA LYS A 45 -1.57 5.36 -5.21
C LYS A 45 -0.36 5.07 -4.35
N CYS A 46 0.66 5.93 -4.45
CA CYS A 46 1.88 5.77 -3.67
C CYS A 46 2.10 6.95 -2.74
N TYR A 47 2.44 6.66 -1.49
CA TYR A 47 2.66 7.71 -0.50
C TYR A 47 4.01 7.51 0.20
N LYS A 48 4.71 8.62 0.46
CA LYS A 48 6.00 8.56 1.12
C LYS A 48 6.11 9.66 2.18
N CYS A 49 6.64 9.28 3.34
CA CYS A 49 6.80 10.23 4.45
C CYS A 49 8.07 11.05 4.28
N THR A 50 7.94 12.37 4.34
CA THR A 50 9.08 13.27 4.19
C THR A 50 9.74 13.54 5.55
N GLU A 51 9.20 12.92 6.59
CA GLU A 51 9.74 13.10 7.93
C GLU A 51 10.37 11.81 8.45
N CYS A 52 9.92 10.68 7.90
CA CYS A 52 10.43 9.38 8.30
C CYS A 52 11.48 8.88 7.31
N ILE A 53 11.99 7.67 7.55
CA ILE A 53 12.99 7.08 6.68
C ILE A 53 12.43 5.87 5.94
N GLU A 54 12.79 5.73 4.67
CA GLU A 54 12.33 4.62 3.86
C GLU A 54 10.92 4.22 4.23
N TYR A 55 10.07 5.22 4.48
CA TYR A 55 8.69 4.98 4.86
C TYR A 55 7.74 5.38 3.73
N HIS A 56 6.83 4.47 3.38
CA HIS A 56 5.87 4.72 2.31
C HIS A 56 4.56 3.98 2.58
N LEU A 57 3.45 4.68 2.40
CA LEU A 57 2.13 4.09 2.62
C LEU A 57 1.36 3.99 1.31
N CYS A 58 0.31 3.16 1.31
CA CYS A 58 -0.51 2.97 0.12
C CYS A 58 -1.87 3.64 0.30
N GLN A 59 -2.42 4.13 -0.82
CA GLN A 59 -3.72 4.79 -0.79
C GLN A 59 -4.63 4.16 0.27
N GLU A 60 -4.59 2.84 0.36
CA GLU A 60 -5.42 2.13 1.33
C GLU A 60 -5.06 2.53 2.76
N CYS A 61 -3.82 2.26 3.14
CA CYS A 61 -3.34 2.59 4.48
C CYS A 61 -3.56 4.07 4.79
N PHE A 62 -3.29 4.91 3.79
CA PHE A 62 -3.46 6.36 3.95
C PHE A 62 -4.86 6.69 4.45
N ASP A 63 -5.85 5.98 3.92
CA ASP A 63 -7.24 6.20 4.31
C ASP A 63 -7.40 6.16 5.83
N SER A 64 -6.52 5.41 6.48
CA SER A 64 -6.56 5.28 7.94
C SER A 64 -6.44 6.65 8.61
N TYR A 65 -5.72 7.55 7.96
CA TYR A 65 -5.52 8.89 8.48
C TYR A 65 -4.81 8.85 9.83
N CYS A 66 -3.66 8.20 9.87
CA CYS A 66 -2.88 8.09 11.10
C CYS A 66 -1.52 8.76 10.96
N HIS A 67 -0.71 8.24 10.05
CA HIS A 67 0.62 8.80 9.81
C HIS A 67 0.53 10.26 9.38
N LEU A 68 -0.68 10.71 9.08
CA LEU A 68 -0.90 12.09 8.66
C LEU A 68 -0.03 13.05 9.47
N SER A 69 0.13 12.75 10.75
CA SER A 69 0.92 13.59 11.64
C SER A 69 2.12 14.19 10.90
N HIS A 70 2.76 13.36 10.08
CA HIS A 70 3.92 13.80 9.30
C HIS A 70 3.50 14.27 7.91
N THR A 71 4.40 14.96 7.23
CA THR A 71 4.13 15.47 5.88
C THR A 71 4.34 14.39 4.84
N PHE A 72 3.26 13.96 4.20
CA PHE A 72 3.32 12.93 3.17
C PHE A 72 3.10 13.53 1.79
N THR A 73 3.47 12.77 0.76
CA THR A 73 3.33 13.23 -0.62
C THR A 73 3.01 12.06 -1.55
N PHE A 74 2.02 12.26 -2.41
CA PHE A 74 1.61 11.22 -3.36
C PHE A 74 2.10 11.55 -4.77
N ARG A 75 2.50 10.52 -5.50
CA ARG A 75 3.00 10.70 -6.87
C ARG A 75 1.98 10.18 -7.88
N GLU A 76 2.33 10.29 -9.16
CA GLU A 76 1.45 9.83 -10.23
C GLU A 76 2.18 8.87 -11.17
N LYS A 77 1.42 8.19 -12.02
CA LYS A 77 2.00 7.24 -12.96
C LYS A 77 3.18 7.86 -13.70
N ARG A 78 3.97 7.02 -14.35
CA ARG A 78 5.14 7.48 -15.09
C ARG A 78 4.85 8.82 -15.76
N ASN A 79 5.91 9.59 -16.02
CA ASN A 79 5.78 10.89 -16.65
C ASN A 79 4.98 11.85 -15.77
N GLN A 80 5.23 11.79 -14.46
CA GLN A 80 4.55 12.65 -13.51
C GLN A 80 5.43 12.93 -12.29
N LYS A 81 5.07 13.95 -11.54
CA LYS A 81 5.83 14.33 -10.35
C LYS A 81 4.97 14.21 -9.09
N TRP A 82 5.60 14.32 -7.93
CA TRP A 82 4.89 14.22 -6.66
C TRP A 82 3.89 15.37 -6.51
N ARG A 83 3.03 15.28 -5.50
CA ARG A 83 2.03 16.31 -5.24
C ARG A 83 1.77 16.45 -3.75
N SER A 84 1.65 17.69 -3.29
CA SER A 84 1.39 17.96 -1.87
C SER A 84 -0.04 17.60 -1.50
N LEU A 85 -0.19 16.83 -0.43
CA LEU A 85 -1.51 16.41 0.04
C LEU A 85 -2.10 17.44 0.99
N GLU A 86 -3.43 17.48 1.07
CA GLU A 86 -4.12 18.41 1.94
C GLU A 86 -4.51 17.74 3.26
N LYS A 87 -4.38 18.48 4.36
CA LYS A 87 -4.72 17.96 5.67
C LYS A 87 -6.23 17.95 5.87
N ARG A 88 -6.71 16.94 6.60
CA ARG A 88 -8.15 16.81 6.86
C ARG A 88 -8.39 16.17 8.22
N ALA A 89 -9.42 16.64 8.92
CA ALA A 89 -9.76 16.10 10.24
C ALA A 89 -11.25 16.27 10.53
N ASP A 90 -11.95 15.16 10.68
CA ASP A 90 -13.38 15.19 10.97
C ASP A 90 -13.65 14.77 12.41
N GLU A 91 -13.00 13.68 12.84
CA GLU A 91 -13.18 13.18 14.19
C GLU A 91 -12.01 12.29 14.60
N VAL A 92 -11.60 12.41 15.85
CA VAL A 92 -10.47 11.62 16.37
C VAL A 92 -10.97 10.38 17.10
N SER A 93 -10.36 9.25 16.81
CA SER A 93 -10.74 7.98 17.44
C SER A 93 -9.60 7.43 18.29
N GLY A 94 -8.47 7.16 17.65
CA GLY A 94 -7.32 6.64 18.36
C GLY A 94 -6.01 6.93 17.65
N PRO A 95 -4.89 6.73 18.36
CA PRO A 95 -3.55 6.96 17.80
C PRO A 95 -3.17 5.94 16.73
N SER A 96 -3.59 4.70 16.94
CA SER A 96 -3.29 3.63 16.00
C SER A 96 -1.83 3.67 15.56
N SER A 97 -0.95 3.92 16.52
CA SER A 97 0.49 4.00 16.23
C SER A 97 1.04 2.62 15.90
N GLY A 98 0.94 1.70 16.83
CA GLY A 98 1.44 0.36 16.62
C GLY A 98 2.81 0.34 15.96
ZN ZN B . -0.51 -0.20 3.02
ZN ZN C . 6.50 9.68 9.40
N GLY A 1 -57.94 -15.82 30.09
CA GLY A 1 -57.64 -16.34 28.76
C GLY A 1 -56.86 -15.35 27.92
N SER A 2 -55.56 -15.57 27.80
CA SER A 2 -54.70 -14.68 27.02
C SER A 2 -53.46 -15.42 26.52
N SER A 3 -52.77 -14.83 25.56
CA SER A 3 -51.57 -15.43 24.99
C SER A 3 -50.32 -14.96 25.74
N GLY A 4 -49.39 -15.89 25.97
CA GLY A 4 -48.17 -15.56 26.67
C GLY A 4 -46.94 -16.14 25.99
N SER A 5 -45.79 -15.52 26.23
CA SER A 5 -44.53 -15.97 25.64
C SER A 5 -43.34 -15.45 26.42
N SER A 6 -42.38 -16.32 26.68
CA SER A 6 -41.18 -15.95 27.42
C SER A 6 -40.19 -17.11 27.47
N GLY A 7 -38.93 -16.79 27.74
CA GLY A 7 -37.90 -17.81 27.80
C GLY A 7 -36.59 -17.28 28.35
N LEU A 8 -35.51 -18.01 28.09
CA LEU A 8 -34.19 -17.61 28.57
C LEU A 8 -33.11 -18.01 27.57
N GLU A 9 -32.13 -17.14 27.39
CA GLU A 9 -31.03 -17.40 26.46
C GLU A 9 -29.78 -16.63 26.86
N GLU A 10 -28.63 -17.09 26.37
CA GLU A 10 -27.36 -16.43 26.68
C GLU A 10 -26.82 -15.68 25.46
N PHE A 11 -25.77 -14.90 25.67
CA PHE A 11 -25.16 -14.13 24.59
C PHE A 11 -23.65 -14.36 24.54
N LYS A 12 -22.98 -13.65 23.64
CA LYS A 12 -21.53 -13.77 23.49
C LYS A 12 -21.01 -12.77 22.48
N ASN A 13 -19.69 -12.63 22.41
CA ASN A 13 -19.05 -11.70 21.48
C ASN A 13 -17.78 -12.30 20.91
N SER A 14 -17.31 -11.73 19.80
CA SER A 14 -16.10 -12.20 19.14
C SER A 14 -15.72 -11.29 17.97
N SER A 15 -14.48 -11.42 17.51
CA SER A 15 -13.99 -10.60 16.41
C SER A 15 -12.66 -11.15 15.88
N LYS A 16 -12.67 -11.61 14.63
CA LYS A 16 -11.48 -12.15 14.01
C LYS A 16 -11.36 -11.70 12.55
N LEU A 17 -10.21 -11.95 11.94
CA LEU A 17 -9.97 -11.57 10.56
C LEU A 17 -8.83 -12.37 9.95
N VAL A 18 -9.05 -12.90 8.75
CA VAL A 18 -8.03 -13.69 8.07
C VAL A 18 -7.58 -13.00 6.79
N ALA A 19 -6.26 -12.95 6.58
CA ALA A 19 -5.69 -12.33 5.40
C ALA A 19 -4.40 -13.02 4.97
N ALA A 20 -4.19 -13.11 3.67
CA ALA A 20 -2.99 -13.75 3.12
C ALA A 20 -2.36 -12.91 2.02
N ALA A 21 -1.05 -12.99 1.89
CA ALA A 21 -0.32 -12.23 0.88
C ALA A 21 0.40 -13.17 -0.09
N GLU A 22 0.91 -12.60 -1.17
CA GLU A 22 1.64 -13.38 -2.17
C GLU A 22 2.89 -12.66 -2.63
N LYS A 23 3.72 -13.34 -3.42
CA LYS A 23 4.95 -12.77 -3.92
C LYS A 23 4.98 -12.78 -5.45
N GLU A 24 3.85 -12.42 -6.06
CA GLU A 24 3.75 -12.40 -7.51
C GLU A 24 3.30 -11.03 -8.00
N ARG A 25 4.19 -10.33 -8.70
CA ARG A 25 3.89 -9.01 -9.21
C ARG A 25 2.63 -9.03 -10.09
N LEU A 26 1.54 -8.51 -9.55
CA LEU A 26 0.28 -8.48 -10.28
C LEU A 26 0.24 -7.31 -11.26
N ASP A 27 0.35 -6.10 -10.73
CA ASP A 27 0.33 -4.89 -11.56
C ASP A 27 1.74 -4.55 -12.05
N LYS A 28 1.83 -3.50 -12.85
CA LYS A 28 3.12 -3.07 -13.39
C LYS A 28 3.83 -2.12 -12.42
N HIS A 29 3.29 -0.93 -12.27
CA HIS A 29 3.87 0.07 -11.37
C HIS A 29 4.45 -0.60 -10.14
N LEU A 30 5.78 -0.62 -10.04
CA LEU A 30 6.47 -1.22 -8.91
C LEU A 30 6.66 -0.21 -7.78
N GLY A 31 6.97 1.02 -8.15
CA GLY A 31 7.16 2.06 -7.16
C GLY A 31 7.79 1.53 -5.89
N ILE A 32 7.06 1.64 -4.78
CA ILE A 32 7.54 1.17 -3.49
C ILE A 32 6.41 0.59 -2.66
N PRO A 33 6.69 -0.52 -1.96
CA PRO A 33 5.70 -1.20 -1.11
C PRO A 33 5.38 -0.39 0.14
N CYS A 34 4.23 -0.70 0.75
CA CYS A 34 3.80 -0.01 1.95
C CYS A 34 4.71 -0.35 3.13
N ASN A 35 4.81 0.58 4.08
CA ASN A 35 5.65 0.38 5.25
C ASN A 35 4.83 -0.17 6.42
N ASN A 36 3.51 -0.04 6.33
CA ASN A 36 2.62 -0.53 7.37
C ASN A 36 2.08 -1.92 7.02
N CYS A 37 1.17 -1.98 6.06
CA CYS A 37 0.58 -3.24 5.64
C CYS A 37 1.57 -4.05 4.80
N LYS A 38 2.51 -3.34 4.17
CA LYS A 38 3.52 -3.99 3.34
C LYS A 38 2.89 -4.61 2.10
N GLN A 39 1.97 -3.87 1.48
CA GLN A 39 1.28 -4.35 0.28
C GLN A 39 2.15 -4.13 -0.97
N PHE A 40 2.44 -5.21 -1.68
CA PHE A 40 3.26 -5.13 -2.88
C PHE A 40 2.82 -6.17 -3.90
N PRO A 41 2.56 -5.72 -5.14
CA PRO A 41 2.68 -4.31 -5.50
C PRO A 41 1.61 -3.44 -4.86
N ILE A 42 1.79 -2.13 -4.93
CA ILE A 42 0.84 -1.19 -4.35
C ILE A 42 -0.18 -0.72 -5.39
N GLU A 43 -1.26 -1.47 -5.53
CA GLU A 43 -2.31 -1.13 -6.48
C GLU A 43 -2.71 0.34 -6.35
N GLY A 44 -3.06 0.75 -5.13
CA GLY A 44 -3.46 2.11 -4.89
C GLY A 44 -2.32 3.10 -5.09
N LYS A 45 -2.58 4.37 -4.82
CA LYS A 45 -1.57 5.41 -4.97
C LYS A 45 -0.31 5.08 -4.16
N CYS A 46 0.73 5.88 -4.35
CA CYS A 46 1.98 5.67 -3.64
C CYS A 46 2.34 6.89 -2.79
N TYR A 47 2.15 6.76 -1.48
CA TYR A 47 2.44 7.86 -0.57
C TYR A 47 3.77 7.63 0.15
N LYS A 48 4.40 8.71 0.59
CA LYS A 48 5.68 8.63 1.29
C LYS A 48 5.82 9.76 2.31
N CYS A 49 6.55 9.50 3.37
CA CYS A 49 6.77 10.50 4.42
C CYS A 49 8.02 11.31 4.14
N THR A 50 7.86 12.63 4.06
CA THR A 50 8.99 13.52 3.79
C THR A 50 9.70 13.90 5.08
N GLU A 51 9.33 13.25 6.19
CA GLU A 51 9.92 13.52 7.48
C GLU A 51 10.65 12.28 8.01
N CYS A 52 10.19 11.11 7.59
CA CYS A 52 10.78 9.85 8.02
C CYS A 52 11.81 9.37 7.01
N ILE A 53 12.35 8.17 7.25
CA ILE A 53 13.34 7.59 6.36
C ILE A 53 12.84 6.28 5.76
N GLU A 54 13.02 6.11 4.45
CA GLU A 54 12.59 4.91 3.77
C GLU A 54 11.18 4.51 4.20
N TYR A 55 10.30 5.50 4.31
CA TYR A 55 8.92 5.25 4.72
C TYR A 55 7.96 5.53 3.57
N HIS A 56 7.12 4.53 3.26
CA HIS A 56 6.15 4.67 2.19
C HIS A 56 4.85 3.94 2.53
N LEU A 57 3.73 4.61 2.29
CA LEU A 57 2.42 4.03 2.58
C LEU A 57 1.63 3.80 1.29
N CYS A 58 0.41 3.29 1.44
CA CYS A 58 -0.45 3.03 0.29
C CYS A 58 -1.80 3.71 0.46
N GLN A 59 -2.46 4.01 -0.66
CA GLN A 59 -3.77 4.65 -0.63
C GLN A 59 -4.65 4.05 0.45
N GLU A 60 -4.55 2.73 0.64
CA GLU A 60 -5.34 2.04 1.64
C GLU A 60 -5.03 2.56 3.04
N CYS A 61 -3.83 2.27 3.51
CA CYS A 61 -3.39 2.70 4.84
C CYS A 61 -3.61 4.20 5.01
N PHE A 62 -3.45 4.95 3.93
CA PHE A 62 -3.63 6.40 3.96
C PHE A 62 -5.05 6.76 4.37
N ASP A 63 -6.00 5.95 3.95
CA ASP A 63 -7.41 6.18 4.27
C ASP A 63 -7.61 6.31 5.77
N SER A 64 -6.75 5.64 6.53
CA SER A 64 -6.83 5.67 7.99
C SER A 64 -6.28 6.99 8.54
N TYR A 65 -5.45 7.65 7.74
CA TYR A 65 -4.85 8.92 8.14
C TYR A 65 -4.09 8.77 9.45
N CYS A 66 -3.34 7.67 9.58
CA CYS A 66 -2.57 7.40 10.78
C CYS A 66 -1.26 8.18 10.75
N HIS A 67 -0.41 7.88 9.77
CA HIS A 67 0.88 8.54 9.64
C HIS A 67 0.71 9.97 9.13
N LEU A 68 -0.50 10.28 8.65
CA LEU A 68 -0.80 11.61 8.12
C LEU A 68 -0.20 12.69 9.02
N SER A 69 0.02 12.35 10.29
CA SER A 69 0.58 13.29 11.25
C SER A 69 1.78 14.02 10.65
N HIS A 70 2.56 13.31 9.84
CA HIS A 70 3.73 13.90 9.20
C HIS A 70 3.40 14.43 7.81
N THR A 71 4.40 14.99 7.14
CA THR A 71 4.21 15.53 5.79
C THR A 71 4.38 14.45 4.73
N PHE A 72 3.27 14.00 4.17
CA PHE A 72 3.30 12.97 3.14
C PHE A 72 3.10 13.57 1.75
N THR A 73 3.31 12.77 0.72
CA THR A 73 3.16 13.23 -0.66
C THR A 73 2.82 12.07 -1.58
N PHE A 74 1.85 12.29 -2.47
CA PHE A 74 1.45 11.26 -3.42
C PHE A 74 1.99 11.56 -4.82
N ARG A 75 2.29 10.51 -5.57
CA ARG A 75 2.81 10.66 -6.93
C ARG A 75 1.72 10.41 -7.96
N GLU A 76 2.08 10.54 -9.23
CA GLU A 76 1.12 10.33 -10.32
C GLU A 76 1.74 9.46 -11.41
N LYS A 77 0.90 8.99 -12.33
CA LYS A 77 1.35 8.15 -13.44
C LYS A 77 2.58 8.76 -14.11
N ARG A 78 3.28 7.94 -14.89
CA ARG A 78 4.48 8.40 -15.59
C ARG A 78 4.31 9.82 -16.09
N ASN A 79 5.42 10.53 -16.26
CA ASN A 79 5.39 11.90 -16.74
C ASN A 79 4.72 12.81 -15.71
N GLN A 80 5.06 12.62 -14.45
CA GLN A 80 4.50 13.43 -13.37
C GLN A 80 5.50 13.61 -12.23
N LYS A 81 5.06 14.24 -11.16
CA LYS A 81 5.91 14.49 -10.00
C LYS A 81 5.11 14.49 -8.71
N TRP A 82 5.79 14.29 -7.59
CA TRP A 82 5.13 14.29 -6.29
C TRP A 82 4.21 15.50 -6.13
N ARG A 83 3.17 15.34 -5.32
CA ARG A 83 2.22 16.42 -5.09
C ARG A 83 1.95 16.59 -3.60
N SER A 84 1.96 17.84 -3.14
CA SER A 84 1.73 18.14 -1.73
C SER A 84 0.28 17.83 -1.34
N LEU A 85 0.10 16.86 -0.45
CA LEU A 85 -1.23 16.47 0.00
C LEU A 85 -1.86 17.56 0.86
N GLU A 86 -3.15 17.43 1.12
CA GLU A 86 -3.87 18.41 1.94
C GLU A 86 -3.78 18.05 3.42
N LYS A 87 -3.38 19.00 4.24
CA LYS A 87 -3.25 18.78 5.68
C LYS A 87 -4.63 18.58 6.31
N ARG A 88 -5.14 17.36 6.25
CA ARG A 88 -6.44 17.03 6.82
C ARG A 88 -6.32 15.89 7.81
N ALA A 89 -7.17 15.90 8.84
CA ALA A 89 -7.17 14.86 9.85
C ALA A 89 -5.81 14.75 10.53
N ASP A 90 -5.22 15.90 10.86
CA ASP A 90 -3.92 15.95 11.51
C ASP A 90 -4.07 15.78 13.02
N GLU A 91 -3.93 14.55 13.49
CA GLU A 91 -4.05 14.26 14.92
C GLU A 91 -2.82 14.76 15.68
N VAL A 92 -3.07 15.41 16.81
CA VAL A 92 -1.97 15.94 17.63
C VAL A 92 -1.57 14.94 18.72
N SER A 93 -2.45 13.97 18.98
CA SER A 93 -2.19 12.96 20.00
C SER A 93 -0.88 12.23 19.72
N GLY A 94 -0.23 11.77 20.78
CA GLY A 94 1.03 11.05 20.63
C GLY A 94 0.84 9.55 20.57
N PRO A 95 0.99 8.98 19.36
CA PRO A 95 0.84 7.54 19.14
C PRO A 95 1.98 6.74 19.77
N SER A 96 1.96 5.43 19.55
CA SER A 96 2.98 4.55 20.10
C SER A 96 3.71 3.80 18.99
N SER A 97 2.94 3.07 18.18
CA SER A 97 3.52 2.31 17.08
C SER A 97 2.70 2.50 15.80
N GLY A 98 3.20 1.96 14.70
CA GLY A 98 2.50 2.08 13.43
C GLY A 98 2.72 0.89 12.53
ZN ZN B . -0.64 -0.08 3.41
ZN ZN C . 6.70 10.08 9.35
N GLY A 1 62.76 -25.64 -15.41
CA GLY A 1 61.86 -25.34 -16.51
C GLY A 1 60.62 -24.60 -16.04
N SER A 2 60.25 -23.55 -16.78
CA SER A 2 59.08 -22.75 -16.44
C SER A 2 58.46 -22.12 -17.70
N SER A 3 57.19 -21.78 -17.60
CA SER A 3 56.48 -21.18 -18.73
C SER A 3 55.33 -20.31 -18.24
N GLY A 4 54.71 -19.59 -19.17
CA GLY A 4 53.60 -18.71 -18.82
C GLY A 4 52.59 -18.57 -19.94
N SER A 5 51.32 -18.43 -19.58
CA SER A 5 50.25 -18.29 -20.56
C SER A 5 49.03 -17.62 -19.95
N SER A 6 48.11 -17.20 -20.81
CA SER A 6 46.88 -16.54 -20.36
C SER A 6 45.65 -17.38 -20.70
N GLY A 7 44.50 -16.96 -20.19
CA GLY A 7 43.27 -17.69 -20.46
C GLY A 7 42.04 -16.90 -20.08
N LEU A 8 41.37 -16.32 -21.06
CA LEU A 8 40.17 -15.52 -20.82
C LEU A 8 39.31 -15.43 -22.08
N GLU A 9 38.06 -15.88 -21.97
CA GLU A 9 37.14 -15.85 -23.10
C GLU A 9 35.70 -15.79 -22.62
N GLU A 10 34.96 -14.79 -23.11
CA GLU A 10 33.56 -14.61 -22.72
C GLU A 10 32.79 -13.89 -23.81
N PHE A 11 31.77 -14.55 -24.35
CA PHE A 11 30.95 -13.97 -25.41
C PHE A 11 29.50 -14.41 -25.28
N LYS A 12 28.62 -13.75 -26.02
CA LYS A 12 27.19 -14.08 -25.99
C LYS A 12 26.50 -13.67 -27.29
N ASN A 13 25.41 -14.34 -27.61
CA ASN A 13 24.65 -14.04 -28.83
C ASN A 13 23.16 -14.21 -28.60
N SER A 14 22.37 -13.40 -29.30
CA SER A 14 20.91 -13.46 -29.17
C SER A 14 20.28 -14.07 -30.41
N SER A 15 19.16 -14.76 -30.22
CA SER A 15 18.46 -15.39 -31.33
C SER A 15 17.03 -14.89 -31.43
N LYS A 16 16.81 -13.95 -32.34
CA LYS A 16 15.47 -13.38 -32.54
C LYS A 16 14.40 -14.44 -32.39
N LEU A 17 13.54 -14.27 -31.39
CA LEU A 17 12.46 -15.22 -31.15
C LEU A 17 11.13 -14.50 -30.95
N VAL A 18 10.03 -15.24 -31.01
CA VAL A 18 8.71 -14.68 -30.85
C VAL A 18 7.93 -15.42 -29.77
N ALA A 19 8.05 -14.95 -28.53
CA ALA A 19 7.36 -15.55 -27.41
C ALA A 19 6.76 -14.50 -26.48
N ALA A 20 5.56 -14.76 -25.99
CA ALA A 20 4.89 -13.83 -25.09
C ALA A 20 4.89 -14.34 -23.65
N ALA A 21 5.46 -13.55 -22.75
CA ALA A 21 5.54 -13.92 -21.35
C ALA A 21 5.04 -12.79 -20.45
N GLU A 22 4.75 -13.12 -19.20
CA GLU A 22 4.26 -12.13 -18.24
C GLU A 22 5.23 -11.98 -17.07
N LYS A 23 5.33 -10.77 -16.55
CA LYS A 23 6.21 -10.48 -15.43
C LYS A 23 5.53 -10.79 -14.10
N GLU A 24 6.31 -10.81 -13.02
CA GLU A 24 5.76 -11.09 -11.70
C GLU A 24 4.61 -10.15 -11.37
N ARG A 25 4.89 -8.85 -11.35
CA ARG A 25 3.88 -7.86 -11.05
C ARG A 25 2.94 -7.65 -12.24
N LEU A 26 1.65 -7.55 -11.95
CA LEU A 26 0.65 -7.34 -13.00
C LEU A 26 0.42 -5.86 -13.26
N ASP A 27 1.49 -5.08 -13.20
CA ASP A 27 1.41 -3.64 -13.43
C ASP A 27 2.80 -3.02 -13.46
N LYS A 28 3.00 -2.05 -14.35
CA LYS A 28 4.28 -1.38 -14.46
C LYS A 28 4.43 -0.29 -13.40
N HIS A 29 4.04 -0.62 -12.17
CA HIS A 29 4.13 0.32 -11.06
C HIS A 29 4.73 -0.35 -9.83
N LEU A 30 6.03 -0.58 -9.87
CA LEU A 30 6.74 -1.21 -8.75
C LEU A 30 7.09 -0.19 -7.68
N GLY A 31 7.56 0.98 -8.12
CA GLY A 31 7.93 2.03 -7.19
C GLY A 31 8.45 1.48 -5.88
N ILE A 32 7.68 1.66 -4.81
CA ILE A 32 8.07 1.18 -3.50
C ILE A 32 6.86 0.64 -2.73
N PRO A 33 7.06 -0.49 -2.02
CA PRO A 33 6.00 -1.12 -1.23
C PRO A 33 5.63 -0.30 0.00
N CYS A 34 4.50 -0.63 0.61
CA CYS A 34 4.03 0.07 1.79
C CYS A 34 5.00 -0.14 2.96
N ASN A 35 4.99 0.80 3.91
CA ASN A 35 5.86 0.72 5.07
C ASN A 35 5.13 0.09 6.25
N ASN A 36 3.82 -0.02 6.14
CA ASN A 36 3.00 -0.61 7.20
C ASN A 36 2.58 -2.03 6.84
N CYS A 37 1.64 -2.15 5.91
CA CYS A 37 1.15 -3.44 5.47
C CYS A 37 2.07 -4.04 4.41
N LYS A 38 3.17 -3.36 4.13
CA LYS A 38 4.13 -3.83 3.14
C LYS A 38 3.42 -4.37 1.91
N GLN A 39 2.26 -3.80 1.60
CA GLN A 39 1.48 -4.23 0.44
C GLN A 39 2.26 -4.02 -0.85
N PHE A 40 2.53 -5.11 -1.56
CA PHE A 40 3.27 -5.04 -2.81
C PHE A 40 2.77 -6.09 -3.80
N PRO A 41 2.48 -5.66 -5.03
CA PRO A 41 2.62 -4.26 -5.44
C PRO A 41 1.58 -3.36 -4.76
N ILE A 42 1.77 -2.05 -4.91
CA ILE A 42 0.85 -1.08 -4.31
C ILE A 42 -0.15 -0.57 -5.35
N GLU A 43 -1.14 -1.40 -5.66
CA GLU A 43 -2.16 -1.03 -6.63
C GLU A 43 -2.60 0.42 -6.44
N GLY A 44 -3.01 0.75 -5.23
CA GLY A 44 -3.45 2.10 -4.94
C GLY A 44 -2.35 3.13 -5.13
N LYS A 45 -2.65 4.38 -4.79
CA LYS A 45 -1.67 5.45 -4.94
C LYS A 45 -0.40 5.16 -4.14
N CYS A 46 0.63 5.96 -4.36
CA CYS A 46 1.90 5.78 -3.66
C CYS A 46 2.25 7.02 -2.86
N TYR A 47 2.05 6.96 -1.55
CA TYR A 47 2.35 8.09 -0.66
C TYR A 47 3.72 7.92 -0.01
N LYS A 48 4.33 9.05 0.31
CA LYS A 48 5.66 9.04 0.94
C LYS A 48 5.75 10.12 2.02
N CYS A 49 6.27 9.74 3.19
CA CYS A 49 6.42 10.67 4.30
C CYS A 49 7.62 11.59 4.08
N THR A 50 7.38 12.89 4.17
CA THR A 50 8.44 13.88 3.98
C THR A 50 9.12 14.22 5.30
N GLU A 51 8.75 13.50 6.35
CA GLU A 51 9.33 13.72 7.68
C GLU A 51 10.13 12.51 8.14
N CYS A 52 9.75 11.33 7.65
CA CYS A 52 10.44 10.11 8.01
C CYS A 52 11.49 9.74 6.97
N ILE A 53 12.10 8.57 7.14
CA ILE A 53 13.13 8.11 6.21
C ILE A 53 12.67 6.86 5.46
N GLU A 54 12.79 6.90 4.14
CA GLU A 54 12.38 5.77 3.30
C GLU A 54 11.02 5.24 3.72
N TYR A 55 10.10 6.15 4.03
CA TYR A 55 8.76 5.77 4.45
C TYR A 55 7.75 6.01 3.33
N HIS A 56 6.98 4.97 3.01
CA HIS A 56 5.98 5.06 1.96
C HIS A 56 4.73 4.28 2.34
N LEU A 57 3.57 4.89 2.13
CA LEU A 57 2.30 4.25 2.45
C LEU A 57 1.47 4.02 1.19
N CYS A 58 0.36 3.30 1.34
CA CYS A 58 -0.53 3.02 0.22
C CYS A 58 -1.89 3.65 0.43
N GLN A 59 -2.53 4.06 -0.67
CA GLN A 59 -3.84 4.68 -0.61
C GLN A 59 -4.69 4.07 0.50
N GLU A 60 -4.52 2.76 0.71
CA GLU A 60 -5.27 2.06 1.74
C GLU A 60 -4.89 2.55 3.13
N CYS A 61 -3.63 2.35 3.50
CA CYS A 61 -3.13 2.77 4.80
C CYS A 61 -3.36 4.27 5.01
N PHE A 62 -3.40 5.01 3.91
CA PHE A 62 -3.60 6.45 3.97
C PHE A 62 -5.03 6.78 4.39
N ASP A 63 -5.94 5.83 4.18
CA ASP A 63 -7.34 6.01 4.52
C ASP A 63 -7.52 6.00 6.05
N SER A 64 -6.57 5.40 6.74
CA SER A 64 -6.63 5.32 8.20
C SER A 64 -6.22 6.65 8.84
N TYR A 65 -5.51 7.47 8.07
CA TYR A 65 -5.06 8.77 8.56
C TYR A 65 -4.26 8.61 9.86
N CYS A 66 -3.53 7.51 9.96
CA CYS A 66 -2.72 7.25 11.15
C CYS A 66 -1.39 7.98 11.08
N HIS A 67 -0.71 7.85 9.95
CA HIS A 67 0.58 8.50 9.76
C HIS A 67 0.39 9.93 9.26
N LEU A 68 -0.83 10.27 8.88
CA LEU A 68 -1.13 11.61 8.38
C LEU A 68 -0.45 12.67 9.24
N SER A 69 -0.12 12.31 10.47
CA SER A 69 0.53 13.24 11.38
C SER A 69 1.73 13.90 10.72
N HIS A 70 2.25 13.26 9.67
CA HIS A 70 3.40 13.78 8.95
C HIS A 70 3.03 14.16 7.52
N THR A 71 3.69 15.16 6.97
CA THR A 71 3.43 15.61 5.61
C THR A 71 3.86 14.56 4.59
N PHE A 72 2.88 13.89 3.99
CA PHE A 72 3.17 12.87 2.99
C PHE A 72 3.11 13.44 1.58
N THR A 73 3.35 12.59 0.59
CA THR A 73 3.33 13.02 -0.81
C THR A 73 2.95 11.85 -1.72
N PHE A 74 1.97 12.09 -2.59
CA PHE A 74 1.52 11.05 -3.52
C PHE A 74 2.03 11.34 -4.93
N ARG A 75 2.09 10.31 -5.76
CA ARG A 75 2.56 10.45 -7.13
C ARG A 75 1.39 10.48 -8.10
N GLU A 76 1.68 10.77 -9.37
CA GLU A 76 0.64 10.84 -10.39
C GLU A 76 0.99 9.93 -11.57
N LYS A 77 0.01 9.68 -12.43
CA LYS A 77 0.21 8.84 -13.60
C LYS A 77 1.47 9.24 -14.36
N ARG A 78 1.94 8.35 -15.23
CA ARG A 78 3.13 8.61 -16.02
C ARG A 78 3.20 10.08 -16.44
N ASN A 79 4.41 10.57 -16.72
CA ASN A 79 4.59 11.94 -17.14
C ASN A 79 4.16 12.91 -16.04
N GLN A 80 4.38 12.52 -14.79
CA GLN A 80 4.01 13.35 -13.65
C GLN A 80 5.03 13.20 -12.52
N LYS A 81 4.92 14.08 -11.53
CA LYS A 81 5.83 14.05 -10.39
C LYS A 81 5.05 13.96 -9.08
N TRP A 82 5.78 13.79 -7.97
CA TRP A 82 5.15 13.68 -6.66
C TRP A 82 4.18 14.83 -6.42
N ARG A 83 3.46 14.79 -5.31
CA ARG A 83 2.51 15.82 -4.96
C ARG A 83 2.54 16.13 -3.47
N SER A 84 2.53 17.42 -3.13
CA SER A 84 2.57 17.84 -1.73
C SER A 84 1.18 17.83 -1.12
N LEU A 85 0.91 16.83 -0.29
CA LEU A 85 -0.39 16.70 0.35
C LEU A 85 -0.65 17.88 1.28
N GLU A 86 -1.93 18.17 1.52
CA GLU A 86 -2.31 19.27 2.40
C GLU A 86 -2.80 18.76 3.75
N LYS A 87 -2.72 19.61 4.76
CA LYS A 87 -3.14 19.23 6.11
C LYS A 87 -4.61 18.81 6.12
N ARG A 88 -4.85 17.52 6.29
CA ARG A 88 -6.20 16.99 6.31
C ARG A 88 -6.38 16.01 7.47
N ALA A 89 -7.24 16.38 8.42
CA ALA A 89 -7.49 15.52 9.57
C ALA A 89 -8.98 15.17 9.68
N ASP A 90 -9.29 13.88 9.57
CA ASP A 90 -10.66 13.42 9.65
C ASP A 90 -10.92 12.72 10.98
N GLU A 91 -10.38 13.28 12.06
CA GLU A 91 -10.56 12.71 13.38
C GLU A 91 -11.35 13.65 14.29
N VAL A 92 -11.60 13.21 15.51
CA VAL A 92 -12.34 14.02 16.47
C VAL A 92 -11.73 13.92 17.87
N SER A 93 -11.41 15.07 18.46
CA SER A 93 -10.82 15.11 19.78
C SER A 93 -11.88 15.30 20.85
N GLY A 94 -11.70 14.64 21.99
CA GLY A 94 -12.66 14.75 23.08
C GLY A 94 -12.31 15.85 24.05
N PRO A 95 -13.31 16.67 24.42
CA PRO A 95 -13.12 17.79 25.35
C PRO A 95 -12.85 17.32 26.77
N SER A 96 -13.45 16.19 27.13
CA SER A 96 -13.28 15.62 28.47
C SER A 96 -12.95 14.13 28.40
N SER A 97 -12.10 13.68 29.32
CA SER A 97 -11.70 12.28 29.35
C SER A 97 -12.56 11.50 30.35
N GLY A 98 -13.53 10.76 29.83
CA GLY A 98 -14.41 9.98 30.68
C GLY A 98 -13.65 9.23 31.75
ZN ZN B . -0.34 -0.04 3.35
ZN ZN C . 6.32 10.02 9.26
N GLY A 1 -48.15 -62.27 10.38
CA GLY A 1 -46.89 -62.39 11.08
C GLY A 1 -45.73 -61.81 10.29
N SER A 2 -44.99 -60.89 10.90
CA SER A 2 -43.85 -60.26 10.25
C SER A 2 -42.95 -59.57 11.27
N SER A 3 -41.75 -59.21 10.85
CA SER A 3 -40.79 -58.54 11.72
C SER A 3 -40.19 -57.31 11.04
N GLY A 4 -39.83 -57.47 9.76
CA GLY A 4 -39.25 -56.37 9.02
C GLY A 4 -37.75 -56.53 8.83
N SER A 5 -37.03 -55.41 8.84
CA SER A 5 -35.58 -55.42 8.66
C SER A 5 -34.99 -54.04 8.90
N SER A 6 -33.74 -54.01 9.34
CA SER A 6 -33.05 -52.75 9.61
C SER A 6 -31.67 -52.73 8.97
N GLY A 7 -31.29 -51.58 8.43
CA GLY A 7 -29.99 -51.45 7.79
C GLY A 7 -29.11 -50.44 8.47
N LEU A 8 -28.30 -49.73 7.69
CA LEU A 8 -27.39 -48.71 8.24
C LEU A 8 -27.56 -47.40 7.51
N GLU A 9 -27.50 -46.29 8.27
CA GLU A 9 -27.64 -44.97 7.69
C GLU A 9 -27.10 -43.90 8.65
N GLU A 10 -26.15 -43.10 8.16
CA GLU A 10 -25.55 -42.05 8.97
C GLU A 10 -25.11 -40.88 8.10
N PHE A 11 -25.33 -39.66 8.60
CA PHE A 11 -24.96 -38.46 7.86
C PHE A 11 -23.85 -37.70 8.60
N LYS A 12 -23.01 -37.02 7.83
CA LYS A 12 -21.91 -36.24 8.40
C LYS A 12 -21.52 -35.09 7.48
N ASN A 13 -20.92 -34.06 8.06
CA ASN A 13 -20.48 -32.90 7.28
C ASN A 13 -19.12 -33.14 6.65
N SER A 14 -18.69 -32.20 5.81
CA SER A 14 -17.40 -32.31 5.14
C SER A 14 -17.00 -30.98 4.52
N SER A 15 -15.72 -30.64 4.66
CA SER A 15 -15.20 -29.38 4.13
C SER A 15 -13.69 -29.30 4.32
N LYS A 16 -13.03 -28.53 3.43
CA LYS A 16 -11.58 -28.37 3.50
C LYS A 16 -11.22 -26.90 3.71
N LEU A 17 -11.08 -26.52 4.98
CA LEU A 17 -10.73 -25.15 5.33
C LEU A 17 -9.22 -24.98 5.42
N VAL A 18 -8.55 -24.98 4.26
CA VAL A 18 -7.11 -24.83 4.21
C VAL A 18 -6.71 -23.74 3.21
N ALA A 19 -5.84 -22.83 3.65
CA ALA A 19 -5.38 -21.75 2.80
C ALA A 19 -3.87 -21.56 2.90
N ALA A 20 -3.30 -20.82 1.97
CA ALA A 20 -1.86 -20.58 1.95
C ALA A 20 -1.56 -19.12 1.66
N ALA A 21 -0.28 -18.75 1.73
CA ALA A 21 0.14 -17.37 1.48
C ALA A 21 1.29 -17.35 0.47
N GLU A 22 1.07 -16.69 -0.65
CA GLU A 22 2.09 -16.58 -1.69
C GLU A 22 1.77 -15.43 -2.65
N LYS A 23 2.78 -14.61 -2.93
CA LYS A 23 2.61 -13.48 -3.83
C LYS A 23 3.87 -13.26 -4.67
N GLU A 24 3.70 -12.61 -5.82
CA GLU A 24 4.82 -12.35 -6.72
C GLU A 24 4.60 -11.05 -7.48
N ARG A 25 5.70 -10.35 -7.77
CA ARG A 25 5.62 -9.08 -8.49
C ARG A 25 5.04 -9.29 -9.89
N LEU A 26 3.75 -9.01 -10.04
CA LEU A 26 3.07 -9.17 -11.32
C LEU A 26 2.50 -7.84 -11.79
N ASP A 27 3.30 -6.78 -11.68
CA ASP A 27 2.88 -5.45 -12.10
C ASP A 27 4.08 -4.57 -12.41
N LYS A 28 4.06 -3.90 -13.55
CA LYS A 28 5.14 -3.02 -13.95
C LYS A 28 5.39 -1.94 -12.90
N HIS A 29 4.31 -1.42 -12.34
CA HIS A 29 4.41 -0.38 -11.32
C HIS A 29 5.08 -0.92 -10.06
N LEU A 30 6.39 -0.77 -9.97
CA LEU A 30 7.16 -1.24 -8.83
C LEU A 30 7.27 -0.16 -7.76
N GLY A 31 7.53 1.07 -8.21
CA GLY A 31 7.66 2.18 -7.29
C GLY A 31 8.25 1.76 -5.95
N ILE A 32 7.45 1.87 -4.90
CA ILE A 32 7.89 1.50 -3.56
C ILE A 32 6.78 0.83 -2.77
N PRO A 33 7.12 -0.23 -2.04
CA PRO A 33 6.16 -0.98 -1.22
C PRO A 33 5.69 -0.18 -0.01
N CYS A 34 4.66 -0.69 0.67
CA CYS A 34 4.12 -0.03 1.85
C CYS A 34 4.91 -0.40 3.10
N ASN A 35 4.85 0.46 4.11
CA ASN A 35 5.57 0.22 5.36
C ASN A 35 4.64 -0.40 6.39
N ASN A 36 3.36 -0.07 6.32
CA ASN A 36 2.37 -0.61 7.25
C ASN A 36 1.89 -1.98 6.81
N CYS A 37 1.04 -2.01 5.78
CA CYS A 37 0.51 -3.26 5.26
C CYS A 37 1.58 -4.03 4.50
N LYS A 38 2.54 -3.31 3.93
CA LYS A 38 3.61 -3.93 3.18
C LYS A 38 3.10 -4.55 1.89
N GLN A 39 2.21 -3.83 1.21
CA GLN A 39 1.63 -4.32 -0.05
C GLN A 39 2.59 -4.07 -1.21
N PHE A 40 2.97 -5.14 -1.89
CA PHE A 40 3.87 -5.05 -3.03
C PHE A 40 3.55 -6.11 -4.07
N PRO A 41 3.30 -5.66 -5.31
CA PRO A 41 3.33 -4.24 -5.65
C PRO A 41 2.16 -3.47 -5.03
N ILE A 42 2.26 -2.14 -5.05
CA ILE A 42 1.22 -1.30 -4.47
C ILE A 42 0.21 -0.89 -5.54
N GLU A 43 -0.99 -1.47 -5.45
CA GLU A 43 -2.05 -1.16 -6.41
C GLU A 43 -2.43 0.31 -6.35
N GLY A 44 -2.83 0.76 -5.17
CA GLY A 44 -3.21 2.16 -5.00
C GLY A 44 -2.05 3.10 -5.20
N LYS A 45 -2.27 4.38 -4.86
CA LYS A 45 -1.23 5.39 -4.99
C LYS A 45 0.02 5.01 -4.18
N CYS A 46 1.07 5.82 -4.31
CA CYS A 46 2.30 5.57 -3.59
C CYS A 46 2.67 6.75 -2.69
N TYR A 47 2.25 6.67 -1.43
CA TYR A 47 2.51 7.74 -0.47
C TYR A 47 3.90 7.58 0.15
N LYS A 48 4.53 8.70 0.48
CA LYS A 48 5.86 8.69 1.08
C LYS A 48 5.97 9.75 2.16
N CYS A 49 6.58 9.40 3.29
CA CYS A 49 6.76 10.33 4.39
C CYS A 49 8.02 11.15 4.21
N THR A 50 7.87 12.47 4.22
CA THR A 50 9.00 13.38 4.05
C THR A 50 9.67 13.67 5.39
N GLU A 51 9.22 12.99 6.44
CA GLU A 51 9.78 13.18 7.77
C GLU A 51 10.44 11.89 8.27
N CYS A 52 9.98 10.76 7.74
CA CYS A 52 10.52 9.47 8.14
C CYS A 52 11.56 8.97 7.13
N ILE A 53 12.10 7.80 7.38
CA ILE A 53 13.12 7.21 6.50
C ILE A 53 12.60 5.93 5.84
N GLU A 54 12.89 5.77 4.56
CA GLU A 54 12.46 4.58 3.83
C GLU A 54 11.04 4.19 4.22
N TYR A 55 10.17 5.18 4.35
CA TYR A 55 8.78 4.93 4.73
C TYR A 55 7.83 5.36 3.61
N HIS A 56 6.89 4.48 3.27
CA HIS A 56 5.92 4.77 2.23
C HIS A 56 4.60 4.06 2.51
N LEU A 57 3.50 4.78 2.31
CA LEU A 57 2.17 4.22 2.55
C LEU A 57 1.39 4.11 1.24
N CYS A 58 0.34 3.31 1.25
CA CYS A 58 -0.49 3.11 0.07
C CYS A 58 -1.86 3.76 0.25
N GLN A 59 -2.43 4.24 -0.85
CA GLN A 59 -3.74 4.89 -0.82
C GLN A 59 -4.63 4.27 0.26
N GLU A 60 -4.62 2.94 0.32
CA GLU A 60 -5.43 2.21 1.29
C GLU A 60 -5.06 2.62 2.71
N CYS A 61 -3.82 2.35 3.09
CA CYS A 61 -3.32 2.68 4.43
C CYS A 61 -3.55 4.16 4.74
N PHE A 62 -3.47 4.99 3.71
CA PHE A 62 -3.66 6.43 3.86
C PHE A 62 -5.04 6.73 4.44
N ASP A 63 -6.04 6.02 3.94
CA ASP A 63 -7.42 6.21 4.42
C ASP A 63 -7.48 6.13 5.93
N SER A 64 -6.53 5.42 6.53
CA SER A 64 -6.48 5.26 7.98
C SER A 64 -6.37 6.62 8.68
N TYR A 65 -5.65 7.54 8.04
CA TYR A 65 -5.46 8.86 8.61
C TYR A 65 -4.73 8.80 9.94
N CYS A 66 -3.56 8.17 9.94
CA CYS A 66 -2.77 8.03 11.16
C CYS A 66 -1.41 8.69 11.00
N HIS A 67 -0.59 8.15 10.09
CA HIS A 67 0.74 8.69 9.84
C HIS A 67 0.66 10.16 9.42
N LEU A 68 -0.56 10.61 9.11
CA LEU A 68 -0.77 12.00 8.68
C LEU A 68 0.07 12.95 9.52
N SER A 69 0.23 12.65 10.80
CA SER A 69 1.01 13.49 11.69
C SER A 69 2.22 14.09 10.97
N HIS A 70 2.80 13.30 10.06
CA HIS A 70 3.96 13.75 9.30
C HIS A 70 3.55 14.24 7.92
N THR A 71 4.45 14.95 7.26
CA THR A 71 4.18 15.49 5.93
C THR A 71 4.34 14.41 4.86
N PHE A 72 3.22 13.97 4.30
CA PHE A 72 3.24 12.94 3.26
C PHE A 72 2.96 13.54 1.89
N THR A 73 3.24 12.77 0.85
CA THR A 73 3.02 13.23 -0.52
C THR A 73 2.74 12.06 -1.46
N PHE A 74 1.83 12.27 -2.41
CA PHE A 74 1.47 11.23 -3.36
C PHE A 74 2.09 11.51 -4.73
N ARG A 75 2.56 10.46 -5.39
CA ARG A 75 3.18 10.60 -6.70
C ARG A 75 2.23 10.10 -7.79
N GLU A 76 2.26 10.77 -8.94
CA GLU A 76 1.41 10.40 -10.07
C GLU A 76 2.07 9.30 -10.90
N LYS A 77 1.28 8.69 -11.79
CA LYS A 77 1.79 7.63 -12.66
C LYS A 77 3.10 8.04 -13.31
N ARG A 78 3.80 7.05 -13.86
CA ARG A 78 5.08 7.31 -14.53
C ARG A 78 5.04 8.62 -15.29
N ASN A 79 6.21 9.19 -15.55
CA ASN A 79 6.31 10.45 -16.28
C ASN A 79 5.63 11.58 -15.50
N GLN A 80 5.77 11.55 -14.18
CA GLN A 80 5.17 12.56 -13.32
C GLN A 80 6.05 12.83 -12.10
N LYS A 81 5.57 13.70 -11.22
CA LYS A 81 6.31 14.04 -10.01
C LYS A 81 5.41 14.00 -8.78
N TRP A 82 6.02 13.95 -7.60
CA TRP A 82 5.26 13.90 -6.36
C TRP A 82 4.22 15.01 -6.32
N ARG A 83 3.32 14.94 -5.33
CA ARG A 83 2.26 15.93 -5.18
C ARG A 83 2.02 16.25 -3.71
N SER A 84 1.53 17.45 -3.44
CA SER A 84 1.26 17.86 -2.07
C SER A 84 -0.19 17.58 -1.69
N LEU A 85 -0.39 16.55 -0.88
CA LEU A 85 -1.73 16.17 -0.44
C LEU A 85 -2.43 17.34 0.24
N GLU A 86 -3.77 17.32 0.19
CA GLU A 86 -4.56 18.38 0.80
C GLU A 86 -4.76 18.12 2.30
N LYS A 87 -4.37 19.10 3.11
CA LYS A 87 -4.50 18.98 4.56
C LYS A 87 -5.89 18.48 4.94
N ARG A 88 -5.93 17.48 5.82
CA ARG A 88 -7.19 16.91 6.27
C ARG A 88 -7.08 16.36 7.69
N ALA A 89 -8.15 16.51 8.46
CA ALA A 89 -8.16 16.04 9.84
C ALA A 89 -9.42 15.24 10.14
N ASP A 90 -10.58 15.89 9.97
CA ASP A 90 -11.86 15.24 10.22
C ASP A 90 -12.96 15.87 9.38
N GLU A 91 -14.05 15.13 9.19
CA GLU A 91 -15.18 15.62 8.40
C GLU A 91 -15.71 16.93 8.96
N VAL A 92 -16.12 16.89 10.24
CA VAL A 92 -16.66 18.07 10.90
C VAL A 92 -16.12 18.19 12.32
N SER A 93 -16.11 19.42 12.84
CA SER A 93 -15.62 19.68 14.19
C SER A 93 -16.14 18.62 15.17
N GLY A 94 -15.22 17.96 15.87
CA GLY A 94 -15.60 16.94 16.81
C GLY A 94 -14.52 15.90 17.01
N PRO A 95 -13.88 15.90 18.19
CA PRO A 95 -12.81 14.96 18.53
C PRO A 95 -13.34 13.54 18.71
N SER A 96 -14.64 13.37 18.53
CA SER A 96 -15.26 12.05 18.68
C SER A 96 -15.30 11.32 17.35
N SER A 97 -14.29 10.47 17.12
CA SER A 97 -14.21 9.70 15.89
C SER A 97 -15.03 8.42 15.98
N GLY A 98 -14.69 7.58 16.96
CA GLY A 98 -15.40 6.32 17.15
C GLY A 98 -15.27 5.40 15.96
ZN ZN B . -0.42 -0.08 2.97
ZN ZN C . 6.55 9.66 9.32
N GLY A 1 -19.05 20.63 -32.87
CA GLY A 1 -19.55 19.28 -32.89
C GLY A 1 -19.82 18.74 -31.51
N SER A 2 -19.32 17.53 -31.23
CA SER A 2 -19.51 16.89 -29.93
C SER A 2 -18.18 16.75 -29.20
N SER A 3 -17.94 17.64 -28.25
CA SER A 3 -16.70 17.62 -27.47
C SER A 3 -16.57 16.31 -26.70
N GLY A 4 -17.70 15.79 -26.24
CA GLY A 4 -17.70 14.55 -25.49
C GLY A 4 -17.34 13.36 -26.35
N SER A 5 -16.09 12.93 -26.28
CA SER A 5 -15.62 11.79 -27.06
C SER A 5 -15.18 10.65 -26.15
N SER A 6 -15.09 9.45 -26.72
CA SER A 6 -14.69 8.27 -25.95
C SER A 6 -14.43 7.09 -26.89
N GLY A 7 -13.17 6.68 -26.97
CA GLY A 7 -12.81 5.56 -27.82
C GLY A 7 -11.32 5.24 -27.78
N LEU A 8 -10.99 4.00 -27.47
CA LEU A 8 -9.60 3.57 -27.39
C LEU A 8 -9.00 3.44 -28.79
N GLU A 9 -7.83 4.06 -28.98
CA GLU A 9 -7.14 4.01 -30.27
C GLU A 9 -6.05 2.94 -30.26
N GLU A 10 -6.38 1.77 -29.72
CA GLU A 10 -5.43 0.67 -29.66
C GLU A 10 -6.01 -0.59 -30.30
N PHE A 11 -5.52 -0.91 -31.49
CA PHE A 11 -6.00 -2.09 -32.22
C PHE A 11 -5.25 -3.34 -31.76
N LYS A 12 -5.66 -3.88 -30.61
CA LYS A 12 -5.04 -5.07 -30.06
C LYS A 12 -5.80 -5.56 -28.83
N ASN A 13 -6.43 -6.72 -28.94
CA ASN A 13 -7.19 -7.29 -27.83
C ASN A 13 -6.26 -7.96 -26.83
N SER A 14 -5.88 -7.22 -25.80
CA SER A 14 -4.99 -7.74 -24.77
C SER A 14 -5.78 -8.50 -23.70
N SER A 15 -5.37 -9.73 -23.43
CA SER A 15 -6.03 -10.55 -22.42
C SER A 15 -5.02 -11.18 -21.47
N LYS A 16 -4.01 -10.40 -21.09
CA LYS A 16 -2.98 -10.88 -20.18
C LYS A 16 -3.10 -10.21 -18.81
N LEU A 17 -4.33 -10.11 -18.33
CA LEU A 17 -4.59 -9.48 -17.02
C LEU A 17 -5.73 -10.21 -16.30
N VAL A 18 -5.50 -10.52 -15.03
CA VAL A 18 -6.51 -11.19 -14.22
C VAL A 18 -6.46 -10.73 -12.77
N ALA A 19 -7.62 -10.57 -12.16
CA ALA A 19 -7.71 -10.13 -10.77
C ALA A 19 -8.28 -11.23 -9.89
N ALA A 20 -7.40 -11.88 -9.13
CA ALA A 20 -7.82 -12.96 -8.23
C ALA A 20 -6.71 -13.31 -7.25
N ALA A 21 -7.00 -14.24 -6.35
CA ALA A 21 -6.03 -14.67 -5.35
C ALA A 21 -4.65 -14.83 -5.97
N GLU A 22 -3.78 -13.86 -5.71
CA GLU A 22 -2.42 -13.90 -6.25
C GLU A 22 -1.40 -13.52 -5.17
N LYS A 23 -0.19 -14.03 -5.31
CA LYS A 23 0.88 -13.76 -4.35
C LYS A 23 2.14 -13.27 -5.07
N GLU A 24 2.33 -13.74 -6.29
CA GLU A 24 3.50 -13.35 -7.08
C GLU A 24 3.32 -11.94 -7.65
N ARG A 25 4.37 -11.14 -7.55
CA ARG A 25 4.33 -9.77 -8.05
C ARG A 25 4.11 -9.76 -9.56
N LEU A 26 3.07 -9.04 -9.99
CA LEU A 26 2.75 -8.95 -11.41
C LEU A 26 3.36 -7.69 -12.04
N ASP A 27 3.15 -7.51 -13.33
CA ASP A 27 3.68 -6.35 -14.03
C ASP A 27 2.84 -5.11 -13.74
N LYS A 28 3.27 -4.34 -12.74
CA LYS A 28 2.56 -3.12 -12.36
C LYS A 28 3.50 -2.15 -11.66
N HIS A 29 2.99 -0.95 -11.36
CA HIS A 29 3.79 0.07 -10.69
C HIS A 29 4.44 -0.49 -9.43
N LEU A 30 5.68 -0.95 -9.56
CA LEU A 30 6.41 -1.50 -8.43
C LEU A 30 6.70 -0.43 -7.38
N GLY A 31 7.09 0.75 -7.85
CA GLY A 31 7.40 1.84 -6.94
C GLY A 31 8.00 1.36 -5.63
N ILE A 32 7.25 1.51 -4.55
CA ILE A 32 7.71 1.08 -3.24
C ILE A 32 6.56 0.52 -2.40
N PRO A 33 6.84 -0.57 -1.67
CA PRO A 33 5.85 -1.23 -0.81
C PRO A 33 5.48 -0.37 0.40
N CYS A 34 4.39 -0.74 1.06
CA CYS A 34 3.93 -0.01 2.24
C CYS A 34 4.79 -0.35 3.45
N ASN A 35 4.88 0.60 4.39
CA ASN A 35 5.67 0.40 5.60
C ASN A 35 4.80 -0.09 6.74
N ASN A 36 3.49 0.15 6.64
CA ASN A 36 2.56 -0.27 7.67
C ASN A 36 2.01 -1.67 7.37
N CYS A 37 1.11 -1.75 6.39
CA CYS A 37 0.52 -3.03 6.00
C CYS A 37 1.51 -3.88 5.23
N LYS A 38 2.45 -3.22 4.56
CA LYS A 38 3.46 -3.93 3.78
C LYS A 38 2.85 -4.59 2.56
N GLN A 39 1.95 -3.87 1.88
CA GLN A 39 1.29 -4.40 0.70
C GLN A 39 2.16 -4.21 -0.54
N PHE A 40 2.47 -5.32 -1.22
CA PHE A 40 3.29 -5.27 -2.42
C PHE A 40 2.87 -6.35 -3.41
N PRO A 41 2.60 -5.94 -4.66
CA PRO A 41 2.69 -4.53 -5.06
C PRO A 41 1.60 -3.67 -4.43
N ILE A 42 1.75 -2.35 -4.55
CA ILE A 42 0.79 -1.42 -4.00
C ILE A 42 -0.24 -0.99 -5.04
N GLU A 43 -1.25 -1.82 -5.25
CA GLU A 43 -2.30 -1.53 -6.21
C GLU A 43 -2.72 -0.06 -6.14
N GLY A 44 -2.96 0.41 -4.92
CA GLY A 44 -3.37 1.79 -4.73
C GLY A 44 -2.24 2.78 -5.00
N LYS A 45 -2.55 4.06 -4.93
CA LYS A 45 -1.56 5.11 -5.16
C LYS A 45 -0.33 4.89 -4.30
N CYS A 46 0.63 5.80 -4.40
CA CYS A 46 1.86 5.72 -3.63
C CYS A 46 2.04 6.93 -2.73
N TYR A 47 2.50 6.71 -1.51
CA TYR A 47 2.71 7.78 -0.55
C TYR A 47 4.03 7.62 0.18
N LYS A 48 4.62 8.73 0.57
CA LYS A 48 5.90 8.72 1.29
C LYS A 48 5.96 9.84 2.32
N CYS A 49 6.68 9.60 3.41
CA CYS A 49 6.81 10.59 4.47
C CYS A 49 8.04 11.47 4.22
N THR A 50 7.80 12.77 4.04
CA THR A 50 8.88 13.72 3.80
C THR A 50 9.55 14.13 5.10
N GLU A 51 9.21 13.43 6.18
CA GLU A 51 9.79 13.73 7.48
C GLU A 51 10.55 12.51 8.03
N CYS A 52 10.12 11.32 7.63
CA CYS A 52 10.75 10.09 8.08
C CYS A 52 11.77 9.60 7.05
N ILE A 53 12.34 8.42 7.30
CA ILE A 53 13.32 7.84 6.41
C ILE A 53 12.85 6.51 5.85
N GLU A 54 13.08 6.29 4.56
CA GLU A 54 12.67 5.05 3.91
C GLU A 54 11.28 4.62 4.37
N TYR A 55 10.32 5.53 4.22
CA TYR A 55 8.94 5.25 4.62
C TYR A 55 7.98 5.54 3.48
N HIS A 56 7.06 4.60 3.23
CA HIS A 56 6.08 4.75 2.17
C HIS A 56 4.78 4.03 2.52
N LEU A 57 3.66 4.70 2.27
CA LEU A 57 2.35 4.13 2.57
C LEU A 57 1.57 3.85 1.28
N CYS A 58 0.38 3.30 1.43
CA CYS A 58 -0.47 2.98 0.28
C CYS A 58 -1.83 3.66 0.41
N GLN A 59 -2.38 4.07 -0.71
CA GLN A 59 -3.69 4.72 -0.73
C GLN A 59 -4.60 4.15 0.36
N GLU A 60 -4.49 2.85 0.58
CA GLU A 60 -5.30 2.17 1.60
C GLU A 60 -5.00 2.73 2.99
N CYS A 61 -3.80 2.43 3.49
CA CYS A 61 -3.39 2.90 4.80
C CYS A 61 -3.60 4.40 4.95
N PHE A 62 -3.53 5.11 3.83
CA PHE A 62 -3.71 6.55 3.82
C PHE A 62 -5.14 6.93 4.24
N ASP A 63 -6.08 6.04 3.93
CA ASP A 63 -7.48 6.28 4.27
C ASP A 63 -7.66 6.36 5.79
N SER A 64 -6.79 5.68 6.52
CA SER A 64 -6.86 5.68 7.99
C SER A 64 -6.23 6.94 8.56
N TYR A 65 -5.45 7.63 7.73
CA TYR A 65 -4.77 8.85 8.16
C TYR A 65 -4.01 8.63 9.46
N CYS A 66 -3.25 7.54 9.50
CA CYS A 66 -2.46 7.21 10.69
C CYS A 66 -1.16 8.02 10.72
N HIS A 67 -0.30 7.80 9.74
CA HIS A 67 0.97 8.51 9.66
C HIS A 67 0.78 9.93 9.15
N LEU A 68 -0.43 10.20 8.64
CA LEU A 68 -0.75 11.53 8.12
C LEU A 68 -0.20 12.62 9.03
N SER A 69 0.00 12.28 10.29
CA SER A 69 0.52 13.23 11.27
C SER A 69 1.72 13.98 10.72
N HIS A 70 2.43 13.35 9.77
CA HIS A 70 3.60 13.96 9.16
C HIS A 70 3.28 14.47 7.76
N THR A 71 4.26 15.08 7.11
CA THR A 71 4.08 15.61 5.76
C THR A 71 4.32 14.53 4.71
N PHE A 72 3.22 14.00 4.16
CA PHE A 72 3.32 12.96 3.15
C PHE A 72 3.09 13.53 1.75
N THR A 73 3.43 12.76 0.73
CA THR A 73 3.27 13.20 -0.65
C THR A 73 2.90 12.03 -1.56
N PHE A 74 1.87 12.23 -2.39
CA PHE A 74 1.42 11.19 -3.30
C PHE A 74 1.86 11.49 -4.73
N ARG A 75 2.16 10.46 -5.49
CA ARG A 75 2.59 10.61 -6.87
C ARG A 75 1.53 10.08 -7.84
N GLU A 76 1.81 10.17 -9.13
CA GLU A 76 0.88 9.70 -10.15
C GLU A 76 1.60 8.83 -11.18
N LYS A 77 0.83 8.18 -12.05
CA LYS A 77 1.38 7.31 -13.07
C LYS A 77 2.54 8.00 -13.80
N ARG A 78 3.34 7.22 -14.51
CA ARG A 78 4.48 7.75 -15.25
C ARG A 78 4.12 9.10 -15.89
N ASN A 79 5.14 9.88 -16.19
CA ASN A 79 4.94 11.19 -16.80
C ASN A 79 4.27 12.16 -15.84
N GLN A 80 4.48 11.93 -14.54
CA GLN A 80 3.89 12.78 -13.51
C GLN A 80 4.93 13.12 -12.43
N LYS A 81 4.46 13.79 -11.39
CA LYS A 81 5.34 14.19 -10.29
C LYS A 81 4.58 14.17 -8.96
N TRP A 82 5.31 13.94 -7.88
CA TRP A 82 4.71 13.90 -6.55
C TRP A 82 3.79 15.10 -6.33
N ARG A 83 2.93 15.02 -5.32
CA ARG A 83 2.01 16.10 -5.01
C ARG A 83 1.83 16.24 -3.50
N SER A 84 1.73 17.49 -3.03
CA SER A 84 1.57 17.76 -1.61
C SER A 84 0.11 17.56 -1.19
N LEU A 85 -0.16 16.44 -0.53
CA LEU A 85 -1.50 16.12 -0.06
C LEU A 85 -2.01 17.20 0.89
N GLU A 86 -3.33 17.41 0.89
CA GLU A 86 -3.93 18.40 1.76
C GLU A 86 -3.72 18.05 3.23
N LYS A 87 -3.34 19.04 4.02
CA LYS A 87 -3.11 18.83 5.46
C LYS A 87 -4.35 18.26 6.13
N ARG A 88 -4.19 17.10 6.75
CA ARG A 88 -5.30 16.46 7.45
C ARG A 88 -6.05 17.45 8.33
N ALA A 89 -7.29 17.12 8.67
CA ALA A 89 -8.11 17.98 9.51
C ALA A 89 -8.60 17.24 10.76
N ASP A 90 -7.97 17.53 11.89
CA ASP A 90 -8.33 16.89 13.16
C ASP A 90 -7.96 17.77 14.34
N GLU A 91 -8.66 17.58 15.46
CA GLU A 91 -8.39 18.37 16.66
C GLU A 91 -7.04 17.99 17.27
N VAL A 92 -6.12 18.96 17.28
CA VAL A 92 -4.78 18.73 17.83
C VAL A 92 -4.71 19.20 19.28
N SER A 93 -3.91 18.49 20.08
CA SER A 93 -3.75 18.83 21.49
C SER A 93 -2.78 19.99 21.66
N GLY A 94 -1.57 19.82 21.14
CA GLY A 94 -0.56 20.86 21.25
C GLY A 94 0.50 20.53 22.26
N PRO A 95 1.44 19.66 21.88
CA PRO A 95 2.55 19.24 22.76
C PRO A 95 3.55 20.36 23.01
N SER A 96 3.37 21.08 24.11
CA SER A 96 4.25 22.18 24.46
C SER A 96 4.24 23.26 23.38
N SER A 97 3.04 23.56 22.87
CA SER A 97 2.88 24.56 21.84
C SER A 97 3.26 25.95 22.36
N GLY A 98 4.53 26.30 22.20
CA GLY A 98 5.00 27.59 22.67
C GLY A 98 5.95 28.25 21.68
ZN ZN B . -0.57 0.05 3.54
ZN ZN C . 6.77 10.21 9.45
N GLY A 1 19.03 25.88 -39.93
CA GLY A 1 18.79 24.60 -39.29
C GLY A 1 17.42 24.53 -38.63
N SER A 2 17.35 24.98 -37.38
CA SER A 2 16.09 24.96 -36.63
C SER A 2 15.37 23.63 -36.83
N SER A 3 16.12 22.54 -36.80
CA SER A 3 15.54 21.21 -36.98
C SER A 3 14.33 21.02 -36.07
N GLY A 4 13.56 19.96 -36.32
CA GLY A 4 12.39 19.68 -35.52
C GLY A 4 11.68 18.41 -35.95
N SER A 5 11.81 17.37 -35.13
CA SER A 5 11.18 16.08 -35.43
C SER A 5 9.87 15.93 -34.67
N SER A 6 8.90 15.28 -35.31
CA SER A 6 7.59 15.06 -34.70
C SER A 6 7.73 14.45 -33.31
N GLY A 7 7.68 15.31 -32.29
CA GLY A 7 7.79 14.84 -30.93
C GLY A 7 6.62 13.98 -30.50
N LEU A 8 6.85 13.09 -29.54
CA LEU A 8 5.81 12.21 -29.04
C LEU A 8 4.61 13.01 -28.53
N GLU A 9 3.42 12.66 -28.98
CA GLU A 9 2.20 13.34 -28.56
C GLU A 9 1.66 12.74 -27.26
N GLU A 10 1.16 13.61 -26.39
CA GLU A 10 0.61 13.16 -25.11
C GLU A 10 -0.90 12.96 -25.20
N PHE A 11 -1.38 11.87 -24.62
CA PHE A 11 -2.80 11.55 -24.65
C PHE A 11 -3.25 11.00 -23.30
N LYS A 12 -4.57 10.87 -23.13
CA LYS A 12 -5.13 10.35 -21.89
C LYS A 12 -5.71 8.96 -22.08
N ASN A 13 -6.11 8.33 -20.99
CA ASN A 13 -6.68 6.99 -21.04
C ASN A 13 -7.80 6.84 -20.01
N SER A 14 -8.43 5.66 -20.01
CA SER A 14 -9.52 5.38 -19.08
C SER A 14 -9.07 4.41 -18.00
N SER A 15 -9.83 4.37 -16.90
CA SER A 15 -9.51 3.49 -15.79
C SER A 15 -9.42 2.04 -16.24
N LYS A 16 -8.21 1.59 -16.54
CA LYS A 16 -7.99 0.22 -16.99
C LYS A 16 -6.74 -0.37 -16.34
N LEU A 17 -6.94 -1.30 -15.41
CA LEU A 17 -5.83 -1.94 -14.73
C LEU A 17 -5.67 -3.39 -15.17
N VAL A 18 -4.93 -3.58 -16.26
CA VAL A 18 -4.71 -4.92 -16.81
C VAL A 18 -3.66 -5.67 -15.97
N ALA A 19 -3.89 -6.97 -15.79
CA ALA A 19 -2.98 -7.81 -15.02
C ALA A 19 -3.35 -9.28 -15.14
N ALA A 20 -2.47 -10.15 -14.66
CA ALA A 20 -2.70 -11.58 -14.71
C ALA A 20 -1.69 -12.34 -13.85
N ALA A 21 -1.89 -13.64 -13.70
CA ALA A 21 -1.00 -14.47 -12.91
C ALA A 21 0.39 -14.55 -13.55
N GLU A 22 1.24 -13.59 -13.21
CA GLU A 22 2.59 -13.54 -13.74
C GLU A 22 3.62 -13.49 -12.61
N LYS A 23 4.49 -14.49 -12.57
CA LYS A 23 5.53 -14.57 -11.54
C LYS A 23 6.43 -13.34 -11.60
N GLU A 24 6.53 -12.73 -12.78
CA GLU A 24 7.36 -11.55 -12.97
C GLU A 24 6.67 -10.32 -12.40
N ARG A 25 7.30 -9.71 -11.38
CA ARG A 25 6.75 -8.51 -10.75
C ARG A 25 6.28 -7.51 -11.80
N LEU A 26 4.99 -7.20 -11.77
CA LEU A 26 4.41 -6.25 -12.73
C LEU A 26 5.33 -5.05 -12.92
N ASP A 27 5.98 -5.00 -14.08
CA ASP A 27 6.89 -3.90 -14.40
C ASP A 27 6.12 -2.67 -14.86
N LYS A 28 5.06 -2.33 -14.13
CA LYS A 28 4.24 -1.18 -14.47
C LYS A 28 4.36 -0.09 -13.41
N HIS A 29 3.97 -0.41 -12.19
CA HIS A 29 4.04 0.53 -11.08
C HIS A 29 4.66 -0.12 -9.85
N LEU A 30 5.95 -0.39 -9.92
CA LEU A 30 6.66 -1.00 -8.80
C LEU A 30 6.94 0.01 -7.69
N GLY A 31 7.35 1.21 -8.10
CA GLY A 31 7.65 2.25 -7.14
C GLY A 31 8.24 1.71 -5.84
N ILE A 32 7.48 1.81 -4.77
CA ILE A 32 7.93 1.32 -3.46
C ILE A 32 6.77 0.72 -2.67
N PRO A 33 7.05 -0.40 -1.98
CA PRO A 33 6.04 -1.10 -1.17
C PRO A 33 5.66 -0.31 0.08
N CYS A 34 4.49 -0.60 0.63
CA CYS A 34 4.01 0.09 1.83
C CYS A 34 4.89 -0.24 3.02
N ASN A 35 5.05 0.74 3.91
CA ASN A 35 5.87 0.56 5.11
C ASN A 35 5.02 0.13 6.29
N ASN A 36 3.71 0.10 6.09
CA ASN A 36 2.78 -0.29 7.15
C ASN A 36 2.25 -1.70 6.92
N CYS A 37 1.39 -1.85 5.92
CA CYS A 37 0.81 -3.14 5.58
C CYS A 37 1.79 -3.98 4.76
N LYS A 38 2.75 -3.31 4.13
CA LYS A 38 3.74 -3.99 3.31
C LYS A 38 3.10 -4.62 2.07
N GLN A 39 2.19 -3.87 1.44
CA GLN A 39 1.51 -4.35 0.25
C GLN A 39 2.35 -4.12 -1.00
N PHE A 40 2.70 -5.19 -1.69
CA PHE A 40 3.50 -5.10 -2.90
C PHE A 40 3.09 -6.17 -3.91
N PRO A 41 2.80 -5.73 -5.15
CA PRO A 41 2.88 -4.32 -5.53
C PRO A 41 1.78 -3.48 -4.88
N ILE A 42 1.96 -2.16 -4.90
CA ILE A 42 0.98 -1.25 -4.32
C ILE A 42 -0.05 -0.82 -5.35
N GLU A 43 -1.07 -1.66 -5.55
CA GLU A 43 -2.13 -1.36 -6.51
C GLU A 43 -2.55 0.11 -6.41
N GLY A 44 -2.83 0.55 -5.19
CA GLY A 44 -3.25 1.93 -4.99
C GLY A 44 -2.13 2.92 -5.21
N LYS A 45 -2.39 4.18 -4.94
CA LYS A 45 -1.39 5.24 -5.13
C LYS A 45 -0.17 4.97 -4.26
N CYS A 46 0.89 5.74 -4.49
CA CYS A 46 2.13 5.60 -3.73
C CYS A 46 2.41 6.84 -2.89
N TYR A 47 2.31 6.69 -1.57
CA TYR A 47 2.54 7.80 -0.65
C TYR A 47 3.94 7.72 -0.05
N LYS A 48 4.48 8.87 0.35
CA LYS A 48 5.81 8.93 0.95
C LYS A 48 5.86 10.00 2.04
N CYS A 49 6.44 9.64 3.18
CA CYS A 49 6.56 10.57 4.30
C CYS A 49 7.75 11.50 4.11
N THR A 50 7.49 12.81 4.16
CA THR A 50 8.54 13.80 3.99
C THR A 50 9.19 14.14 5.32
N GLU A 51 8.90 13.34 6.35
CA GLU A 51 9.46 13.56 7.67
C GLU A 51 10.25 12.34 8.14
N CYS A 52 9.88 11.16 7.62
CA CYS A 52 10.55 9.93 7.98
C CYS A 52 11.58 9.53 6.92
N ILE A 53 12.17 8.36 7.08
CA ILE A 53 13.17 7.87 6.14
C ILE A 53 12.72 6.57 5.48
N GLU A 54 12.80 6.53 4.16
CA GLU A 54 12.39 5.35 3.40
C GLU A 54 11.00 4.89 3.82
N TYR A 55 10.12 5.85 4.07
CA TYR A 55 8.75 5.55 4.47
C TYR A 55 7.77 5.83 3.34
N HIS A 56 6.91 4.86 3.06
CA HIS A 56 5.92 5.00 2.00
C HIS A 56 4.63 4.25 2.35
N LEU A 57 3.50 4.92 2.18
CA LEU A 57 2.20 4.31 2.48
C LEU A 57 1.38 4.14 1.21
N CYS A 58 0.31 3.35 1.31
CA CYS A 58 -0.55 3.09 0.17
C CYS A 58 -1.93 3.74 0.37
N GLN A 59 -2.54 4.18 -0.73
CA GLN A 59 -3.84 4.82 -0.66
C GLN A 59 -4.71 4.19 0.43
N GLU A 60 -4.52 2.90 0.66
CA GLU A 60 -5.28 2.18 1.67
C GLU A 60 -4.90 2.65 3.07
N CYS A 61 -3.69 2.33 3.49
CA CYS A 61 -3.20 2.71 4.81
C CYS A 61 -3.41 4.21 5.04
N PHE A 62 -3.44 4.98 3.96
CA PHE A 62 -3.64 6.43 4.05
C PHE A 62 -5.05 6.76 4.50
N ASP A 63 -6.00 5.88 4.14
CA ASP A 63 -7.40 6.09 4.51
C ASP A 63 -7.56 6.12 6.03
N SER A 64 -6.65 5.45 6.73
CA SER A 64 -6.70 5.41 8.20
C SER A 64 -6.28 6.75 8.79
N TYR A 65 -5.62 7.57 7.98
CA TYR A 65 -5.16 8.87 8.44
C TYR A 65 -4.38 8.76 9.74
N CYS A 66 -3.55 7.71 9.84
CA CYS A 66 -2.75 7.49 11.04
C CYS A 66 -1.42 8.24 10.95
N HIS A 67 -0.62 7.89 9.95
CA HIS A 67 0.67 8.53 9.76
C HIS A 67 0.51 9.97 9.28
N LEU A 68 -0.72 10.33 8.90
CA LEU A 68 -1.02 11.67 8.42
C LEU A 68 -0.30 12.72 9.27
N SER A 69 0.01 12.35 10.51
CA SER A 69 0.69 13.26 11.43
C SER A 69 1.88 13.94 10.74
N HIS A 70 2.45 13.26 9.74
CA HIS A 70 3.58 13.79 9.01
C HIS A 70 3.18 14.18 7.59
N THR A 71 3.86 15.18 7.04
CA THR A 71 3.57 15.64 5.69
C THR A 71 3.92 14.58 4.65
N PHE A 72 2.89 13.90 4.16
CA PHE A 72 3.09 12.85 3.16
C PHE A 72 2.96 13.41 1.75
N THR A 73 3.30 12.60 0.76
CA THR A 73 3.22 13.02 -0.64
C THR A 73 2.84 11.85 -1.54
N PHE A 74 1.96 12.10 -2.50
CA PHE A 74 1.52 11.07 -3.43
C PHE A 74 2.16 11.26 -4.80
N ARG A 75 2.21 10.18 -5.57
CA ARG A 75 2.80 10.23 -6.91
C ARG A 75 1.77 9.82 -7.96
N GLU A 76 1.73 10.57 -9.06
CA GLU A 76 0.79 10.28 -10.14
C GLU A 76 1.34 9.19 -11.06
N LYS A 77 0.48 8.66 -11.91
CA LYS A 77 0.88 7.60 -12.84
C LYS A 77 2.16 7.99 -13.58
N ARG A 78 2.79 6.99 -14.21
CA ARG A 78 4.03 7.22 -14.94
C ARG A 78 3.98 8.57 -15.68
N ASN A 79 5.15 9.12 -15.96
CA ASN A 79 5.24 10.40 -16.67
C ASN A 79 4.70 11.53 -15.80
N GLN A 80 4.90 11.42 -14.49
CA GLN A 80 4.44 12.43 -13.55
C GLN A 80 5.41 12.58 -12.39
N LYS A 81 5.18 13.60 -11.56
CA LYS A 81 6.04 13.86 -10.41
C LYS A 81 5.23 13.88 -9.11
N TRP A 82 5.92 13.92 -7.98
CA TRP A 82 5.26 13.95 -6.68
C TRP A 82 4.56 15.29 -6.46
N ARG A 83 3.77 15.37 -5.39
CA ARG A 83 3.04 16.58 -5.07
C ARG A 83 2.30 16.45 -3.75
N SER A 84 2.30 17.51 -2.95
CA SER A 84 1.64 17.51 -1.65
C SER A 84 0.24 16.91 -1.77
N LEU A 85 -0.34 16.55 -0.62
CA LEU A 85 -1.67 15.98 -0.59
C LEU A 85 -2.71 17.00 -0.12
N GLU A 86 -3.98 16.68 -0.31
CA GLU A 86 -5.06 17.57 0.10
C GLU A 86 -5.22 17.57 1.62
N LYS A 87 -5.04 18.72 2.24
CA LYS A 87 -5.17 18.86 3.68
C LYS A 87 -6.58 18.48 4.14
N ARG A 88 -6.66 17.63 5.15
CA ARG A 88 -7.95 17.19 5.69
C ARG A 88 -7.83 16.83 7.16
N ALA A 89 -8.98 16.65 7.82
CA ALA A 89 -9.00 16.30 9.24
C ALA A 89 -9.05 14.79 9.43
N ASP A 90 -8.20 14.29 10.32
CA ASP A 90 -8.15 12.86 10.59
C ASP A 90 -9.52 12.31 10.94
N GLU A 91 -10.12 11.59 9.99
CA GLU A 91 -11.44 11.01 10.19
C GLU A 91 -11.37 9.49 10.30
N VAL A 92 -11.97 8.95 11.34
CA VAL A 92 -11.98 7.50 11.56
C VAL A 92 -13.26 6.87 11.03
N SER A 93 -13.70 7.33 9.87
CA SER A 93 -14.92 6.81 9.25
C SER A 93 -14.61 6.15 7.91
N GLY A 94 -15.25 5.01 7.66
CA GLY A 94 -15.03 4.30 6.41
C GLY A 94 -15.31 2.81 6.54
N PRO A 95 -15.91 2.23 5.48
CA PRO A 95 -16.25 0.80 5.46
C PRO A 95 -15.00 -0.08 5.37
N SER A 96 -15.22 -1.40 5.37
CA SER A 96 -14.12 -2.35 5.29
C SER A 96 -14.47 -3.52 4.37
N SER A 97 -13.71 -3.68 3.30
CA SER A 97 -13.95 -4.75 2.34
C SER A 97 -12.75 -4.94 1.43
N GLY A 98 -12.52 -6.19 1.01
CA GLY A 98 -11.41 -6.49 0.14
C GLY A 98 -11.18 -7.97 -0.04
ZN ZN B . -0.45 -0.04 3.24
ZN ZN C . 6.42 9.97 9.27
N GLY A 1 -52.05 1.29 25.98
CA GLY A 1 -51.47 0.11 25.36
C GLY A 1 -50.30 -0.42 26.14
N SER A 2 -49.76 -1.56 25.68
CA SER A 2 -48.62 -2.18 26.35
C SER A 2 -47.57 -2.62 25.34
N SER A 3 -46.36 -2.87 25.82
CA SER A 3 -45.26 -3.29 24.95
C SER A 3 -44.81 -4.71 25.30
N GLY A 4 -44.07 -5.33 24.38
CA GLY A 4 -43.60 -6.68 24.60
C GLY A 4 -42.17 -6.87 24.14
N SER A 5 -41.73 -8.13 24.09
CA SER A 5 -40.37 -8.43 23.67
C SER A 5 -40.22 -9.93 23.37
N SER A 6 -39.18 -10.28 22.63
CA SER A 6 -38.92 -11.67 22.27
C SER A 6 -37.43 -11.93 22.14
N GLY A 7 -37.07 -13.19 21.91
CA GLY A 7 -35.67 -13.56 21.77
C GLY A 7 -35.29 -13.83 20.33
N LEU A 8 -34.00 -14.03 20.08
CA LEU A 8 -33.52 -14.31 18.74
C LEU A 8 -32.51 -15.45 18.74
N GLU A 9 -32.23 -16.00 17.56
CA GLU A 9 -31.27 -17.10 17.44
C GLU A 9 -29.84 -16.58 17.44
N GLU A 10 -28.91 -17.47 17.79
CA GLU A 10 -27.50 -17.10 17.83
C GLU A 10 -26.63 -18.18 17.20
N PHE A 11 -25.62 -17.76 16.45
CA PHE A 11 -24.72 -18.69 15.78
C PHE A 11 -23.58 -17.96 15.09
N LYS A 12 -22.35 -18.44 15.31
CA LYS A 12 -21.17 -17.82 14.71
C LYS A 12 -20.01 -18.80 14.70
N ASN A 13 -19.24 -18.78 13.61
CA ASN A 13 -18.08 -19.66 13.46
C ASN A 13 -17.21 -19.22 12.30
N SER A 14 -15.96 -18.88 12.61
CA SER A 14 -15.01 -18.43 11.58
C SER A 14 -14.18 -19.60 11.08
N SER A 15 -13.55 -19.41 9.92
CA SER A 15 -12.72 -20.45 9.32
C SER A 15 -11.29 -20.37 9.85
N LYS A 16 -10.62 -21.52 9.87
CA LYS A 16 -9.24 -21.59 10.35
C LYS A 16 -8.28 -21.92 9.21
N LEU A 17 -7.50 -20.93 8.80
CA LEU A 17 -6.53 -21.12 7.71
C LEU A 17 -5.30 -20.26 7.93
N VAL A 18 -4.13 -20.84 7.68
CA VAL A 18 -2.87 -20.13 7.85
C VAL A 18 -1.84 -20.57 6.80
N ALA A 19 -1.27 -19.59 6.10
CA ALA A 19 -0.27 -19.88 5.08
C ALA A 19 0.34 -18.59 4.53
N ALA A 20 1.64 -18.42 4.75
CA ALA A 20 2.34 -17.23 4.29
C ALA A 20 2.83 -17.42 2.85
N ALA A 21 1.95 -17.14 1.89
CA ALA A 21 2.29 -17.27 0.49
C ALA A 21 3.49 -16.41 0.13
N GLU A 22 4.30 -16.89 -0.82
CA GLU A 22 5.48 -16.16 -1.26
C GLU A 22 5.12 -14.76 -1.74
N LYS A 23 6.08 -13.85 -1.67
CA LYS A 23 5.87 -12.47 -2.11
C LYS A 23 7.02 -11.98 -2.97
N GLU A 24 6.77 -11.81 -4.26
CA GLU A 24 7.78 -11.35 -5.19
C GLU A 24 7.32 -10.08 -5.91
N ARG A 25 8.24 -9.49 -6.68
CA ARG A 25 7.93 -8.26 -7.42
C ARG A 25 7.19 -8.59 -8.71
N LEU A 26 6.10 -7.87 -8.96
CA LEU A 26 5.30 -8.08 -10.16
C LEU A 26 5.60 -7.01 -11.20
N ASP A 27 5.86 -7.45 -12.43
CA ASP A 27 6.15 -6.52 -13.52
C ASP A 27 5.39 -5.22 -13.36
N LYS A 28 4.09 -5.32 -13.11
CA LYS A 28 3.25 -4.15 -12.93
C LYS A 28 3.90 -3.15 -11.97
N HIS A 29 3.28 -1.98 -11.83
CA HIS A 29 3.81 -0.95 -10.95
C HIS A 29 4.49 -1.57 -9.73
N LEU A 30 5.73 -1.17 -9.49
CA LEU A 30 6.50 -1.68 -8.37
C LEU A 30 6.87 -0.56 -7.41
N GLY A 31 7.27 0.58 -7.95
CA GLY A 31 7.64 1.71 -7.13
C GLY A 31 8.24 1.29 -5.80
N ILE A 32 7.47 1.44 -4.73
CA ILE A 32 7.92 1.07 -3.40
C ILE A 32 6.79 0.46 -2.57
N PRO A 33 7.12 -0.60 -1.83
CA PRO A 33 6.15 -1.31 -0.99
C PRO A 33 5.71 -0.47 0.22
N CYS A 34 4.64 -0.90 0.87
CA CYS A 34 4.13 -0.18 2.04
C CYS A 34 4.94 -0.53 3.28
N ASN A 35 4.97 0.40 4.24
CA ASN A 35 5.72 0.20 5.47
C ASN A 35 4.79 -0.30 6.58
N ASN A 36 3.52 0.07 6.50
CA ASN A 36 2.54 -0.34 7.50
C ASN A 36 2.01 -1.74 7.19
N CYS A 37 1.12 -1.82 6.20
CA CYS A 37 0.54 -3.10 5.80
C CYS A 37 1.57 -3.97 5.09
N LYS A 38 2.52 -3.33 4.43
CA LYS A 38 3.56 -4.04 3.70
C LYS A 38 3.00 -4.73 2.47
N GLN A 39 2.11 -4.04 1.76
CA GLN A 39 1.49 -4.59 0.56
C GLN A 39 2.41 -4.42 -0.65
N PHE A 40 2.76 -5.53 -1.27
CA PHE A 40 3.63 -5.52 -2.44
C PHE A 40 3.27 -6.65 -3.41
N PRO A 41 2.99 -6.27 -4.67
CA PRO A 41 3.03 -4.87 -5.11
C PRO A 41 1.88 -4.05 -4.50
N ILE A 42 1.97 -2.74 -4.66
CA ILE A 42 0.95 -1.84 -4.13
C ILE A 42 -0.09 -1.50 -5.20
N GLU A 43 -1.36 -1.53 -4.81
CA GLU A 43 -2.45 -1.23 -5.73
C GLU A 43 -2.82 0.25 -5.67
N GLY A 44 -2.99 0.75 -4.45
CA GLY A 44 -3.35 2.15 -4.27
C GLY A 44 -2.24 3.09 -4.69
N LYS A 45 -2.50 4.39 -4.59
CA LYS A 45 -1.51 5.40 -4.95
C LYS A 45 -0.18 5.13 -4.25
N CYS A 46 0.76 6.06 -4.42
CA CYS A 46 2.08 5.92 -3.80
C CYS A 46 2.33 7.05 -2.81
N TYR A 47 2.31 6.72 -1.52
CA TYR A 47 2.54 7.70 -0.47
C TYR A 47 3.90 7.49 0.20
N LYS A 48 4.52 8.59 0.59
CA LYS A 48 5.83 8.53 1.25
C LYS A 48 6.01 9.70 2.21
N CYS A 49 6.44 9.39 3.43
CA CYS A 49 6.65 10.40 4.44
C CYS A 49 7.90 11.22 4.14
N THR A 50 7.75 12.54 4.16
CA THR A 50 8.87 13.44 3.89
C THR A 50 9.62 13.80 5.16
N GLU A 51 9.19 13.21 6.28
CA GLU A 51 9.83 13.47 7.57
C GLU A 51 10.54 12.22 8.08
N CYS A 52 10.00 11.06 7.73
CA CYS A 52 10.59 9.79 8.16
C CYS A 52 11.64 9.31 7.16
N ILE A 53 12.16 8.11 7.40
CA ILE A 53 13.17 7.53 6.51
C ILE A 53 12.64 6.29 5.82
N GLU A 54 12.88 6.18 4.52
CA GLU A 54 12.43 5.03 3.74
C GLU A 54 11.01 4.63 4.13
N TYR A 55 10.15 5.63 4.29
CA TYR A 55 8.76 5.37 4.66
C TYR A 55 7.83 5.57 3.47
N HIS A 56 6.99 4.58 3.21
CA HIS A 56 6.05 4.64 2.11
C HIS A 56 4.75 3.92 2.46
N LEU A 57 3.63 4.61 2.25
CA LEU A 57 2.31 4.04 2.54
C LEU A 57 1.48 3.90 1.28
N CYS A 58 0.38 3.16 1.37
CA CYS A 58 -0.50 2.95 0.23
C CYS A 58 -1.84 3.66 0.44
N GLN A 59 -2.39 4.21 -0.62
CA GLN A 59 -3.67 4.92 -0.56
C GLN A 59 -4.59 4.27 0.47
N GLU A 60 -4.59 2.94 0.50
CA GLU A 60 -5.42 2.20 1.45
C GLU A 60 -5.08 2.58 2.89
N CYS A 61 -3.83 2.37 3.27
CA CYS A 61 -3.38 2.69 4.62
C CYS A 61 -3.60 4.16 4.94
N PHE A 62 -3.32 5.02 3.96
CA PHE A 62 -3.49 6.46 4.14
C PHE A 62 -4.87 6.77 4.69
N ASP A 63 -5.89 6.15 4.12
CA ASP A 63 -7.27 6.37 4.56
C ASP A 63 -7.39 6.18 6.06
N SER A 64 -6.47 5.42 6.64
CA SER A 64 -6.48 5.16 8.08
C SER A 64 -6.33 6.46 8.87
N TYR A 65 -5.61 7.41 8.30
CA TYR A 65 -5.39 8.69 8.95
C TYR A 65 -4.61 8.53 10.24
N CYS A 66 -3.48 7.82 10.16
CA CYS A 66 -2.64 7.58 11.32
C CYS A 66 -1.30 8.30 11.18
N HIS A 67 -0.59 8.02 10.09
CA HIS A 67 0.70 8.64 9.85
C HIS A 67 0.53 10.01 9.20
N LEU A 68 -0.68 10.29 8.74
CA LEU A 68 -0.98 11.57 8.09
C LEU A 68 -0.33 12.73 8.86
N SER A 69 -0.25 12.58 10.18
CA SER A 69 0.35 13.61 11.03
C SER A 69 1.55 14.24 10.35
N HIS A 70 2.40 13.40 9.76
CA HIS A 70 3.60 13.88 9.08
C HIS A 70 3.27 14.31 7.66
N THR A 71 4.17 15.08 7.06
CA THR A 71 3.98 15.57 5.70
C THR A 71 4.23 14.46 4.68
N PHE A 72 3.16 13.98 4.06
CA PHE A 72 3.27 12.92 3.07
C PHE A 72 3.06 13.48 1.65
N THR A 73 3.51 12.73 0.65
CA THR A 73 3.38 13.14 -0.73
C THR A 73 2.92 11.98 -1.61
N PHE A 74 1.85 12.21 -2.37
CA PHE A 74 1.31 11.18 -3.26
C PHE A 74 1.66 11.47 -4.71
N ARG A 75 1.91 10.43 -5.49
CA ARG A 75 2.26 10.57 -6.89
C ARG A 75 1.05 10.28 -7.78
N GLU A 76 1.25 10.39 -9.09
CA GLU A 76 0.18 10.14 -10.04
C GLU A 76 0.65 9.22 -11.17
N LYS A 77 -0.29 8.71 -11.96
CA LYS A 77 0.03 7.83 -13.07
C LYS A 77 1.16 8.40 -13.91
N ARG A 78 1.76 7.55 -14.74
CA ARG A 78 2.87 7.96 -15.59
C ARG A 78 2.65 9.39 -16.12
N ASN A 79 3.73 10.07 -16.45
CA ASN A 79 3.66 11.43 -16.97
C ASN A 79 3.10 12.37 -15.90
N GLN A 80 3.61 12.27 -14.68
CA GLN A 80 3.17 13.11 -13.58
C GLN A 80 4.30 13.35 -12.58
N LYS A 81 3.97 14.05 -11.50
CA LYS A 81 4.96 14.35 -10.46
C LYS A 81 4.31 14.39 -9.08
N TRP A 82 5.12 14.15 -8.06
CA TRP A 82 4.62 14.15 -6.69
C TRP A 82 3.68 15.33 -6.45
N ARG A 83 2.88 15.24 -5.40
CA ARG A 83 1.93 16.30 -5.06
C ARG A 83 1.87 16.51 -3.56
N SER A 84 2.04 17.75 -3.13
CA SER A 84 2.01 18.09 -1.71
C SER A 84 0.61 17.88 -1.14
N LEU A 85 0.50 16.99 -0.16
CA LEU A 85 -0.78 16.70 0.47
C LEU A 85 -1.20 17.83 1.40
N GLU A 86 -2.50 18.06 1.49
CA GLU A 86 -3.03 19.11 2.35
C GLU A 86 -3.24 18.60 3.77
N LYS A 87 -2.97 19.46 4.74
CA LYS A 87 -3.12 19.10 6.15
C LYS A 87 -4.56 18.70 6.45
N ARG A 88 -4.78 17.40 6.61
CA ARG A 88 -6.12 16.88 6.91
C ARG A 88 -6.76 17.66 8.04
N ALA A 89 -8.08 17.82 7.97
CA ALA A 89 -8.82 18.54 8.99
C ALA A 89 -9.73 17.60 9.78
N ASP A 90 -10.74 17.06 9.12
CA ASP A 90 -11.68 16.15 9.76
C ASP A 90 -11.01 14.81 10.08
N GLU A 91 -11.65 14.03 10.93
CA GLU A 91 -11.12 12.73 11.33
C GLU A 91 -11.74 11.61 10.50
N VAL A 92 -10.88 10.75 9.93
CA VAL A 92 -11.36 9.64 9.11
C VAL A 92 -12.68 9.11 9.63
N SER A 93 -13.60 8.85 8.71
CA SER A 93 -14.92 8.33 9.07
C SER A 93 -15.14 6.94 8.47
N GLY A 94 -16.08 6.20 9.04
CA GLY A 94 -16.37 4.86 8.55
C GLY A 94 -16.38 4.80 7.03
N PRO A 95 -15.30 4.23 6.46
CA PRO A 95 -15.16 4.10 5.00
C PRO A 95 -16.12 3.07 4.42
N SER A 96 -16.63 3.35 3.23
CA SER A 96 -17.57 2.45 2.56
C SER A 96 -16.90 1.73 1.41
N SER A 97 -17.04 0.41 1.37
CA SER A 97 -16.45 -0.41 0.32
C SER A 97 -17.04 -0.06 -1.03
N GLY A 98 -18.37 -0.04 -1.10
CA GLY A 98 -19.04 0.27 -2.35
C GLY A 98 -19.68 -0.94 -3.00
ZN ZN B . -0.40 -0.09 3.29
ZN ZN C . 6.52 10.02 9.40
N GLY A 1 7.78 -48.32 -23.33
CA GLY A 1 7.97 -49.29 -24.39
C GLY A 1 9.31 -49.99 -24.31
N SER A 2 9.55 -50.90 -25.26
CA SER A 2 10.80 -51.63 -25.29
C SER A 2 11.38 -51.65 -26.71
N SER A 3 10.54 -52.02 -27.68
CA SER A 3 10.96 -52.09 -29.07
C SER A 3 10.44 -50.89 -29.85
N GLY A 4 11.35 -50.08 -30.38
CA GLY A 4 10.96 -48.92 -31.15
C GLY A 4 11.84 -48.68 -32.35
N SER A 5 11.71 -47.52 -32.97
CA SER A 5 12.50 -47.18 -34.15
C SER A 5 12.62 -45.68 -34.31
N SER A 6 13.43 -45.25 -35.28
CA SER A 6 13.64 -43.83 -35.53
C SER A 6 12.31 -43.07 -35.54
N GLY A 7 12.35 -41.80 -35.17
CA GLY A 7 11.15 -40.99 -35.14
C GLY A 7 11.27 -39.74 -35.99
N LEU A 8 10.58 -39.73 -37.12
CA LEU A 8 10.61 -38.58 -38.03
C LEU A 8 9.47 -37.61 -37.71
N GLU A 9 9.67 -36.35 -38.08
CA GLU A 9 8.66 -35.32 -37.84
C GLU A 9 7.46 -35.50 -38.78
N GLU A 10 6.52 -36.35 -38.37
CA GLU A 10 5.34 -36.62 -39.18
C GLU A 10 4.17 -35.72 -38.75
N PHE A 11 3.98 -35.61 -37.44
CA PHE A 11 2.91 -34.78 -36.90
C PHE A 11 3.47 -33.69 -36.00
N LYS A 12 2.71 -32.60 -35.85
CA LYS A 12 3.13 -31.48 -35.01
C LYS A 12 2.27 -31.39 -33.76
N ASN A 13 2.92 -31.31 -32.61
CA ASN A 13 2.20 -31.21 -31.33
C ASN A 13 2.83 -30.16 -30.44
N SER A 14 2.04 -29.16 -30.06
CA SER A 14 2.52 -28.08 -29.20
C SER A 14 1.69 -27.99 -27.93
N SER A 15 2.23 -28.51 -26.83
CA SER A 15 1.54 -28.48 -25.55
C SER A 15 1.63 -27.10 -24.90
N LYS A 16 0.92 -26.92 -23.80
CA LYS A 16 0.92 -25.65 -23.08
C LYS A 16 1.55 -25.80 -21.70
N LEU A 17 1.83 -24.68 -21.06
CA LEU A 17 2.43 -24.68 -19.73
C LEU A 17 1.44 -24.17 -18.69
N VAL A 18 1.84 -24.21 -17.42
CA VAL A 18 1.00 -23.75 -16.33
C VAL A 18 1.45 -22.40 -15.81
N ALA A 19 0.57 -21.40 -15.91
CA ALA A 19 0.88 -20.06 -15.45
C ALA A 19 1.42 -20.08 -14.02
N ALA A 20 2.36 -19.17 -13.73
CA ALA A 20 2.95 -19.09 -12.41
C ALA A 20 3.32 -17.65 -12.06
N ALA A 21 3.66 -17.41 -10.80
CA ALA A 21 4.03 -16.07 -10.35
C ALA A 21 5.49 -15.77 -10.69
N GLU A 22 5.90 -16.14 -11.90
CA GLU A 22 7.27 -15.91 -12.35
C GLU A 22 7.36 -14.61 -13.15
N LYS A 23 6.38 -14.37 -14.00
CA LYS A 23 6.34 -13.17 -14.82
C LYS A 23 6.35 -11.92 -13.96
N GLU A 24 6.83 -10.81 -14.52
CA GLU A 24 6.89 -9.55 -13.80
C GLU A 24 5.53 -9.20 -13.19
N ARG A 25 5.53 -8.29 -12.22
CA ARG A 25 4.31 -7.87 -11.56
C ARG A 25 3.19 -7.66 -12.57
N LEU A 26 1.96 -7.64 -12.08
CA LEU A 26 0.80 -7.43 -12.94
C LEU A 26 0.77 -6.02 -13.49
N ASP A 27 1.25 -5.07 -12.71
CA ASP A 27 1.29 -3.67 -13.13
C ASP A 27 2.67 -3.06 -12.89
N LYS A 28 3.22 -2.44 -13.92
CA LYS A 28 4.54 -1.83 -13.82
C LYS A 28 4.64 -0.95 -12.57
N HIS A 29 3.50 -0.44 -12.11
CA HIS A 29 3.47 0.39 -10.92
C HIS A 29 4.05 -0.33 -9.73
N LEU A 30 5.37 -0.31 -9.61
CA LEU A 30 6.06 -0.97 -8.50
C LEU A 30 6.55 0.04 -7.48
N GLY A 31 7.10 1.15 -7.97
CA GLY A 31 7.60 2.19 -7.09
C GLY A 31 8.16 1.63 -5.79
N ILE A 32 7.39 1.74 -4.72
CA ILE A 32 7.80 1.23 -3.41
C ILE A 32 6.63 0.64 -2.64
N PRO A 33 6.87 -0.49 -1.98
CA PRO A 33 5.84 -1.17 -1.18
C PRO A 33 5.47 -0.39 0.08
N CYS A 34 4.35 -0.78 0.69
CA CYS A 34 3.88 -0.12 1.90
C CYS A 34 4.80 -0.43 3.08
N ASN A 35 4.78 0.46 4.08
CA ASN A 35 5.61 0.28 5.26
C ASN A 35 4.82 -0.37 6.39
N ASN A 36 3.49 -0.32 6.29
CA ASN A 36 2.62 -0.89 7.30
C ASN A 36 2.16 -2.29 6.89
N CYS A 37 1.23 -2.35 5.93
CA CYS A 37 0.71 -3.61 5.45
C CYS A 37 1.62 -4.21 4.38
N LYS A 38 2.76 -3.55 4.15
CA LYS A 38 3.72 -4.02 3.16
C LYS A 38 3.01 -4.47 1.88
N GLN A 39 1.85 -3.89 1.61
CA GLN A 39 1.08 -4.23 0.42
C GLN A 39 1.91 -4.03 -0.84
N PHE A 40 2.14 -5.12 -1.57
CA PHE A 40 2.92 -5.06 -2.80
C PHE A 40 2.41 -6.08 -3.81
N PRO A 41 2.16 -5.62 -5.04
CA PRO A 41 2.36 -4.21 -5.41
C PRO A 41 1.34 -3.29 -4.75
N ILE A 42 1.57 -1.99 -4.86
CA ILE A 42 0.67 -1.00 -4.27
C ILE A 42 -0.30 -0.46 -5.30
N GLU A 43 -1.30 -1.27 -5.66
CA GLU A 43 -2.30 -0.88 -6.64
C GLU A 43 -2.71 0.58 -6.44
N GLY A 44 -3.19 0.90 -5.25
CA GLY A 44 -3.60 2.26 -4.95
C GLY A 44 -2.46 3.25 -5.05
N LYS A 45 -2.78 4.53 -4.93
CA LYS A 45 -1.78 5.59 -5.01
C LYS A 45 -0.55 5.25 -4.17
N CYS A 46 0.51 6.03 -4.34
CA CYS A 46 1.74 5.81 -3.58
C CYS A 46 2.09 7.04 -2.75
N TYR A 47 2.21 6.84 -1.44
CA TYR A 47 2.55 7.94 -0.54
C TYR A 47 3.85 7.66 0.20
N LYS A 48 4.53 8.72 0.61
CA LYS A 48 5.79 8.59 1.33
C LYS A 48 5.97 9.73 2.33
N CYS A 49 6.57 9.42 3.48
CA CYS A 49 6.80 10.41 4.52
C CYS A 49 8.07 11.22 4.23
N THR A 50 7.92 12.54 4.23
CA THR A 50 9.05 13.43 3.97
C THR A 50 9.74 13.84 5.27
N GLU A 51 9.37 13.18 6.36
CA GLU A 51 9.94 13.47 7.67
C GLU A 51 10.66 12.26 8.24
N CYS A 52 10.22 11.07 7.84
CA CYS A 52 10.81 9.83 8.30
C CYS A 52 11.87 9.33 7.31
N ILE A 53 12.41 8.14 7.59
CA ILE A 53 13.42 7.55 6.73
C ILE A 53 12.93 6.25 6.10
N GLU A 54 13.13 6.12 4.79
CA GLU A 54 12.70 4.91 4.08
C GLU A 54 11.29 4.50 4.51
N TYR A 55 10.36 5.45 4.45
CA TYR A 55 8.98 5.18 4.83
C TYR A 55 8.03 5.46 3.67
N HIS A 56 7.12 4.52 3.41
CA HIS A 56 6.16 4.65 2.32
C HIS A 56 4.85 3.97 2.68
N LEU A 57 3.74 4.59 2.30
CA LEU A 57 2.41 4.05 2.58
C LEU A 57 1.63 3.83 1.29
N CYS A 58 0.45 3.25 1.41
CA CYS A 58 -0.40 2.98 0.25
C CYS A 58 -1.75 3.67 0.41
N GLN A 59 -2.36 4.04 -0.72
CA GLN A 59 -3.65 4.71 -0.72
C GLN A 59 -4.54 4.16 0.39
N GLU A 60 -4.53 2.83 0.54
CA GLU A 60 -5.34 2.17 1.57
C GLU A 60 -4.98 2.69 2.96
N CYS A 61 -3.77 2.37 3.40
CA CYS A 61 -3.29 2.79 4.72
C CYS A 61 -3.50 4.29 4.91
N PHE A 62 -3.42 5.03 3.82
CA PHE A 62 -3.60 6.48 3.87
C PHE A 62 -5.03 6.84 4.26
N ASP A 63 -5.98 6.02 3.83
CA ASP A 63 -7.39 6.24 4.14
C ASP A 63 -7.61 6.36 5.65
N SER A 64 -6.71 5.75 6.42
CA SER A 64 -6.81 5.77 7.87
C SER A 64 -6.23 7.06 8.43
N TYR A 65 -5.45 7.76 7.60
CA TYR A 65 -4.84 9.01 8.02
C TYR A 65 -4.14 8.86 9.36
N CYS A 66 -3.40 7.77 9.52
CA CYS A 66 -2.68 7.51 10.76
C CYS A 66 -1.35 8.24 10.80
N HIS A 67 -0.47 7.91 9.86
CA HIS A 67 0.84 8.53 9.78
C HIS A 67 0.73 9.95 9.24
N LEU A 68 -0.44 10.29 8.69
CA LEU A 68 -0.68 11.61 8.14
C LEU A 68 -0.08 12.69 9.03
N SER A 69 0.08 12.38 10.31
CA SER A 69 0.64 13.32 11.27
C SER A 69 1.85 14.03 10.68
N HIS A 70 2.54 13.37 9.77
CA HIS A 70 3.72 13.95 9.12
C HIS A 70 3.39 14.43 7.71
N THR A 71 4.36 15.05 7.07
CA THR A 71 4.19 15.56 5.70
C THR A 71 4.37 14.45 4.68
N PHE A 72 3.26 14.02 4.07
CA PHE A 72 3.31 12.97 3.06
C PHE A 72 3.09 13.54 1.67
N THR A 73 3.34 12.71 0.65
CA THR A 73 3.17 13.13 -0.74
C THR A 73 2.72 11.97 -1.61
N PHE A 74 1.69 12.21 -2.42
CA PHE A 74 1.16 11.18 -3.30
C PHE A 74 1.58 11.44 -4.75
N ARG A 75 1.85 10.37 -5.49
CA ARG A 75 2.26 10.49 -6.89
C ARG A 75 1.10 10.20 -7.82
N GLU A 76 1.34 10.31 -9.13
CA GLU A 76 0.31 10.06 -10.12
C GLU A 76 0.85 9.16 -11.23
N LYS A 77 -0.07 8.66 -12.07
CA LYS A 77 0.31 7.78 -13.17
C LYS A 77 1.51 8.34 -13.93
N ARG A 78 2.16 7.49 -14.72
CA ARG A 78 3.32 7.90 -15.50
C ARG A 78 3.11 9.29 -16.08
N ASN A 79 4.22 9.99 -16.31
CA ASN A 79 4.17 11.34 -16.86
C ASN A 79 3.61 12.33 -15.85
N GLN A 80 3.92 12.09 -14.57
CA GLN A 80 3.45 12.96 -13.50
C GLN A 80 4.52 13.16 -12.44
N LYS A 81 4.18 13.84 -11.36
CA LYS A 81 5.11 14.10 -10.28
C LYS A 81 4.40 14.10 -8.92
N TRP A 82 5.17 13.91 -7.85
CA TRP A 82 4.61 13.89 -6.51
C TRP A 82 3.60 15.02 -6.32
N ARG A 83 2.86 14.97 -5.22
CA ARG A 83 1.86 15.99 -4.93
C ARG A 83 1.85 16.31 -3.43
N SER A 84 1.60 17.57 -3.11
CA SER A 84 1.57 18.03 -1.73
C SER A 84 0.18 17.80 -1.12
N LEU A 85 0.09 16.86 -0.19
CA LEU A 85 -1.17 16.55 0.47
C LEU A 85 -1.51 17.61 1.52
N GLU A 86 -2.80 17.75 1.80
CA GLU A 86 -3.26 18.72 2.78
C GLU A 86 -3.77 18.03 4.04
N LYS A 87 -3.29 18.49 5.20
CA LYS A 87 -3.69 17.91 6.48
C LYS A 87 -5.21 17.86 6.60
N ARG A 88 -5.78 16.71 6.27
CA ARG A 88 -7.23 16.53 6.34
C ARG A 88 -7.61 15.68 7.55
N ALA A 89 -8.54 16.21 8.35
CA ALA A 89 -8.99 15.50 9.55
C ALA A 89 -10.39 15.95 9.94
N ASP A 90 -11.36 15.04 9.81
CA ASP A 90 -12.74 15.34 10.15
C ASP A 90 -13.07 14.85 11.56
N GLU A 91 -12.81 15.70 12.55
CA GLU A 91 -13.07 15.34 13.94
C GLU A 91 -13.93 16.41 14.62
N VAL A 92 -15.24 16.22 14.57
CA VAL A 92 -16.18 17.16 15.18
C VAL A 92 -16.77 16.60 16.48
N SER A 93 -16.40 17.20 17.60
CA SER A 93 -16.89 16.76 18.90
C SER A 93 -17.23 17.95 19.78
N GLY A 94 -18.05 17.72 20.80
CA GLY A 94 -18.44 18.78 21.70
C GLY A 94 -19.96 18.98 21.74
N PRO A 95 -20.64 18.15 22.54
CA PRO A 95 -22.10 18.23 22.69
C PRO A 95 -22.55 19.49 23.43
N SER A 96 -23.86 19.66 23.55
CA SER A 96 -24.42 20.83 24.22
C SER A 96 -23.80 20.99 25.61
N SER A 97 -23.99 20.00 26.46
CA SER A 97 -23.46 20.03 27.82
C SER A 97 -21.95 19.79 27.81
N GLY A 98 -21.29 20.19 28.90
CA GLY A 98 -19.86 20.01 29.00
C GLY A 98 -19.17 21.20 29.65
ZN ZN B . -0.54 -0.10 3.38
ZN ZN C . 6.70 10.09 9.49
N GLY A 1 -15.46 42.45 -18.28
CA GLY A 1 -14.72 41.38 -17.64
C GLY A 1 -15.47 40.78 -16.47
N SER A 2 -15.58 39.45 -16.46
CA SER A 2 -16.29 38.76 -15.39
C SER A 2 -15.56 37.46 -15.01
N SER A 3 -16.02 36.82 -13.94
CA SER A 3 -15.42 35.59 -13.47
C SER A 3 -16.35 34.41 -13.69
N GLY A 4 -15.77 33.22 -13.81
CA GLY A 4 -16.57 32.02 -14.04
C GLY A 4 -16.36 30.98 -12.95
N SER A 5 -16.38 29.72 -13.34
CA SER A 5 -16.19 28.62 -12.39
C SER A 5 -15.50 27.44 -13.06
N SER A 6 -14.83 26.62 -12.25
CA SER A 6 -14.12 25.45 -12.75
C SER A 6 -14.20 24.29 -11.76
N GLY A 7 -14.21 23.07 -12.28
CA GLY A 7 -14.29 21.91 -11.43
C GLY A 7 -13.00 21.10 -11.43
N LEU A 8 -13.12 19.80 -11.23
CA LEU A 8 -11.95 18.92 -11.21
C LEU A 8 -11.91 18.02 -12.42
N GLU A 9 -10.73 17.55 -12.77
CA GLU A 9 -10.55 16.67 -13.93
C GLU A 9 -9.27 15.86 -13.81
N GLU A 10 -9.42 14.54 -13.72
CA GLU A 10 -8.27 13.65 -13.61
C GLU A 10 -8.39 12.47 -14.57
N PHE A 11 -7.35 11.65 -14.62
CA PHE A 11 -7.34 10.48 -15.50
C PHE A 11 -8.44 9.50 -15.11
N LYS A 12 -8.93 8.75 -16.10
CA LYS A 12 -9.98 7.77 -15.86
C LYS A 12 -9.54 6.72 -14.86
N ASN A 13 -10.17 6.71 -13.69
CA ASN A 13 -9.83 5.75 -12.64
C ASN A 13 -9.78 4.33 -13.21
N SER A 14 -8.87 3.52 -12.66
CA SER A 14 -8.72 2.14 -13.11
C SER A 14 -9.84 1.27 -12.56
N SER A 15 -9.86 0.01 -12.97
CA SER A 15 -10.88 -0.95 -12.53
C SER A 15 -10.45 -1.64 -11.24
N LYS A 16 -9.23 -2.17 -11.25
CA LYS A 16 -8.70 -2.86 -10.08
C LYS A 16 -9.57 -4.06 -9.71
N LEU A 17 -10.01 -4.79 -10.73
CA LEU A 17 -10.84 -5.97 -10.51
C LEU A 17 -9.99 -7.22 -10.35
N VAL A 18 -9.62 -7.52 -9.11
CA VAL A 18 -8.81 -8.70 -8.81
C VAL A 18 -9.08 -9.23 -7.41
N ALA A 19 -9.11 -10.55 -7.28
CA ALA A 19 -9.36 -11.17 -5.99
C ALA A 19 -8.08 -11.27 -5.17
N ALA A 20 -8.08 -10.65 -4.00
CA ALA A 20 -6.92 -10.67 -3.11
C ALA A 20 -6.52 -12.10 -2.76
N ALA A 21 -5.30 -12.48 -3.11
CA ALA A 21 -4.80 -13.81 -2.82
C ALA A 21 -3.32 -13.94 -3.17
N GLU A 22 -2.66 -14.92 -2.57
CA GLU A 22 -1.23 -15.14 -2.82
C GLU A 22 -0.89 -14.85 -4.27
N LYS A 23 -0.14 -13.78 -4.50
CA LYS A 23 0.27 -13.39 -5.85
C LYS A 23 1.64 -12.72 -5.83
N GLU A 24 2.41 -12.94 -6.89
CA GLU A 24 3.74 -12.36 -7.00
C GLU A 24 3.77 -11.24 -8.03
N ARG A 25 4.82 -10.42 -8.00
CA ARG A 25 4.96 -9.32 -8.94
C ARG A 25 4.40 -9.70 -10.31
N LEU A 26 3.27 -9.10 -10.67
CA LEU A 26 2.63 -9.37 -11.95
C LEU A 26 2.24 -8.06 -12.65
N ASP A 27 1.78 -7.10 -11.88
CA ASP A 27 1.36 -5.81 -12.41
C ASP A 27 2.58 -4.90 -12.63
N LYS A 28 2.38 -3.82 -13.36
CA LYS A 28 3.45 -2.86 -13.65
C LYS A 28 3.52 -1.80 -12.57
N HIS A 29 3.32 -2.19 -11.32
CA HIS A 29 3.37 -1.27 -10.20
C HIS A 29 4.45 -1.66 -9.21
N LEU A 30 5.70 -1.41 -9.57
CA LEU A 30 6.84 -1.74 -8.71
C LEU A 30 7.08 -0.63 -7.69
N GLY A 31 7.01 0.62 -8.14
CA GLY A 31 7.23 1.74 -7.24
C GLY A 31 7.89 1.33 -5.95
N ILE A 32 7.16 1.45 -4.84
CA ILE A 32 7.68 1.09 -3.53
C ILE A 32 6.61 0.44 -2.66
N PRO A 33 6.98 -0.62 -1.95
CA PRO A 33 6.07 -1.36 -1.07
C PRO A 33 5.68 -0.54 0.16
N CYS A 34 4.52 -0.85 0.72
CA CYS A 34 4.02 -0.14 1.91
C CYS A 34 4.90 -0.46 3.11
N ASN A 35 5.00 0.50 4.03
CA ASN A 35 5.80 0.33 5.24
C ASN A 35 4.93 -0.13 6.40
N ASN A 36 3.62 0.01 6.25
CA ASN A 36 2.68 -0.38 7.29
C ASN A 36 2.15 -1.80 7.04
N CYS A 37 1.29 -1.93 6.05
CA CYS A 37 0.70 -3.22 5.70
C CYS A 37 1.70 -4.07 4.91
N LYS A 38 2.64 -3.40 4.26
CA LYS A 38 3.65 -4.09 3.47
C LYS A 38 3.03 -4.72 2.22
N GLN A 39 2.12 -4.00 1.58
CA GLN A 39 1.46 -4.48 0.38
C GLN A 39 2.33 -4.26 -0.85
N PHE A 40 2.71 -5.35 -1.51
CA PHE A 40 3.54 -5.27 -2.70
C PHE A 40 3.18 -6.38 -3.69
N PRO A 41 2.91 -5.99 -4.94
CA PRO A 41 2.95 -4.59 -5.36
C PRO A 41 1.82 -3.77 -4.76
N ILE A 42 1.90 -2.45 -4.89
CA ILE A 42 0.89 -1.56 -4.35
C ILE A 42 -0.08 -1.11 -5.45
N GLU A 43 -1.26 -1.70 -5.47
CA GLU A 43 -2.26 -1.37 -6.47
C GLU A 43 -2.70 0.09 -6.33
N GLY A 44 -2.84 0.54 -5.09
CA GLY A 44 -3.26 1.91 -4.83
C GLY A 44 -2.15 2.90 -5.07
N LYS A 45 -2.41 4.17 -4.79
CA LYS A 45 -1.42 5.22 -4.96
C LYS A 45 -0.14 4.91 -4.20
N CYS A 46 0.87 5.75 -4.37
CA CYS A 46 2.14 5.56 -3.68
C CYS A 46 2.48 6.77 -2.81
N TYR A 47 2.23 6.64 -1.51
CA TYR A 47 2.49 7.72 -0.57
C TYR A 47 3.87 7.56 0.07
N LYS A 48 4.46 8.67 0.48
CA LYS A 48 5.78 8.66 1.10
C LYS A 48 5.89 9.77 2.15
N CYS A 49 6.54 9.45 3.26
CA CYS A 49 6.73 10.42 4.34
C CYS A 49 7.99 11.25 4.12
N THR A 50 7.86 12.56 4.24
CA THR A 50 8.99 13.46 4.05
C THR A 50 9.70 13.72 5.38
N GLU A 51 9.25 13.07 6.43
CA GLU A 51 9.84 13.23 7.75
C GLU A 51 10.50 11.94 8.23
N CYS A 52 10.02 10.82 7.70
CA CYS A 52 10.56 9.51 8.07
C CYS A 52 11.61 9.05 7.05
N ILE A 53 12.10 7.83 7.22
CA ILE A 53 13.09 7.27 6.32
C ILE A 53 12.55 6.06 5.58
N GLU A 54 12.78 6.01 4.27
CA GLU A 54 12.31 4.90 3.45
C GLU A 54 10.89 4.49 3.85
N TYR A 55 10.05 5.48 4.11
CA TYR A 55 8.67 5.23 4.50
C TYR A 55 7.71 5.51 3.34
N HIS A 56 6.80 4.56 3.09
CA HIS A 56 5.82 4.71 2.02
C HIS A 56 4.52 3.99 2.37
N LEU A 57 3.40 4.70 2.23
CA LEU A 57 2.09 4.14 2.53
C LEU A 57 1.26 3.99 1.26
N CYS A 58 0.32 3.06 1.28
CA CYS A 58 -0.54 2.82 0.13
C CYS A 58 -1.90 3.50 0.32
N GLN A 59 -2.50 3.92 -0.78
CA GLN A 59 -3.80 4.58 -0.74
C GLN A 59 -4.68 3.99 0.35
N GLU A 60 -4.65 2.67 0.47
CA GLU A 60 -5.46 1.98 1.47
C GLU A 60 -5.08 2.43 2.88
N CYS A 61 -3.81 2.24 3.23
CA CYS A 61 -3.32 2.63 4.55
C CYS A 61 -3.58 4.11 4.82
N PHE A 62 -3.34 4.94 3.80
CA PHE A 62 -3.55 6.38 3.93
C PHE A 62 -4.95 6.68 4.45
N ASP A 63 -5.93 5.91 3.97
CA ASP A 63 -7.31 6.10 4.39
C ASP A 63 -7.43 6.07 5.90
N SER A 64 -6.51 5.38 6.55
CA SER A 64 -6.52 5.27 8.01
C SER A 64 -6.35 6.64 8.66
N TYR A 65 -5.66 7.54 7.97
CA TYR A 65 -5.43 8.89 8.47
C TYR A 65 -4.72 8.85 9.82
N CYS A 66 -3.57 8.18 9.86
CA CYS A 66 -2.79 8.06 11.09
C CYS A 66 -1.44 8.76 10.95
N HIS A 67 -0.64 8.29 10.01
CA HIS A 67 0.67 8.87 9.77
C HIS A 67 0.56 10.33 9.34
N LEU A 68 -0.67 10.76 9.06
CA LEU A 68 -0.91 12.14 8.65
C LEU A 68 -0.06 13.11 9.46
N SER A 69 0.17 12.78 10.73
CA SER A 69 0.96 13.63 11.61
C SER A 69 2.13 14.26 10.84
N HIS A 70 2.79 13.47 10.01
CA HIS A 70 3.91 13.94 9.23
C HIS A 70 3.46 14.42 7.85
N THR A 71 4.35 15.09 7.13
CA THR A 71 4.03 15.59 5.80
C THR A 71 4.26 14.52 4.74
N PHE A 72 3.17 14.06 4.14
CA PHE A 72 3.24 13.02 3.11
C PHE A 72 3.02 13.63 1.73
N THR A 73 3.32 12.84 0.69
CA THR A 73 3.15 13.30 -0.68
C THR A 73 2.85 12.14 -1.61
N PHE A 74 1.93 12.35 -2.54
CA PHE A 74 1.56 11.31 -3.49
C PHE A 74 2.15 11.60 -4.87
N ARG A 75 2.44 10.53 -5.62
CA ARG A 75 3.02 10.67 -6.95
C ARG A 75 1.99 10.29 -8.02
N GLU A 76 2.41 10.36 -9.28
CA GLU A 76 1.54 10.02 -10.40
C GLU A 76 2.27 9.12 -11.40
N LYS A 77 1.50 8.56 -12.34
CA LYS A 77 2.07 7.68 -13.36
C LYS A 77 3.30 8.30 -13.98
N ARG A 78 4.09 7.49 -14.68
CA ARG A 78 5.30 7.96 -15.33
C ARG A 78 5.10 9.36 -15.90
N ASN A 79 6.21 10.08 -16.07
CA ASN A 79 6.16 11.44 -16.61
C ASN A 79 5.41 12.37 -15.67
N GLN A 80 5.68 12.23 -14.38
CA GLN A 80 5.04 13.06 -13.36
C GLN A 80 5.99 13.34 -12.20
N LYS A 81 5.50 14.08 -11.22
CA LYS A 81 6.30 14.42 -10.05
C LYS A 81 5.44 14.47 -8.78
N TRP A 82 6.06 14.22 -7.64
CA TRP A 82 5.34 14.25 -6.37
C TRP A 82 4.46 15.48 -6.26
N ARG A 83 3.66 15.53 -5.20
CA ARG A 83 2.76 16.67 -4.98
C ARG A 83 2.09 16.57 -3.62
N SER A 84 2.02 17.69 -2.92
CA SER A 84 1.41 17.73 -1.60
C SER A 84 -0.04 17.22 -1.64
N LEU A 85 -0.51 16.71 -0.52
CA LEU A 85 -1.87 16.18 -0.43
C LEU A 85 -2.80 17.20 0.24
N GLU A 86 -4.10 16.99 0.06
CA GLU A 86 -5.10 17.88 0.65
C GLU A 86 -5.37 17.51 2.10
N LYS A 87 -5.16 18.47 3.01
CA LYS A 87 -5.39 18.24 4.42
C LYS A 87 -6.76 17.60 4.67
N ARG A 88 -6.99 17.16 5.90
CA ARG A 88 -8.25 16.52 6.26
C ARG A 88 -9.37 17.55 6.31
N ALA A 89 -10.31 17.44 5.38
CA ALA A 89 -11.44 18.37 5.31
C ALA A 89 -12.40 18.13 6.48
N ASP A 90 -12.09 18.74 7.62
CA ASP A 90 -12.91 18.60 8.81
C ASP A 90 -12.49 19.60 9.89
N GLU A 91 -13.47 20.28 10.46
CA GLU A 91 -13.20 21.27 11.51
C GLU A 91 -13.22 20.63 12.89
N VAL A 92 -14.32 19.96 13.21
CA VAL A 92 -14.48 19.29 14.49
C VAL A 92 -13.36 18.29 14.73
N SER A 93 -12.84 18.25 15.95
CA SER A 93 -11.76 17.35 16.30
C SER A 93 -12.16 16.46 17.48
N GLY A 94 -12.60 15.25 17.17
CA GLY A 94 -13.01 14.32 18.21
C GLY A 94 -13.98 13.26 17.70
N PRO A 95 -15.28 13.60 17.70
CA PRO A 95 -16.33 12.69 17.25
C PRO A 95 -16.29 12.46 15.74
N SER A 96 -15.82 11.28 15.32
CA SER A 96 -15.73 10.95 13.91
C SER A 96 -16.12 9.49 13.67
N SER A 97 -17.27 9.30 13.03
CA SER A 97 -17.76 7.96 12.74
C SER A 97 -18.98 8.01 11.82
N GLY A 98 -19.08 7.03 10.93
CA GLY A 98 -20.20 6.99 10.01
C GLY A 98 -21.12 5.81 10.27
ZN ZN B . -0.46 -0.19 3.21
ZN ZN C . 6.57 9.87 9.27
N GLY A 1 1.85 -54.21 31.54
CA GLY A 1 2.63 -55.28 32.14
C GLY A 1 2.32 -56.63 31.53
N SER A 2 3.03 -56.97 30.45
CA SER A 2 2.82 -58.24 29.77
C SER A 2 4.12 -58.71 29.09
N SER A 3 4.07 -59.90 28.51
CA SER A 3 5.23 -60.46 27.83
C SER A 3 5.05 -60.41 26.31
N GLY A 4 5.98 -59.73 25.64
CA GLY A 4 5.91 -59.63 24.20
C GLY A 4 7.18 -59.06 23.60
N SER A 5 7.07 -58.50 22.39
CA SER A 5 8.23 -57.93 21.71
C SER A 5 8.10 -56.41 21.63
N SER A 6 9.15 -55.76 21.13
CA SER A 6 9.17 -54.31 21.01
C SER A 6 9.75 -53.89 19.66
N GLY A 7 9.37 -52.70 19.21
CA GLY A 7 9.86 -52.21 17.93
C GLY A 7 11.25 -51.62 18.03
N LEU A 8 11.96 -51.60 16.92
CA LEU A 8 13.32 -51.06 16.88
C LEU A 8 13.65 -50.51 15.50
N GLU A 9 13.76 -49.19 15.41
CA GLU A 9 14.08 -48.53 14.15
C GLU A 9 14.85 -47.24 14.39
N GLU A 10 15.26 -46.58 13.30
CA GLU A 10 16.01 -45.35 13.39
C GLU A 10 15.21 -44.18 12.79
N PHE A 11 15.21 -43.05 13.50
CA PHE A 11 14.49 -41.88 13.04
C PHE A 11 14.87 -41.52 11.61
N LYS A 12 13.89 -41.09 10.82
CA LYS A 12 14.12 -40.72 9.43
C LYS A 12 14.81 -39.35 9.35
N ASN A 13 15.97 -39.32 8.69
CA ASN A 13 16.73 -38.09 8.54
C ASN A 13 16.52 -37.49 7.15
N SER A 14 16.00 -36.27 7.10
CA SER A 14 15.75 -35.59 5.84
C SER A 14 16.50 -34.26 5.77
N SER A 15 17.22 -34.05 4.68
CA SER A 15 17.99 -32.81 4.49
C SER A 15 17.97 -32.38 3.04
N LYS A 16 17.33 -31.24 2.78
CA LYS A 16 17.23 -30.71 1.43
C LYS A 16 17.11 -29.19 1.44
N LEU A 17 17.34 -28.57 0.30
CA LEU A 17 17.25 -27.12 0.18
C LEU A 17 16.57 -26.71 -1.13
N VAL A 18 15.63 -25.77 -1.04
CA VAL A 18 14.91 -25.30 -2.21
C VAL A 18 14.92 -23.77 -2.27
N ALA A 19 15.60 -23.23 -3.28
CA ALA A 19 15.67 -21.78 -3.46
C ALA A 19 14.38 -21.11 -3.02
N ALA A 20 14.50 -19.90 -2.47
CA ALA A 20 13.34 -19.15 -2.01
C ALA A 20 12.52 -18.64 -3.19
N ALA A 21 11.31 -18.15 -2.90
CA ALA A 21 10.43 -17.62 -3.94
C ALA A 21 10.04 -16.18 -3.64
N GLU A 22 9.42 -15.53 -4.62
CA GLU A 22 8.99 -14.14 -4.47
C GLU A 22 7.86 -13.82 -5.43
N LYS A 23 7.01 -12.87 -5.03
CA LYS A 23 5.88 -12.46 -5.86
C LYS A 23 6.32 -11.45 -6.93
N GLU A 24 5.72 -11.56 -8.12
CA GLU A 24 6.06 -10.67 -9.22
C GLU A 24 5.13 -9.45 -9.21
N ARG A 25 5.69 -8.30 -9.59
CA ARG A 25 4.91 -7.06 -9.63
C ARG A 25 4.54 -6.70 -11.06
N LEU A 26 4.14 -7.71 -11.84
CA LEU A 26 3.76 -7.50 -13.23
C LEU A 26 4.62 -6.43 -13.88
N ASP A 27 5.85 -6.29 -13.38
CA ASP A 27 6.79 -5.30 -13.92
C ASP A 27 6.04 -4.10 -14.48
N LYS A 28 5.12 -3.54 -13.69
CA LYS A 28 4.34 -2.39 -14.12
C LYS A 28 4.46 -1.26 -13.10
N HIS A 29 3.96 -1.50 -11.89
CA HIS A 29 4.01 -0.50 -10.83
C HIS A 29 4.82 -1.01 -9.65
N LEU A 30 6.15 -0.92 -9.76
CA LEU A 30 7.04 -1.37 -8.69
C LEU A 30 7.08 -0.35 -7.56
N GLY A 31 7.16 0.92 -7.92
CA GLY A 31 7.21 1.97 -6.92
C GLY A 31 7.85 1.52 -5.63
N ILE A 32 7.10 1.58 -4.53
CA ILE A 32 7.60 1.17 -3.23
C ILE A 32 6.50 0.52 -2.39
N PRO A 33 6.86 -0.58 -1.69
CA PRO A 33 5.91 -1.31 -0.85
C PRO A 33 5.52 -0.52 0.41
N CYS A 34 4.35 -0.83 0.95
CA CYS A 34 3.87 -0.14 2.14
C CYS A 34 4.69 -0.52 3.36
N ASN A 35 4.74 0.36 4.35
CA ASN A 35 5.49 0.12 5.58
C ASN A 35 4.59 -0.44 6.67
N ASN A 36 3.31 -0.10 6.60
CA ASN A 36 2.34 -0.57 7.59
C ASN A 36 1.79 -1.95 7.20
N CYS A 37 0.91 -1.97 6.21
CA CYS A 37 0.31 -3.21 5.73
C CYS A 37 1.33 -4.05 4.97
N LYS A 38 2.30 -3.38 4.35
CA LYS A 38 3.33 -4.07 3.59
C LYS A 38 2.75 -4.71 2.34
N GLN A 39 1.92 -3.95 1.62
CA GLN A 39 1.30 -4.45 0.39
C GLN A 39 2.21 -4.21 -0.82
N PHE A 40 2.58 -5.29 -1.50
CA PHE A 40 3.44 -5.20 -2.67
C PHE A 40 3.08 -6.27 -3.69
N PRO A 41 2.82 -5.84 -4.94
CA PRO A 41 2.88 -4.42 -5.31
C PRO A 41 1.74 -3.61 -4.69
N ILE A 42 1.86 -2.29 -4.76
CA ILE A 42 0.85 -1.40 -4.20
C ILE A 42 -0.17 -1.00 -5.27
N GLU A 43 -1.39 -1.52 -5.16
CA GLU A 43 -2.44 -1.21 -6.10
C GLU A 43 -2.80 0.27 -6.06
N GLY A 44 -3.19 0.74 -4.88
CA GLY A 44 -3.55 2.15 -4.72
C GLY A 44 -2.39 3.08 -4.99
N LYS A 45 -2.63 4.38 -4.86
CA LYS A 45 -1.60 5.38 -5.09
C LYS A 45 -0.37 5.10 -4.22
N CYS A 46 0.64 5.96 -4.34
CA CYS A 46 1.86 5.81 -3.57
C CYS A 46 2.10 7.01 -2.66
N TYR A 47 2.29 6.76 -1.38
CA TYR A 47 2.51 7.82 -0.41
C TYR A 47 3.82 7.61 0.34
N LYS A 48 4.43 8.70 0.79
CA LYS A 48 5.68 8.63 1.53
C LYS A 48 5.82 9.81 2.49
N CYS A 49 6.43 9.57 3.64
CA CYS A 49 6.63 10.62 4.63
C CYS A 49 7.87 11.44 4.31
N THR A 50 7.68 12.75 4.11
CA THR A 50 8.79 13.65 3.80
C THR A 50 9.53 14.05 5.06
N GLU A 51 9.19 13.43 6.18
CA GLU A 51 9.82 13.73 7.45
C GLU A 51 10.61 12.54 7.97
N CYS A 52 10.13 11.34 7.65
CA CYS A 52 10.79 10.11 8.08
C CYS A 52 11.72 9.59 6.99
N ILE A 53 12.29 8.41 7.22
CA ILE A 53 13.21 7.80 6.26
C ILE A 53 12.72 6.43 5.84
N GLU A 54 12.74 6.18 4.53
CA GLU A 54 12.30 4.90 3.99
C GLU A 54 10.90 4.54 4.51
N TYR A 55 9.99 5.50 4.44
CA TYR A 55 8.63 5.28 4.91
C TYR A 55 7.61 5.61 3.82
N HIS A 56 7.03 4.57 3.23
CA HIS A 56 6.04 4.74 2.17
C HIS A 56 4.78 3.93 2.46
N LEU A 57 3.62 4.56 2.31
CA LEU A 57 2.35 3.90 2.56
C LEU A 57 1.55 3.75 1.26
N CYS A 58 0.36 3.18 1.37
CA CYS A 58 -0.50 2.98 0.21
C CYS A 58 -1.83 3.71 0.39
N GLN A 59 -2.39 4.19 -0.72
CA GLN A 59 -3.66 4.91 -0.69
C GLN A 59 -4.57 4.34 0.39
N GLU A 60 -4.60 3.01 0.50
CA GLU A 60 -5.44 2.35 1.49
C GLU A 60 -5.08 2.80 2.90
N CYS A 61 -3.90 2.40 3.36
CA CYS A 61 -3.45 2.77 4.70
C CYS A 61 -3.63 4.27 4.95
N PHE A 62 -3.27 5.07 3.96
CA PHE A 62 -3.39 6.52 4.07
C PHE A 62 -4.78 6.90 4.59
N ASP A 63 -5.79 6.20 4.10
CA ASP A 63 -7.17 6.46 4.50
C ASP A 63 -7.31 6.44 6.02
N SER A 64 -6.54 5.56 6.66
CA SER A 64 -6.57 5.43 8.12
C SER A 64 -6.13 6.72 8.79
N TYR A 65 -5.35 7.53 8.06
CA TYR A 65 -4.85 8.79 8.59
C TYR A 65 -3.97 8.56 9.82
N CYS A 66 -3.28 7.42 9.84
CA CYS A 66 -2.40 7.08 10.96
C CYS A 66 -1.15 7.94 10.95
N HIS A 67 -0.23 7.63 10.03
CA HIS A 67 1.02 8.38 9.91
C HIS A 67 0.78 9.72 9.22
N LEU A 68 -0.40 9.87 8.61
CA LEU A 68 -0.74 11.11 7.92
C LEU A 68 -0.30 12.32 8.71
N SER A 69 -0.19 12.16 10.03
CA SER A 69 0.22 13.25 10.91
C SER A 69 1.38 14.02 10.30
N HIS A 70 2.37 13.29 9.77
CA HIS A 70 3.53 13.90 9.15
C HIS A 70 3.24 14.34 7.72
N THR A 71 4.12 15.16 7.16
CA THR A 71 3.96 15.65 5.81
C THR A 71 4.16 14.54 4.79
N PHE A 72 3.09 14.16 4.10
CA PHE A 72 3.14 13.11 3.10
C PHE A 72 2.96 13.68 1.69
N THR A 73 3.33 12.89 0.69
CA THR A 73 3.20 13.32 -0.70
C THR A 73 2.88 12.14 -1.61
N PHE A 74 1.90 12.33 -2.50
CA PHE A 74 1.49 11.29 -3.42
C PHE A 74 2.00 11.57 -4.83
N ARG A 75 2.21 10.51 -5.60
CA ARG A 75 2.71 10.64 -6.97
C ARG A 75 1.66 10.17 -7.98
N GLU A 76 1.98 10.32 -9.26
CA GLU A 76 1.06 9.92 -10.32
C GLU A 76 1.74 8.97 -11.30
N LYS A 77 0.96 8.36 -12.18
CA LYS A 77 1.48 7.42 -13.16
C LYS A 77 2.72 8.00 -13.85
N ARG A 78 3.48 7.13 -14.50
CA ARG A 78 4.69 7.56 -15.20
C ARG A 78 4.49 8.92 -15.86
N ASN A 79 5.59 9.60 -16.13
CA ASN A 79 5.54 10.91 -16.76
C ASN A 79 4.82 11.92 -15.87
N GLN A 80 5.07 11.84 -14.57
CA GLN A 80 4.44 12.74 -13.61
C GLN A 80 5.41 13.11 -12.49
N LYS A 81 4.92 13.85 -11.50
CA LYS A 81 5.74 14.26 -10.38
C LYS A 81 4.93 14.27 -9.09
N TRP A 82 5.61 14.05 -7.97
CA TRP A 82 4.96 14.03 -6.67
C TRP A 82 4.04 15.24 -6.50
N ARG A 83 3.12 15.16 -5.54
CA ARG A 83 2.20 16.24 -5.28
C ARG A 83 1.94 16.40 -3.79
N SER A 84 2.02 17.63 -3.29
CA SER A 84 1.81 17.91 -1.88
C SER A 84 0.35 17.67 -1.50
N LEU A 85 0.14 16.81 -0.52
CA LEU A 85 -1.21 16.50 -0.04
C LEU A 85 -1.72 17.57 0.91
N GLU A 86 -3.02 17.52 1.21
CA GLU A 86 -3.63 18.48 2.11
C GLU A 86 -3.55 18.01 3.55
N LYS A 87 -3.34 18.95 4.47
CA LYS A 87 -3.24 18.64 5.89
C LYS A 87 -4.60 18.26 6.46
N ARG A 88 -4.60 17.74 7.68
CA ARG A 88 -5.84 17.34 8.35
C ARG A 88 -6.91 18.41 8.17
N ALA A 89 -8.17 17.97 8.06
CA ALA A 89 -9.28 18.89 7.90
C ALA A 89 -9.06 20.18 8.69
N ASP A 90 -8.69 20.03 9.96
CA ASP A 90 -8.44 21.18 10.83
C ASP A 90 -7.09 21.06 11.52
N GLU A 91 -6.42 22.20 11.68
CA GLU A 91 -5.11 22.22 12.33
C GLU A 91 -5.18 21.61 13.73
N VAL A 92 -4.12 20.93 14.13
CA VAL A 92 -4.06 20.29 15.44
C VAL A 92 -3.73 21.31 16.52
N SER A 93 -4.41 21.21 17.66
CA SER A 93 -4.19 22.12 18.77
C SER A 93 -3.99 21.36 20.08
N GLY A 94 -3.37 22.02 21.05
CA GLY A 94 -3.13 21.37 22.34
C GLY A 94 -2.91 22.38 23.45
N PRO A 95 -2.90 21.89 24.70
CA PRO A 95 -2.70 22.74 25.88
C PRO A 95 -1.28 23.29 25.97
N SER A 96 -1.10 24.53 25.55
CA SER A 96 0.22 25.16 25.58
C SER A 96 1.20 24.42 24.67
N SER A 97 0.74 24.07 23.48
CA SER A 97 1.57 23.35 22.52
C SER A 97 2.48 24.31 21.78
N GLY A 98 3.72 24.46 22.26
CA GLY A 98 4.66 25.35 21.64
C GLY A 98 5.82 25.70 22.56
ZN ZN B . -0.66 -0.10 3.31
ZN ZN C . 6.79 10.39 9.57
N GLY A 1 -60.34 -40.57 -4.98
CA GLY A 1 -60.01 -39.34 -5.68
C GLY A 1 -58.51 -39.13 -5.82
N SER A 2 -57.79 -39.34 -4.73
CA SER A 2 -56.34 -39.16 -4.73
C SER A 2 -55.95 -37.95 -5.57
N SER A 3 -56.69 -36.86 -5.44
CA SER A 3 -56.42 -35.65 -6.19
C SER A 3 -55.78 -34.59 -5.30
N GLY A 4 -54.79 -33.88 -5.84
CA GLY A 4 -54.12 -32.85 -5.08
C GLY A 4 -53.01 -32.18 -5.86
N SER A 5 -52.22 -31.35 -5.19
CA SER A 5 -51.13 -30.63 -5.84
C SER A 5 -49.81 -30.92 -5.12
N SER A 6 -48.72 -30.42 -5.70
CA SER A 6 -47.39 -30.62 -5.12
C SER A 6 -46.43 -29.53 -5.58
N GLY A 7 -45.30 -29.41 -4.89
CA GLY A 7 -44.31 -28.40 -5.24
C GLY A 7 -43.22 -28.28 -4.20
N LEU A 8 -42.02 -27.94 -4.65
CA LEU A 8 -40.88 -27.79 -3.75
C LEU A 8 -39.72 -27.08 -4.45
N GLU A 9 -39.01 -26.24 -3.71
CA GLU A 9 -37.88 -25.51 -4.25
C GLU A 9 -36.57 -26.26 -4.00
N GLU A 10 -35.61 -26.10 -4.90
CA GLU A 10 -34.32 -26.75 -4.78
C GLU A 10 -33.35 -25.91 -3.95
N PHE A 11 -32.28 -26.54 -3.49
CA PHE A 11 -31.28 -25.84 -2.68
C PHE A 11 -29.93 -25.81 -3.39
N LYS A 12 -28.97 -25.14 -2.77
CA LYS A 12 -27.62 -25.03 -3.35
C LYS A 12 -26.59 -24.82 -2.26
N ASN A 13 -25.36 -25.26 -2.52
CA ASN A 13 -24.27 -25.11 -1.57
C ASN A 13 -22.94 -25.51 -2.19
N SER A 14 -21.88 -24.79 -1.84
CA SER A 14 -20.55 -25.06 -2.36
C SER A 14 -19.47 -24.42 -1.49
N SER A 15 -18.28 -24.99 -1.54
CA SER A 15 -17.16 -24.47 -0.75
C SER A 15 -15.83 -24.94 -1.32
N LYS A 16 -14.80 -24.11 -1.18
CA LYS A 16 -13.47 -24.45 -1.68
C LYS A 16 -12.42 -23.52 -1.07
N LEU A 17 -11.15 -23.88 -1.27
CA LEU A 17 -10.04 -23.08 -0.73
C LEU A 17 -9.54 -22.10 -1.78
N VAL A 18 -9.14 -20.91 -1.33
CA VAL A 18 -8.62 -19.88 -2.22
C VAL A 18 -7.22 -19.46 -1.82
N ALA A 19 -6.39 -19.17 -2.82
CA ALA A 19 -5.01 -18.75 -2.57
C ALA A 19 -4.68 -17.47 -3.33
N ALA A 20 -3.76 -16.68 -2.79
CA ALA A 20 -3.36 -15.43 -3.41
C ALA A 20 -1.95 -15.03 -2.98
N ALA A 21 -1.41 -14.01 -3.64
CA ALA A 21 -0.07 -13.52 -3.31
C ALA A 21 0.97 -14.63 -3.44
N GLU A 22 0.90 -15.37 -4.54
CA GLU A 22 1.83 -16.46 -4.79
C GLU A 22 2.60 -16.23 -6.08
N LYS A 23 2.86 -14.97 -6.39
CA LYS A 23 3.60 -14.62 -7.61
C LYS A 23 4.46 -13.38 -7.37
N GLU A 24 5.61 -13.33 -8.05
CA GLU A 24 6.52 -12.21 -7.91
C GLU A 24 6.02 -11.00 -8.71
N ARG A 25 6.75 -9.90 -8.62
CA ARG A 25 6.39 -8.68 -9.34
C ARG A 25 5.76 -9.01 -10.68
N LEU A 26 4.43 -8.93 -10.75
CA LEU A 26 3.71 -9.22 -11.99
C LEU A 26 3.23 -7.94 -12.65
N ASP A 27 2.83 -6.96 -11.83
CA ASP A 27 2.34 -5.69 -12.34
C ASP A 27 3.51 -4.82 -12.79
N LYS A 28 3.20 -3.59 -13.20
CA LYS A 28 4.22 -2.66 -13.67
C LYS A 28 4.47 -1.56 -12.63
N HIS A 29 3.42 -1.16 -11.94
CA HIS A 29 3.52 -0.13 -10.92
C HIS A 29 4.01 -0.71 -9.60
N LEU A 30 5.31 -0.98 -9.52
CA LEU A 30 5.90 -1.54 -8.30
C LEU A 30 6.37 -0.45 -7.36
N GLY A 31 6.98 0.59 -7.93
CA GLY A 31 7.47 1.70 -7.12
C GLY A 31 8.08 1.24 -5.81
N ILE A 32 7.34 1.43 -4.73
CA ILE A 32 7.80 1.03 -3.40
C ILE A 32 6.67 0.46 -2.56
N PRO A 33 6.96 -0.59 -1.80
CA PRO A 33 5.97 -1.25 -0.93
C PRO A 33 5.58 -0.38 0.26
N CYS A 34 4.55 -0.81 0.97
CA CYS A 34 4.07 -0.07 2.14
C CYS A 34 4.91 -0.40 3.37
N ASN A 35 4.95 0.53 4.32
CA ASN A 35 5.72 0.35 5.54
C ASN A 35 4.82 -0.16 6.68
N ASN A 36 3.55 0.21 6.62
CA ASN A 36 2.59 -0.20 7.64
C ASN A 36 2.05 -1.60 7.33
N CYS A 37 1.16 -1.69 6.35
CA CYS A 37 0.57 -2.96 5.97
C CYS A 37 1.58 -3.83 5.22
N LYS A 38 2.52 -3.18 4.54
CA LYS A 38 3.54 -3.90 3.80
C LYS A 38 2.94 -4.60 2.58
N GLN A 39 2.06 -3.91 1.87
CA GLN A 39 1.40 -4.47 0.70
C GLN A 39 2.29 -4.32 -0.53
N PHE A 40 2.66 -5.45 -1.13
CA PHE A 40 3.51 -5.46 -2.32
C PHE A 40 3.13 -6.61 -3.25
N PRO A 41 2.89 -6.28 -4.53
CA PRO A 41 2.97 -4.91 -5.01
C PRO A 41 1.85 -4.03 -4.47
N ILE A 42 2.00 -2.72 -4.61
CA ILE A 42 1.00 -1.79 -4.14
C ILE A 42 0.00 -1.44 -5.24
N GLU A 43 -1.29 -1.65 -4.94
CA GLU A 43 -2.34 -1.36 -5.92
C GLU A 43 -2.81 0.08 -5.79
N GLY A 44 -2.79 0.60 -4.56
CA GLY A 44 -3.22 1.97 -4.34
C GLY A 44 -2.12 2.98 -4.58
N LYS A 45 -2.47 4.26 -4.52
CA LYS A 45 -1.49 5.32 -4.75
C LYS A 45 -0.22 5.07 -3.94
N CYS A 46 0.83 5.83 -4.25
CA CYS A 46 2.10 5.69 -3.56
C CYS A 46 2.43 6.95 -2.76
N TYR A 47 2.40 6.84 -1.43
CA TYR A 47 2.68 7.96 -0.56
C TYR A 47 4.02 7.77 0.15
N LYS A 48 4.66 8.88 0.51
CA LYS A 48 5.94 8.84 1.19
C LYS A 48 6.04 9.95 2.23
N CYS A 49 6.66 9.64 3.36
CA CYS A 49 6.82 10.60 4.45
C CYS A 49 8.04 11.49 4.22
N THR A 50 7.80 12.79 4.06
CA THR A 50 8.88 13.74 3.84
C THR A 50 9.57 14.12 5.15
N GLU A 51 9.13 13.50 6.24
CA GLU A 51 9.71 13.77 7.55
C GLU A 51 10.47 12.55 8.07
N CYS A 52 10.07 11.38 7.61
CA CYS A 52 10.72 10.13 8.03
C CYS A 52 11.73 9.66 6.98
N ILE A 53 12.30 8.49 7.21
CA ILE A 53 13.27 7.92 6.29
C ILE A 53 12.80 6.57 5.76
N GLU A 54 12.99 6.35 4.46
CA GLU A 54 12.58 5.09 3.83
C GLU A 54 11.18 4.69 4.29
N TYR A 55 10.23 5.58 4.12
CA TYR A 55 8.84 5.32 4.52
C TYR A 55 7.89 5.57 3.36
N HIS A 56 6.97 4.64 3.14
CA HIS A 56 5.99 4.76 2.07
C HIS A 56 4.68 4.06 2.45
N LEU A 57 3.57 4.72 2.17
CA LEU A 57 2.25 4.17 2.48
C LEU A 57 1.42 3.99 1.21
N CYS A 58 0.33 3.25 1.32
CA CYS A 58 -0.55 3.00 0.18
C CYS A 58 -1.90 3.67 0.39
N GLN A 59 -2.54 4.05 -0.71
CA GLN A 59 -3.85 4.71 -0.65
C GLN A 59 -4.70 4.11 0.46
N GLU A 60 -4.67 2.78 0.58
CA GLU A 60 -5.45 2.09 1.59
C GLU A 60 -5.09 2.59 2.98
N CYS A 61 -3.84 2.37 3.39
CA CYS A 61 -3.37 2.79 4.70
C CYS A 61 -3.62 4.28 4.91
N PHE A 62 -3.47 5.06 3.84
CA PHE A 62 -3.68 6.49 3.90
C PHE A 62 -5.10 6.83 4.33
N ASP A 63 -6.04 5.97 3.95
CA ASP A 63 -7.45 6.16 4.29
C ASP A 63 -7.62 6.27 5.81
N SER A 64 -6.73 5.61 6.54
CA SER A 64 -6.79 5.62 8.01
C SER A 64 -6.25 6.94 8.55
N TYR A 65 -5.39 7.58 7.79
CA TYR A 65 -4.79 8.86 8.20
C TYR A 65 -4.05 8.70 9.52
N CYS A 66 -3.29 7.62 9.65
CA CYS A 66 -2.53 7.36 10.86
C CYS A 66 -1.23 8.15 10.88
N HIS A 67 -0.33 7.82 9.95
CA HIS A 67 0.95 8.51 9.85
C HIS A 67 0.77 9.92 9.31
N LEU A 68 -0.41 10.22 8.79
CA LEU A 68 -0.71 11.53 8.24
C LEU A 68 -0.13 12.64 9.12
N SER A 69 0.08 12.32 10.40
CA SER A 69 0.62 13.29 11.34
C SER A 69 1.81 14.02 10.74
N HIS A 70 2.53 13.34 9.86
CA HIS A 70 3.70 13.94 9.21
C HIS A 70 3.35 14.42 7.81
N THR A 71 4.29 15.12 7.18
CA THR A 71 4.07 15.65 5.83
C THR A 71 4.28 14.57 4.78
N PHE A 72 3.18 14.02 4.26
CA PHE A 72 3.25 12.97 3.24
C PHE A 72 3.03 13.56 1.85
N THR A 73 3.28 12.74 0.83
CA THR A 73 3.11 13.17 -0.55
C THR A 73 2.82 11.99 -1.47
N PHE A 74 1.89 12.18 -2.39
CA PHE A 74 1.52 11.13 -3.33
C PHE A 74 2.11 11.40 -4.71
N ARG A 75 2.47 10.32 -5.42
CA ARG A 75 3.05 10.44 -6.74
C ARG A 75 2.00 10.16 -7.82
N GLU A 76 2.41 10.24 -9.08
CA GLU A 76 1.51 10.00 -10.20
C GLU A 76 2.15 9.06 -11.22
N LYS A 77 1.34 8.56 -12.14
CA LYS A 77 1.82 7.64 -13.17
C LYS A 77 3.08 8.20 -13.84
N ARG A 78 3.81 7.32 -14.53
CA ARG A 78 5.03 7.72 -15.21
C ARG A 78 4.87 9.11 -15.84
N ASN A 79 6.00 9.79 -16.04
CA ASN A 79 5.98 11.12 -16.63
C ASN A 79 5.29 12.12 -15.72
N GLN A 80 5.46 11.94 -14.41
CA GLN A 80 4.84 12.83 -13.44
C GLN A 80 5.76 13.03 -12.23
N LYS A 81 5.36 13.93 -11.33
CA LYS A 81 6.14 14.21 -10.13
C LYS A 81 5.26 14.18 -8.89
N TRP A 82 5.88 13.97 -7.73
CA TRP A 82 5.14 13.92 -6.47
C TRP A 82 4.19 15.10 -6.36
N ARG A 83 3.31 15.04 -5.36
CA ARG A 83 2.34 16.11 -5.14
C ARG A 83 2.02 16.25 -3.65
N SER A 84 1.80 17.49 -3.22
CA SER A 84 1.49 17.76 -1.82
C SER A 84 0.04 17.41 -1.51
N LEU A 85 -0.20 16.94 -0.29
CA LEU A 85 -1.54 16.56 0.15
C LEU A 85 -2.12 17.61 1.08
N GLU A 86 -3.45 17.77 1.04
CA GLU A 86 -4.13 18.74 1.88
C GLU A 86 -4.42 18.15 3.26
N LYS A 87 -4.63 19.03 4.24
CA LYS A 87 -4.93 18.61 5.59
C LYS A 87 -6.18 17.73 5.63
N ARG A 88 -6.29 16.90 6.66
CA ARG A 88 -7.44 16.01 6.81
C ARG A 88 -8.71 16.82 7.08
N ALA A 89 -9.85 16.27 6.67
CA ALA A 89 -11.13 16.93 6.87
C ALA A 89 -11.42 17.12 8.36
N ASP A 90 -11.15 18.33 8.85
CA ASP A 90 -11.39 18.65 10.25
C ASP A 90 -12.82 18.32 10.65
N GLU A 91 -12.99 17.84 11.88
CA GLU A 91 -14.30 17.47 12.39
C GLU A 91 -15.25 18.67 12.35
N VAL A 92 -14.81 19.78 12.96
CA VAL A 92 -15.61 20.99 12.98
C VAL A 92 -15.64 21.67 11.63
N SER A 93 -16.82 22.16 11.24
CA SER A 93 -16.99 22.83 9.95
C SER A 93 -17.30 24.31 10.15
N GLY A 94 -16.56 24.94 11.06
CA GLY A 94 -16.77 26.35 11.33
C GLY A 94 -18.23 26.69 11.56
N PRO A 95 -18.69 26.50 12.81
CA PRO A 95 -20.08 26.78 13.18
C PRO A 95 -20.39 28.27 13.20
N SER A 96 -21.67 28.61 13.32
CA SER A 96 -22.09 30.00 13.34
C SER A 96 -22.28 30.49 14.77
N SER A 97 -21.80 31.69 15.05
CA SER A 97 -21.92 32.28 16.38
C SER A 97 -23.37 32.63 16.69
N GLY A 98 -24.03 33.27 15.73
CA GLY A 98 -25.42 33.66 15.93
C GLY A 98 -25.64 35.15 15.74
ZN ZN B . -0.44 0.04 3.35
ZN ZN C . 6.75 10.18 9.45
N GLY A 1 37.27 -62.41 -48.85
CA GLY A 1 36.00 -61.94 -48.32
C GLY A 1 36.16 -60.82 -47.32
N SER A 2 35.11 -60.05 -47.13
CA SER A 2 35.15 -58.93 -46.19
C SER A 2 33.74 -58.35 -45.98
N SER A 3 33.64 -57.39 -45.06
CA SER A 3 32.36 -56.76 -44.76
C SER A 3 32.58 -55.42 -44.06
N GLY A 4 31.47 -54.71 -43.81
CA GLY A 4 31.55 -53.42 -43.16
C GLY A 4 30.37 -53.16 -42.25
N SER A 5 30.17 -51.89 -41.88
CA SER A 5 29.07 -51.51 -41.01
C SER A 5 28.95 -50.00 -40.91
N SER A 6 27.95 -49.53 -40.16
CA SER A 6 27.72 -48.11 -39.99
C SER A 6 26.67 -47.85 -38.92
N GLY A 7 26.47 -46.58 -38.57
CA GLY A 7 25.49 -46.22 -37.58
C GLY A 7 25.06 -44.77 -37.67
N LEU A 8 24.06 -44.40 -36.89
CA LEU A 8 23.57 -43.03 -36.88
C LEU A 8 22.89 -42.70 -35.56
N GLU A 9 22.43 -41.45 -35.43
CA GLU A 9 21.77 -41.01 -34.20
C GLU A 9 20.64 -40.05 -34.52
N GLU A 10 19.92 -39.62 -33.49
CA GLU A 10 18.80 -38.69 -33.66
C GLU A 10 18.28 -38.22 -32.31
N PHE A 11 17.45 -37.18 -32.34
CA PHE A 11 16.88 -36.62 -31.12
C PHE A 11 15.51 -36.00 -31.38
N LYS A 12 14.86 -35.54 -30.33
CA LYS A 12 13.54 -34.92 -30.45
C LYS A 12 13.21 -34.08 -29.21
N ASN A 13 12.17 -33.27 -29.31
CA ASN A 13 11.76 -32.41 -28.20
C ASN A 13 10.36 -31.87 -28.44
N SER A 14 9.73 -31.39 -27.36
CA SER A 14 8.39 -30.83 -27.45
C SER A 14 8.35 -29.40 -26.93
N SER A 15 9.36 -29.05 -26.13
CA SER A 15 9.44 -27.70 -25.56
C SER A 15 8.05 -27.16 -25.23
N LYS A 16 7.28 -27.95 -24.51
CA LYS A 16 5.92 -27.56 -24.12
C LYS A 16 5.90 -26.12 -23.62
N LEU A 17 4.88 -25.36 -24.02
CA LEU A 17 4.75 -23.98 -23.60
C LEU A 17 4.80 -23.85 -22.08
N VAL A 18 4.75 -22.62 -21.59
CA VAL A 18 4.79 -22.36 -20.16
C VAL A 18 3.41 -22.51 -19.53
N ALA A 19 3.38 -22.68 -18.22
CA ALA A 19 2.12 -22.82 -17.49
C ALA A 19 1.69 -21.51 -16.86
N ALA A 20 0.55 -21.52 -16.18
CA ALA A 20 0.04 -20.33 -15.52
C ALA A 20 1.10 -19.68 -14.65
N ALA A 21 0.79 -18.51 -14.12
CA ALA A 21 1.72 -17.78 -13.26
C ALA A 21 0.97 -17.01 -12.18
N GLU A 22 1.63 -16.81 -11.04
CA GLU A 22 1.03 -16.08 -9.93
C GLU A 22 0.96 -14.59 -10.23
N LYS A 23 0.41 -13.83 -9.28
CA LYS A 23 0.27 -12.39 -9.46
C LYS A 23 1.60 -11.76 -9.83
N GLU A 24 1.55 -10.66 -10.57
CA GLU A 24 2.75 -9.95 -10.99
C GLU A 24 2.43 -8.50 -11.35
N ARG A 25 3.47 -7.76 -11.75
CA ARG A 25 3.29 -6.36 -12.12
C ARG A 25 2.00 -6.15 -12.89
N LEU A 26 1.43 -4.95 -12.77
CA LEU A 26 0.18 -4.62 -13.45
C LEU A 26 0.41 -3.60 -14.55
N ASP A 27 0.65 -2.36 -14.15
CA ASP A 27 0.90 -1.28 -15.11
C ASP A 27 2.13 -0.48 -14.73
N LYS A 28 3.30 -0.99 -15.09
CA LYS A 28 4.56 -0.32 -14.79
C LYS A 28 4.42 0.58 -13.56
N HIS A 29 3.83 0.03 -12.50
CA HIS A 29 3.64 0.78 -11.26
C HIS A 29 4.33 0.09 -10.09
N LEU A 30 5.63 -0.11 -10.22
CA LEU A 30 6.40 -0.77 -9.17
C LEU A 30 6.71 0.20 -8.03
N GLY A 31 7.05 1.43 -8.39
CA GLY A 31 7.35 2.43 -7.38
C GLY A 31 7.94 1.84 -6.12
N ILE A 32 7.19 1.91 -5.02
CA ILE A 32 7.63 1.38 -3.75
C ILE A 32 6.47 0.76 -2.97
N PRO A 33 6.73 -0.40 -2.34
CA PRO A 33 5.72 -1.11 -1.56
C PRO A 33 5.37 -0.39 -0.27
N CYS A 34 4.27 -0.79 0.35
CA CYS A 34 3.82 -0.17 1.60
C CYS A 34 4.71 -0.60 2.77
N ASN A 35 4.82 0.27 3.76
CA ASN A 35 5.64 -0.02 4.93
C ASN A 35 4.79 -0.58 6.07
N ASN A 36 3.47 -0.47 5.92
CA ASN A 36 2.55 -0.97 6.94
C ASN A 36 2.01 -2.34 6.54
N CYS A 37 1.11 -2.36 5.57
CA CYS A 37 0.52 -3.60 5.09
C CYS A 37 1.47 -4.36 4.18
N LYS A 38 2.47 -3.64 3.66
CA LYS A 38 3.46 -4.24 2.77
C LYS A 38 2.80 -4.77 1.49
N GLN A 39 1.84 -3.99 0.97
CA GLN A 39 1.14 -4.38 -0.24
C GLN A 39 1.98 -4.10 -1.48
N PHE A 40 2.29 -5.14 -2.24
CA PHE A 40 3.09 -5.01 -3.45
C PHE A 40 2.65 -6.00 -4.51
N PRO A 41 2.33 -5.49 -5.71
CA PRO A 41 2.42 -4.05 -6.01
C PRO A 41 1.35 -3.25 -5.28
N ILE A 42 1.53 -1.94 -5.22
CA ILE A 42 0.58 -1.06 -4.56
C ILE A 42 -0.51 -0.58 -5.53
N GLU A 43 -1.61 -1.31 -5.57
CA GLU A 43 -2.72 -0.96 -6.46
C GLU A 43 -3.00 0.54 -6.42
N GLY A 44 -3.26 1.06 -5.23
CA GLY A 44 -3.54 2.48 -5.08
C GLY A 44 -2.32 3.34 -5.33
N LYS A 45 -2.41 4.61 -5.00
CA LYS A 45 -1.30 5.54 -5.19
C LYS A 45 -0.10 5.14 -4.33
N CYS A 46 0.97 5.91 -4.44
CA CYS A 46 2.18 5.65 -3.66
C CYS A 46 2.51 6.81 -2.74
N TYR A 47 2.29 6.62 -1.45
CA TYR A 47 2.56 7.66 -0.45
C TYR A 47 3.93 7.45 0.18
N LYS A 48 4.51 8.54 0.69
CA LYS A 48 5.82 8.49 1.33
C LYS A 48 6.00 9.66 2.29
N CYS A 49 6.55 9.37 3.46
CA CYS A 49 6.78 10.41 4.47
C CYS A 49 8.05 11.19 4.17
N THR A 50 7.93 12.51 4.14
CA THR A 50 9.07 13.38 3.87
C THR A 50 9.80 13.76 5.14
N GLU A 51 9.37 13.17 6.26
CA GLU A 51 9.99 13.44 7.55
C GLU A 51 10.65 12.19 8.12
N CYS A 52 10.16 11.03 7.71
CA CYS A 52 10.69 9.76 8.18
C CYS A 52 11.74 9.22 7.20
N ILE A 53 12.23 8.02 7.48
CA ILE A 53 13.23 7.39 6.62
C ILE A 53 12.73 6.06 6.06
N GLU A 54 12.89 5.88 4.76
CA GLU A 54 12.44 4.65 4.10
C GLU A 54 11.01 4.31 4.50
N TYR A 55 10.13 5.29 4.42
CA TYR A 55 8.73 5.09 4.76
C TYR A 55 7.82 5.36 3.57
N HIS A 56 6.94 4.40 3.27
CA HIS A 56 6.02 4.54 2.15
C HIS A 56 4.69 3.85 2.46
N LEU A 57 3.59 4.56 2.21
CA LEU A 57 2.27 4.02 2.46
C LEU A 57 1.45 3.95 1.18
N CYS A 58 0.32 3.27 1.23
CA CYS A 58 -0.55 3.12 0.07
C CYS A 58 -1.88 3.85 0.29
N GLN A 59 -2.42 4.42 -0.77
CA GLN A 59 -3.69 5.14 -0.70
C GLN A 59 -4.61 4.51 0.34
N GLU A 60 -4.55 3.18 0.45
CA GLU A 60 -5.39 2.46 1.40
C GLU A 60 -5.01 2.81 2.83
N CYS A 61 -3.81 2.38 3.25
CA CYS A 61 -3.33 2.65 4.60
C CYS A 61 -3.46 4.13 4.93
N PHE A 62 -3.39 4.98 3.92
CA PHE A 62 -3.51 6.42 4.11
C PHE A 62 -4.87 6.79 4.68
N ASP A 63 -5.91 6.12 4.20
CA ASP A 63 -7.27 6.37 4.66
C ASP A 63 -7.38 6.14 6.18
N SER A 64 -6.41 5.43 6.73
CA SER A 64 -6.40 5.13 8.16
C SER A 64 -6.22 6.41 8.97
N TYR A 65 -5.55 7.40 8.37
CA TYR A 65 -5.30 8.67 9.04
C TYR A 65 -4.52 8.46 10.33
N CYS A 66 -3.37 7.78 10.22
CA CYS A 66 -2.53 7.52 11.37
C CYS A 66 -1.18 8.22 11.23
N HIS A 67 -0.59 8.12 10.04
CA HIS A 67 0.71 8.75 9.78
C HIS A 67 0.53 10.11 9.12
N LEU A 68 -0.69 10.38 8.66
CA LEU A 68 -0.99 11.65 8.01
C LEU A 68 -0.37 12.81 8.77
N SER A 69 -0.24 12.65 10.09
CA SER A 69 0.34 13.68 10.93
C SER A 69 1.55 14.33 10.27
N HIS A 70 2.42 13.50 9.71
CA HIS A 70 3.61 13.99 9.03
C HIS A 70 3.30 14.43 7.61
N THR A 71 4.24 15.11 6.98
CA THR A 71 4.06 15.60 5.61
C THR A 71 4.30 14.48 4.60
N PHE A 72 3.22 14.04 3.95
CA PHE A 72 3.31 12.97 2.96
C PHE A 72 3.07 13.52 1.55
N THR A 73 3.44 12.74 0.55
CA THR A 73 3.28 13.14 -0.84
C THR A 73 3.17 11.92 -1.76
N PHE A 74 2.24 12.00 -2.72
CA PHE A 74 2.03 10.90 -3.65
C PHE A 74 2.60 11.25 -5.03
N ARG A 75 2.83 10.23 -5.85
CA ARG A 75 3.36 10.42 -7.19
C ARG A 75 2.29 10.18 -8.24
N GLU A 76 2.60 10.53 -9.49
CA GLU A 76 1.65 10.35 -10.59
C GLU A 76 2.35 9.74 -11.80
N LYS A 77 1.55 9.29 -12.77
CA LYS A 77 2.09 8.69 -13.98
C LYS A 77 3.21 9.55 -14.57
N ARG A 78 3.99 8.95 -15.47
CA ARG A 78 5.09 9.66 -16.10
C ARG A 78 4.72 11.11 -16.40
N ASN A 79 5.72 11.97 -16.51
CA ASN A 79 5.50 13.38 -16.78
C ASN A 79 4.74 14.04 -15.63
N GLN A 80 5.15 13.73 -14.40
CA GLN A 80 4.52 14.29 -13.21
C GLN A 80 5.53 14.45 -12.08
N LYS A 81 5.08 15.03 -10.97
CA LYS A 81 5.95 15.24 -9.82
C LYS A 81 5.15 15.14 -8.52
N TRP A 82 5.81 14.66 -7.47
CA TRP A 82 5.17 14.51 -6.17
C TRP A 82 4.15 15.61 -5.94
N ARG A 83 3.11 15.32 -5.16
CA ARG A 83 2.07 16.29 -4.86
C ARG A 83 1.79 16.35 -3.35
N SER A 84 1.74 17.56 -2.81
CA SER A 84 1.50 17.75 -1.39
C SER A 84 0.06 17.36 -1.03
N LEU A 85 -0.08 16.34 -0.18
CA LEU A 85 -1.39 15.86 0.24
C LEU A 85 -2.03 16.85 1.22
N GLU A 86 -3.36 16.80 1.30
CA GLU A 86 -4.09 17.68 2.20
C GLU A 86 -4.14 17.11 3.62
N LYS A 87 -3.86 17.96 4.60
CA LYS A 87 -3.86 17.54 6.00
C LYS A 87 -5.29 17.46 6.54
N ARG A 88 -5.49 16.61 7.54
CA ARG A 88 -6.80 16.44 8.14
C ARG A 88 -7.58 17.76 8.13
N ALA A 89 -8.84 17.69 7.74
CA ALA A 89 -9.70 18.88 7.69
C ALA A 89 -10.14 19.29 9.09
N ASP A 90 -9.19 19.39 10.01
CA ASP A 90 -9.49 19.78 11.38
C ASP A 90 -8.70 21.02 11.78
N GLU A 91 -9.39 22.00 12.35
CA GLU A 91 -8.75 23.23 12.78
C GLU A 91 -9.03 23.51 14.26
N VAL A 92 -7.98 23.39 15.07
CA VAL A 92 -8.11 23.63 16.51
C VAL A 92 -6.95 24.45 17.04
N SER A 93 -7.25 25.63 17.58
CA SER A 93 -6.22 26.52 18.11
C SER A 93 -6.29 26.56 19.63
N GLY A 94 -6.48 25.39 20.25
CA GLY A 94 -6.55 25.31 21.69
C GLY A 94 -7.97 25.46 22.21
N PRO A 95 -8.43 24.46 22.98
CA PRO A 95 -9.78 24.46 23.56
C PRO A 95 -9.94 25.51 24.65
N SER A 96 -8.83 25.93 25.23
CA SER A 96 -8.85 26.93 26.30
C SER A 96 -9.74 26.48 27.45
N SER A 97 -9.65 25.19 27.79
CA SER A 97 -10.45 24.63 28.88
C SER A 97 -9.57 24.29 30.08
N GLY A 98 -10.17 24.34 31.27
CA GLY A 98 -9.43 24.04 32.48
C GLY A 98 -8.76 25.26 33.07
ZN ZN B . -0.64 -0.18 2.96
ZN ZN C . 6.52 10.14 9.40
N GLY A 1 -11.05 -32.86 26.59
CA GLY A 1 -10.97 -34.30 26.72
C GLY A 1 -9.54 -34.81 26.60
N SER A 2 -9.38 -36.13 26.71
CA SER A 2 -8.06 -36.74 26.62
C SER A 2 -8.17 -38.20 26.20
N SER A 3 -7.05 -38.76 25.74
CA SER A 3 -7.02 -40.16 25.31
C SER A 3 -5.65 -40.77 25.55
N GLY A 4 -5.54 -42.07 25.32
CA GLY A 4 -4.27 -42.76 25.51
C GLY A 4 -3.87 -43.59 24.31
N SER A 5 -2.83 -44.40 24.47
CA SER A 5 -2.35 -45.25 23.39
C SER A 5 -1.35 -46.28 23.90
N SER A 6 -1.13 -47.33 23.11
CA SER A 6 -0.21 -48.39 23.49
C SER A 6 1.19 -48.12 22.93
N GLY A 7 2.16 -48.93 23.36
CA GLY A 7 3.52 -48.77 22.89
C GLY A 7 3.83 -49.65 21.71
N LEU A 8 3.76 -50.97 21.93
CA LEU A 8 4.05 -51.93 20.86
C LEU A 8 3.35 -51.53 19.56
N GLU A 9 4.11 -51.51 18.47
CA GLU A 9 3.57 -51.15 17.17
C GLU A 9 4.50 -51.60 16.05
N GLU A 10 4.03 -51.46 14.80
CA GLU A 10 4.82 -51.84 13.65
C GLU A 10 5.15 -50.64 12.78
N PHE A 11 6.27 -50.72 12.07
CA PHE A 11 6.70 -49.62 11.19
C PHE A 11 5.50 -48.96 10.53
N LYS A 12 5.63 -47.67 10.23
CA LYS A 12 4.56 -46.91 9.60
C LYS A 12 5.11 -45.69 8.86
N ASN A 13 4.53 -45.39 7.71
CA ASN A 13 4.97 -44.25 6.91
C ASN A 13 4.14 -43.01 7.23
N SER A 14 4.49 -41.89 6.60
CA SER A 14 3.78 -40.63 6.82
C SER A 14 3.85 -39.75 5.59
N SER A 15 3.18 -38.60 5.65
CA SER A 15 3.16 -37.66 4.53
C SER A 15 4.59 -37.23 4.17
N LYS A 16 4.70 -36.47 3.09
CA LYS A 16 6.00 -35.97 2.64
C LYS A 16 5.95 -34.47 2.38
N LEU A 17 7.11 -33.89 2.10
CA LEU A 17 7.21 -32.46 1.83
C LEU A 17 7.58 -32.20 0.38
N VAL A 18 7.19 -31.03 -0.13
CA VAL A 18 7.49 -30.65 -1.50
C VAL A 18 7.80 -29.16 -1.61
N ALA A 19 8.43 -28.78 -2.72
CA ALA A 19 8.79 -27.39 -2.95
C ALA A 19 7.54 -26.52 -3.11
N ALA A 20 7.72 -25.21 -3.00
CA ALA A 20 6.62 -24.27 -3.14
C ALA A 20 6.92 -23.21 -4.18
N ALA A 21 5.88 -22.58 -4.71
CA ALA A 21 6.04 -21.54 -5.72
C ALA A 21 6.66 -20.29 -5.12
N GLU A 22 7.14 -19.40 -5.98
CA GLU A 22 7.76 -18.15 -5.54
C GLU A 22 6.90 -16.95 -5.92
N LYS A 23 7.19 -15.81 -5.30
CA LYS A 23 6.45 -14.58 -5.57
C LYS A 23 7.36 -13.53 -6.18
N GLU A 24 6.87 -12.86 -7.22
CA GLU A 24 7.64 -11.82 -7.90
C GLU A 24 6.72 -10.78 -8.52
N ARG A 25 7.28 -9.64 -8.90
CA ARG A 25 6.52 -8.55 -9.50
C ARG A 25 5.41 -9.12 -10.40
N LEU A 26 4.26 -8.45 -10.38
CA LEU A 26 3.12 -8.88 -11.19
C LEU A 26 2.75 -7.82 -12.21
N ASP A 27 2.82 -6.55 -11.80
CA ASP A 27 2.50 -5.44 -12.69
C ASP A 27 3.68 -4.50 -12.83
N LYS A 28 3.52 -3.47 -13.65
CA LYS A 28 4.57 -2.49 -13.88
C LYS A 28 4.68 -1.53 -12.70
N HIS A 29 3.54 -1.09 -12.19
CA HIS A 29 3.51 -0.17 -11.07
C HIS A 29 4.15 -0.80 -9.84
N LEU A 30 5.47 -0.76 -9.79
CA LEU A 30 6.21 -1.33 -8.66
C LEU A 30 6.50 -0.27 -7.60
N GLY A 31 6.88 0.92 -8.05
CA GLY A 31 7.19 2.00 -7.14
C GLY A 31 7.82 1.51 -5.85
N ILE A 32 7.09 1.66 -4.74
CA ILE A 32 7.58 1.23 -3.44
C ILE A 32 6.46 0.63 -2.60
N PRO A 33 6.77 -0.46 -1.89
CA PRO A 33 5.81 -1.16 -1.04
C PRO A 33 5.44 -0.34 0.20
N CYS A 34 4.34 -0.74 0.85
CA CYS A 34 3.88 -0.04 2.05
C CYS A 34 4.76 -0.37 3.25
N ASN A 35 4.90 0.59 4.16
CA ASN A 35 5.72 0.39 5.36
C ASN A 35 4.85 -0.07 6.53
N ASN A 36 3.54 0.00 6.36
CA ASN A 36 2.60 -0.41 7.39
C ASN A 36 2.06 -1.81 7.12
N CYS A 37 1.18 -1.91 6.13
CA CYS A 37 0.57 -3.18 5.76
C CYS A 37 1.56 -4.04 4.95
N LYS A 38 2.51 -3.37 4.30
CA LYS A 38 3.50 -4.06 3.50
C LYS A 38 2.87 -4.69 2.25
N GLN A 39 1.98 -3.93 1.61
CA GLN A 39 1.31 -4.41 0.41
C GLN A 39 2.17 -4.18 -0.83
N PHE A 40 2.48 -5.27 -1.54
CA PHE A 40 3.30 -5.19 -2.74
C PHE A 40 2.87 -6.24 -3.76
N PRO A 41 2.61 -5.79 -5.00
CA PRO A 41 2.72 -4.38 -5.37
C PRO A 41 1.63 -3.53 -4.73
N ILE A 42 1.80 -2.21 -4.77
CA ILE A 42 0.85 -1.29 -4.19
C ILE A 42 -0.20 -0.86 -5.22
N GLU A 43 -1.40 -1.39 -5.09
CA GLU A 43 -2.49 -1.06 -6.01
C GLU A 43 -2.85 0.42 -5.91
N GLY A 44 -3.21 0.86 -4.71
CA GLY A 44 -3.58 2.24 -4.50
C GLY A 44 -2.44 3.19 -4.81
N LYS A 45 -2.70 4.49 -4.66
CA LYS A 45 -1.68 5.51 -4.93
C LYS A 45 -0.41 5.21 -4.16
N CYS A 46 0.60 6.07 -4.34
CA CYS A 46 1.88 5.91 -3.65
C CYS A 46 2.18 7.10 -2.76
N TYR A 47 2.19 6.88 -1.45
CA TYR A 47 2.47 7.94 -0.51
C TYR A 47 3.76 7.68 0.25
N LYS A 48 4.46 8.75 0.63
CA LYS A 48 5.71 8.62 1.36
C LYS A 48 5.89 9.79 2.34
N CYS A 49 6.42 9.49 3.51
CA CYS A 49 6.64 10.51 4.53
C CYS A 49 7.89 11.33 4.23
N THR A 50 7.73 12.64 4.20
CA THR A 50 8.85 13.54 3.91
C THR A 50 9.60 13.91 5.19
N GLU A 51 9.21 13.29 6.29
CA GLU A 51 9.85 13.54 7.58
C GLU A 51 10.56 12.30 8.10
N CYS A 52 10.08 11.13 7.68
CA CYS A 52 10.66 9.87 8.10
C CYS A 52 11.68 9.37 7.08
N ILE A 53 12.19 8.16 7.29
CA ILE A 53 13.17 7.58 6.40
C ILE A 53 12.60 6.33 5.70
N GLU A 54 12.89 6.20 4.41
CA GLU A 54 12.41 5.06 3.63
C GLU A 54 11.01 4.65 4.07
N TYR A 55 10.17 5.65 4.36
CA TYR A 55 8.81 5.40 4.79
C TYR A 55 7.81 5.68 3.66
N HIS A 56 7.06 4.65 3.27
CA HIS A 56 6.09 4.79 2.20
C HIS A 56 4.82 3.99 2.52
N LEU A 57 3.67 4.64 2.37
CA LEU A 57 2.38 4.00 2.65
C LEU A 57 1.58 3.82 1.37
N CYS A 58 0.38 3.27 1.51
CA CYS A 58 -0.49 3.03 0.36
C CYS A 58 -1.84 3.72 0.56
N GLN A 59 -2.42 4.21 -0.53
CA GLN A 59 -3.71 4.88 -0.48
C GLN A 59 -4.60 4.27 0.59
N GLU A 60 -4.58 2.94 0.68
CA GLU A 60 -5.39 2.23 1.66
C GLU A 60 -5.03 2.67 3.08
N CYS A 61 -3.78 2.43 3.46
CA CYS A 61 -3.32 2.80 4.80
C CYS A 61 -3.51 4.29 5.05
N PHE A 62 -3.25 5.09 4.02
CA PHE A 62 -3.40 6.54 4.14
C PHE A 62 -4.81 6.91 4.59
N ASP A 63 -5.80 6.17 4.10
CA ASP A 63 -7.19 6.42 4.45
C ASP A 63 -7.38 6.41 5.96
N SER A 64 -6.66 5.52 6.64
CA SER A 64 -6.75 5.40 8.09
C SER A 64 -6.24 6.66 8.76
N TYR A 65 -5.60 7.52 7.99
CA TYR A 65 -5.04 8.77 8.52
C TYR A 65 -4.16 8.50 9.73
N CYS A 66 -3.47 7.37 9.72
CA CYS A 66 -2.58 7.00 10.81
C CYS A 66 -1.31 7.83 10.79
N HIS A 67 -0.41 7.52 9.86
CA HIS A 67 0.85 8.25 9.73
C HIS A 67 0.63 9.61 9.10
N LEU A 68 -0.56 9.80 8.53
CA LEU A 68 -0.89 11.07 7.87
C LEU A 68 -0.41 12.25 8.71
N SER A 69 -0.23 12.04 10.01
CA SER A 69 0.23 13.07 10.92
C SER A 69 1.41 13.84 10.31
N HIS A 70 2.35 13.10 9.74
CA HIS A 70 3.53 13.70 9.13
C HIS A 70 3.22 14.16 7.70
N THR A 71 4.07 15.04 7.18
CA THR A 71 3.89 15.56 5.82
C THR A 71 4.13 14.48 4.78
N PHE A 72 3.05 14.04 4.14
CA PHE A 72 3.15 13.00 3.12
C PHE A 72 2.95 13.59 1.73
N THR A 73 3.45 12.88 0.72
CA THR A 73 3.33 13.34 -0.66
C THR A 73 2.90 12.21 -1.58
N PHE A 74 1.86 12.45 -2.37
CA PHE A 74 1.35 11.45 -3.30
C PHE A 74 1.72 11.80 -4.74
N ARG A 75 2.09 10.78 -5.51
CA ARG A 75 2.47 10.97 -6.90
C ARG A 75 1.36 10.53 -7.84
N GLU A 76 1.56 10.74 -9.13
CA GLU A 76 0.57 10.36 -10.14
C GLU A 76 1.05 9.18 -10.98
N LYS A 77 0.16 8.62 -11.77
CA LYS A 77 0.48 7.48 -12.62
C LYS A 77 1.81 7.72 -13.36
N ARG A 78 2.37 6.66 -13.90
CA ARG A 78 3.63 6.75 -14.63
C ARG A 78 3.70 8.05 -15.43
N ASN A 79 4.92 8.48 -15.74
CA ASN A 79 5.12 9.71 -16.50
C ASN A 79 4.52 10.91 -15.78
N GLN A 80 4.78 11.00 -14.47
CA GLN A 80 4.27 12.09 -13.66
C GLN A 80 5.23 12.42 -12.53
N LYS A 81 4.82 13.35 -11.67
CA LYS A 81 5.65 13.76 -10.53
C LYS A 81 4.87 13.68 -9.23
N TRP A 82 5.50 14.06 -8.13
CA TRP A 82 4.86 14.03 -6.82
C TRP A 82 3.89 15.19 -6.67
N ARG A 83 3.11 15.17 -5.59
CA ARG A 83 2.14 16.22 -5.33
C ARG A 83 2.02 16.49 -3.84
N SER A 84 2.12 17.77 -3.46
CA SER A 84 2.03 18.16 -2.06
C SER A 84 0.60 18.06 -1.55
N LEU A 85 0.39 17.20 -0.57
CA LEU A 85 -0.95 17.01 0.01
C LEU A 85 -1.32 18.18 0.91
N GLU A 86 -2.60 18.27 1.25
CA GLU A 86 -3.10 19.34 2.11
C GLU A 86 -2.99 18.95 3.58
N LYS A 87 -2.95 19.94 4.46
CA LYS A 87 -2.85 19.70 5.89
C LYS A 87 -4.23 19.42 6.49
N ARG A 88 -4.57 18.13 6.57
CA ARG A 88 -5.85 17.72 7.12
C ARG A 88 -5.68 17.11 8.50
N ALA A 89 -6.32 17.72 9.50
CA ALA A 89 -6.24 17.24 10.87
C ALA A 89 -6.74 15.80 10.98
N ASP A 90 -5.95 14.97 11.65
CA ASP A 90 -6.31 13.55 11.83
C ASP A 90 -7.57 13.42 12.67
N GLU A 91 -8.04 12.18 12.82
CA GLU A 91 -9.25 11.91 13.60
C GLU A 91 -9.19 10.54 14.23
N VAL A 92 -9.02 10.50 15.55
CA VAL A 92 -8.95 9.24 16.28
C VAL A 92 -9.74 9.31 17.57
N SER A 93 -10.30 8.17 17.98
CA SER A 93 -11.10 8.11 19.20
C SER A 93 -10.33 7.37 20.31
N GLY A 94 -9.74 8.14 21.21
CA GLY A 94 -8.99 7.55 22.31
C GLY A 94 -7.64 7.01 21.86
N PRO A 95 -6.67 6.99 22.79
CA PRO A 95 -5.32 6.50 22.51
C PRO A 95 -5.28 4.99 22.30
N SER A 96 -4.15 4.50 21.80
CA SER A 96 -3.99 3.08 21.53
C SER A 96 -2.99 2.46 22.51
N SER A 97 -1.82 3.09 22.62
CA SER A 97 -0.77 2.60 23.52
C SER A 97 -1.36 2.12 24.85
N GLY A 98 -0.87 1.00 25.34
CA GLY A 98 -1.36 0.45 26.60
C GLY A 98 -1.60 -1.04 26.53
ZN ZN B . -0.59 -0.10 3.42
ZN ZN C . 6.69 10.09 9.46
N GLY A 1 31.27 -36.17 -10.87
CA GLY A 1 31.70 -36.99 -11.99
C GLY A 1 31.04 -36.57 -13.29
N SER A 2 31.45 -35.42 -13.81
CA SER A 2 30.90 -34.91 -15.06
C SER A 2 31.99 -34.28 -15.92
N SER A 3 31.80 -34.34 -17.24
CA SER A 3 32.78 -33.77 -18.17
C SER A 3 32.76 -32.24 -18.12
N GLY A 4 33.90 -31.63 -18.41
CA GLY A 4 34.00 -30.18 -18.39
C GLY A 4 33.53 -29.56 -19.69
N SER A 5 33.20 -28.28 -19.64
CA SER A 5 32.73 -27.55 -20.82
C SER A 5 33.90 -26.97 -21.59
N SER A 6 33.85 -27.12 -22.92
CA SER A 6 34.92 -26.60 -23.78
C SER A 6 34.35 -25.70 -24.86
N GLY A 7 35.23 -25.08 -25.64
CA GLY A 7 34.80 -24.20 -26.70
C GLY A 7 33.64 -24.76 -27.49
N LEU A 8 32.48 -24.13 -27.39
CA LEU A 8 31.29 -24.59 -28.10
C LEU A 8 30.20 -23.51 -28.08
N GLU A 9 29.74 -23.11 -29.25
CA GLU A 9 28.69 -22.10 -29.36
C GLU A 9 27.82 -22.34 -30.58
N GLU A 10 26.52 -22.11 -30.42
CA GLU A 10 25.58 -22.31 -31.52
C GLU A 10 24.24 -21.63 -31.22
N PHE A 11 23.87 -20.66 -32.05
CA PHE A 11 22.63 -19.94 -31.88
C PHE A 11 21.45 -20.90 -31.69
N LYS A 12 20.64 -20.64 -30.67
CA LYS A 12 19.48 -21.49 -30.40
C LYS A 12 18.19 -20.83 -30.89
N ASN A 13 17.08 -21.55 -30.77
CA ASN A 13 15.79 -21.04 -31.19
C ASN A 13 15.24 -20.03 -30.20
N SER A 14 14.16 -19.36 -30.57
CA SER A 14 13.54 -18.36 -29.71
C SER A 14 13.18 -18.96 -28.34
N SER A 15 13.21 -18.13 -27.31
CA SER A 15 12.89 -18.59 -25.96
C SER A 15 11.38 -18.74 -25.78
N LYS A 16 10.95 -19.93 -25.40
CA LYS A 16 9.54 -20.20 -25.18
C LYS A 16 8.94 -19.23 -24.16
N LEU A 17 7.62 -19.08 -24.20
CA LEU A 17 6.92 -18.19 -23.28
C LEU A 17 6.59 -18.90 -21.98
N VAL A 18 7.56 -18.98 -21.08
CA VAL A 18 7.37 -19.65 -19.79
C VAL A 18 5.96 -19.40 -19.26
N ALA A 19 5.46 -20.35 -18.48
CA ALA A 19 4.12 -20.24 -17.90
C ALA A 19 4.19 -20.01 -16.40
N ALA A 20 4.15 -18.74 -15.99
CA ALA A 20 4.20 -18.39 -14.58
C ALA A 20 3.06 -17.46 -14.19
N ALA A 21 2.33 -17.83 -13.15
CA ALA A 21 1.20 -17.03 -12.68
C ALA A 21 1.58 -15.56 -12.57
N GLU A 22 0.60 -14.72 -12.27
CA GLU A 22 0.83 -13.29 -12.14
C GLU A 22 1.38 -12.95 -10.76
N LYS A 23 2.36 -13.73 -10.31
CA LYS A 23 2.98 -13.53 -9.02
C LYS A 23 3.91 -12.31 -9.04
N GLU A 24 4.85 -12.31 -9.97
CA GLU A 24 5.79 -11.21 -10.11
C GLU A 24 5.07 -9.92 -10.47
N ARG A 25 5.69 -8.79 -10.13
CA ARG A 25 5.12 -7.49 -10.41
C ARG A 25 4.69 -7.38 -11.87
N LEU A 26 3.81 -6.43 -12.16
CA LEU A 26 3.32 -6.23 -13.52
C LEU A 26 3.73 -4.86 -14.05
N ASP A 27 4.97 -4.47 -13.78
CA ASP A 27 5.48 -3.18 -14.23
C ASP A 27 4.37 -2.12 -14.22
N LYS A 28 3.72 -1.97 -13.07
CA LYS A 28 2.65 -0.99 -12.94
C LYS A 28 2.88 -0.09 -11.73
N HIS A 29 3.35 1.13 -11.99
CA HIS A 29 3.62 2.09 -10.92
C HIS A 29 4.12 1.38 -9.66
N LEU A 30 5.13 0.53 -9.84
CA LEU A 30 5.70 -0.21 -8.73
C LEU A 30 6.26 0.74 -7.67
N GLY A 31 6.94 1.78 -8.13
CA GLY A 31 7.52 2.75 -7.21
C GLY A 31 8.12 2.11 -5.98
N ILE A 32 7.38 2.15 -4.88
CA ILE A 32 7.84 1.56 -3.62
C ILE A 32 6.69 0.93 -2.85
N PRO A 33 6.95 -0.24 -2.25
CA PRO A 33 5.93 -0.96 -1.47
C PRO A 33 5.60 -0.25 -0.16
N CYS A 34 4.44 -0.57 0.40
CA CYS A 34 4.00 0.03 1.65
C CYS A 34 4.89 -0.42 2.81
N ASN A 35 4.99 0.43 3.83
CA ASN A 35 5.80 0.13 5.00
C ASN A 35 4.94 -0.47 6.12
N ASN A 36 3.64 -0.18 6.08
CA ASN A 36 2.73 -0.68 7.09
C ASN A 36 2.18 -2.05 6.69
N CYS A 37 1.27 -2.06 5.72
CA CYS A 37 0.66 -3.30 5.24
C CYS A 37 1.65 -4.09 4.38
N LYS A 38 2.58 -3.38 3.75
CA LYS A 38 3.58 -4.00 2.90
C LYS A 38 2.94 -4.57 1.64
N GLN A 39 2.04 -3.80 1.03
CA GLN A 39 1.37 -4.23 -0.17
C GLN A 39 2.21 -3.95 -1.41
N PHE A 40 2.50 -4.99 -2.18
CA PHE A 40 3.30 -4.85 -3.39
C PHE A 40 2.86 -5.84 -4.46
N PRO A 41 2.55 -5.31 -5.65
CA PRO A 41 2.61 -3.87 -5.94
C PRO A 41 1.54 -3.08 -5.19
N ILE A 42 1.68 -1.76 -5.18
CA ILE A 42 0.72 -0.89 -4.51
C ILE A 42 -0.36 -0.42 -5.49
N GLU A 43 -1.38 -1.24 -5.67
CA GLU A 43 -2.48 -0.90 -6.58
C GLU A 43 -2.85 0.57 -6.45
N GLY A 44 -3.19 0.99 -5.23
CA GLY A 44 -3.56 2.38 -5.00
C GLY A 44 -2.39 3.32 -5.16
N LYS A 45 -2.61 4.60 -4.85
CA LYS A 45 -1.56 5.61 -4.96
C LYS A 45 -0.36 5.24 -4.12
N CYS A 46 0.75 5.94 -4.32
CA CYS A 46 1.97 5.69 -3.58
C CYS A 46 2.38 6.92 -2.76
N TYR A 47 2.19 6.83 -1.45
CA TYR A 47 2.53 7.94 -0.56
C TYR A 47 3.89 7.71 0.09
N LYS A 48 4.55 8.80 0.45
CA LYS A 48 5.87 8.73 1.08
C LYS A 48 6.03 9.84 2.13
N CYS A 49 6.32 9.44 3.37
CA CYS A 49 6.50 10.39 4.45
C CYS A 49 7.75 11.25 4.22
N THR A 50 7.58 12.56 4.25
CA THR A 50 8.69 13.48 4.05
C THR A 50 9.36 13.84 5.37
N GLU A 51 8.91 13.21 6.45
CA GLU A 51 9.46 13.46 7.78
C GLU A 51 10.23 12.24 8.28
N CYS A 52 9.86 11.07 7.78
CA CYS A 52 10.51 9.83 8.17
C CYS A 52 11.52 9.38 7.12
N ILE A 53 12.10 8.19 7.33
CA ILE A 53 13.08 7.65 6.40
C ILE A 53 12.65 6.29 5.88
N GLU A 54 12.83 6.07 4.59
CA GLU A 54 12.46 4.81 3.96
C GLU A 54 11.04 4.39 4.38
N TYR A 55 10.13 5.35 4.39
CA TYR A 55 8.75 5.09 4.76
C TYR A 55 7.80 5.47 3.63
N HIS A 56 6.92 4.53 3.26
CA HIS A 56 5.96 4.77 2.19
C HIS A 56 4.65 4.05 2.48
N LEU A 57 3.54 4.77 2.31
CA LEU A 57 2.22 4.20 2.56
C LEU A 57 1.42 4.12 1.26
N CYS A 58 0.33 3.36 1.30
CA CYS A 58 -0.53 3.19 0.12
C CYS A 58 -1.89 3.85 0.35
N GLN A 59 -2.49 4.34 -0.73
CA GLN A 59 -3.80 4.99 -0.65
C GLN A 59 -4.66 4.35 0.44
N GLU A 60 -4.66 3.02 0.48
CA GLU A 60 -5.45 2.29 1.47
C GLU A 60 -5.05 2.70 2.89
N CYS A 61 -3.83 2.36 3.27
CA CYS A 61 -3.31 2.68 4.59
C CYS A 61 -3.52 4.16 4.92
N PHE A 62 -3.33 5.01 3.92
CA PHE A 62 -3.50 6.44 4.08
C PHE A 62 -4.88 6.76 4.64
N ASP A 63 -5.88 6.02 4.20
CA ASP A 63 -7.25 6.22 4.66
C ASP A 63 -7.36 6.00 6.16
N SER A 64 -6.40 5.27 6.73
CA SER A 64 -6.40 4.99 8.15
C SER A 64 -6.22 6.29 8.96
N TYR A 65 -5.55 7.26 8.36
CA TYR A 65 -5.31 8.53 9.02
C TYR A 65 -4.55 8.34 10.32
N CYS A 66 -3.45 7.59 10.26
CA CYS A 66 -2.64 7.33 11.45
C CYS A 66 -1.31 8.06 11.36
N HIS A 67 -0.62 7.90 10.24
CA HIS A 67 0.67 8.54 10.03
C HIS A 67 0.50 9.92 9.40
N LEU A 68 -0.70 10.20 8.91
CA LEU A 68 -1.00 11.48 8.29
C LEU A 68 -0.39 12.63 9.08
N SER A 69 -0.18 12.41 10.37
CA SER A 69 0.40 13.43 11.24
C SER A 69 1.60 14.09 10.57
N HIS A 70 2.37 13.30 9.83
CA HIS A 70 3.55 13.81 9.14
C HIS A 70 3.20 14.24 7.71
N THR A 71 4.03 15.10 7.14
CA THR A 71 3.80 15.59 5.79
C THR A 71 4.15 14.53 4.75
N PHE A 72 3.12 13.96 4.12
CA PHE A 72 3.32 12.94 3.11
C PHE A 72 3.26 13.52 1.71
N THR A 73 3.49 12.69 0.70
CA THR A 73 3.45 13.13 -0.68
C THR A 73 3.07 11.99 -1.61
N PHE A 74 2.16 12.27 -2.54
CA PHE A 74 1.71 11.26 -3.50
C PHE A 74 2.19 11.59 -4.91
N ARG A 75 2.43 10.55 -5.70
CA ARG A 75 2.89 10.72 -7.07
C ARG A 75 1.75 10.54 -8.06
N GLU A 76 2.03 10.82 -9.33
CA GLU A 76 1.02 10.68 -10.38
C GLU A 76 1.49 9.72 -11.47
N LYS A 77 0.57 9.33 -12.34
CA LYS A 77 0.90 8.43 -13.44
C LYS A 77 2.16 8.87 -14.16
N ARG A 78 2.75 7.96 -14.94
CA ARG A 78 3.96 8.26 -15.68
C ARG A 78 3.94 9.69 -16.19
N ASN A 79 5.14 10.25 -16.42
CA ASN A 79 5.25 11.62 -16.91
C ASN A 79 4.71 12.61 -15.88
N GLN A 80 5.03 12.39 -14.62
CA GLN A 80 4.58 13.26 -13.54
C GLN A 80 5.59 13.28 -12.40
N LYS A 81 5.22 13.96 -11.32
CA LYS A 81 6.09 14.07 -10.15
C LYS A 81 5.27 14.20 -8.87
N TRP A 82 5.89 13.89 -7.74
CA TRP A 82 5.22 13.98 -6.44
C TRP A 82 4.33 15.22 -6.38
N ARG A 83 3.31 15.18 -5.53
CA ARG A 83 2.40 16.30 -5.37
C ARG A 83 1.99 16.47 -3.91
N SER A 84 2.15 17.69 -3.40
CA SER A 84 1.80 17.98 -2.01
C SER A 84 0.37 17.57 -1.72
N LEU A 85 0.08 17.33 -0.44
CA LEU A 85 -1.26 16.93 -0.02
C LEU A 85 -1.96 18.07 0.72
N GLU A 86 -3.27 17.92 0.93
CA GLU A 86 -4.06 18.94 1.62
C GLU A 86 -4.39 18.49 3.05
N LYS A 87 -4.21 19.40 3.99
CA LYS A 87 -4.49 19.10 5.40
C LYS A 87 -5.92 18.62 5.57
N ARG A 88 -6.11 17.65 6.46
CA ARG A 88 -7.44 17.11 6.73
C ARG A 88 -7.60 16.73 8.20
N ALA A 89 -8.83 16.44 8.60
CA ALA A 89 -9.11 16.07 9.99
C ALA A 89 -8.32 14.82 10.39
N ASP A 90 -7.53 14.95 11.44
CA ASP A 90 -6.72 13.83 11.94
C ASP A 90 -7.15 13.44 13.35
N GLU A 91 -6.75 12.25 13.77
CA GLU A 91 -7.10 11.75 15.10
C GLU A 91 -6.14 12.31 16.15
N VAL A 92 -6.51 13.44 16.75
CA VAL A 92 -5.69 14.07 17.76
C VAL A 92 -5.73 13.30 19.07
N SER A 93 -4.57 12.80 19.50
CA SER A 93 -4.48 12.03 20.73
C SER A 93 -3.65 12.78 21.77
N GLY A 94 -3.54 12.20 22.96
CA GLY A 94 -2.78 12.81 24.03
C GLY A 94 -1.32 12.43 24.00
N PRO A 95 -0.98 11.32 24.67
CA PRO A 95 0.39 10.81 24.74
C PRO A 95 0.87 10.27 23.40
N SER A 96 1.89 10.90 22.83
CA SER A 96 2.43 10.47 21.55
C SER A 96 3.43 9.33 21.73
N SER A 97 3.17 8.21 21.06
CA SER A 97 4.03 7.05 21.16
C SER A 97 4.66 6.71 19.80
N GLY A 98 5.93 7.07 19.64
CA GLY A 98 6.62 6.80 18.39
C GLY A 98 6.28 5.44 17.82
ZN ZN B . -0.48 -0.05 3.02
ZN ZN C . 6.54 9.98 9.45
#